data_8FUV
#
_entry.id   8FUV
#
_cell.length_a   1.00
_cell.length_b   1.00
_cell.length_c   1.00
_cell.angle_alpha   90.00
_cell.angle_beta   90.00
_cell.angle_gamma   90.00
#
_symmetry.space_group_name_H-M   'P 1'
#
loop_
_entity.id
_entity.type
_entity.pdbx_description
1 polymer 'Sheath protein gp31'
2 polymer 'Tail fiber protein gp32'
#
loop_
_entity_poly.entity_id
_entity_poly.type
_entity_poly.pdbx_seq_one_letter_code
_entity_poly.pdbx_strand_id
1 'polypeptide(L)'
;MISQSRYIRIISGVGAAAPVAGRKLILRVMTTNNVIPPGIVIEFDNANAVLSYFGAQSEEYQRAAAYFKFISKSVNSPSS
ISFARWVNTAIAPMVVGDNLPKTIADFAGFSAGVLTIMVGAAEQNITAIDTSAATSMDNVASIIQTEIRKNADPQLAQAT
VTWNQNTNQFTLVGATIGTGVLAVAKSADPQDMSTALGWSTSNVVNVAGQSADLPDAAVAKSTNVSNNFGSFLFAGAPLD
NDQIKAVSAWNAAQNNQFIYTVATSLANLGTLFTLVNGNAGTALNVLSATAANDFVEQCPSEILAATNYDEPGASQNYMY
YQFPGRNITVSDDTVANTVDKSRGNYIGVTQANGQQLAFYQRGILCGGPTDAVDMNVYANEIWLKSAIAQALLDLFLNVN
AVPASSTGEAMTLAVLQPVLDKATANGTFTYGKEISAVQQQYITQVTGDRRAWRQVQTLGYWINITFSSYTNSNTGLTEW
KANYTLIYSKGDAIRFVEGSDVMI
;
F
2 'polypeptide(L)'
;FGSICAFTASRTFPNGFTVTEEFADADPIDSPPFAAADTGAGLNGDMVVWNRANILEVVVNVIPNTEGERNLAVLLDANR
TGKDKSGARDVVGLVVAMPDGSKITCTNGTPIDGVLINAVASVGRLKTKPYRFRFEKVIKAGTS
;
T,A,B,C,D,E
#
# COMPACT_ATOMS: atom_id res chain seq x y z
N MET A 1 35.54 -6.37 -53.99
CA MET A 1 34.76 -5.64 -53.01
C MET A 1 34.20 -6.59 -51.95
N ILE A 2 34.02 -6.07 -50.73
CA ILE A 2 33.47 -6.88 -49.66
C ILE A 2 32.01 -7.22 -49.99
N SER A 3 31.56 -8.38 -49.52
CA SER A 3 30.27 -8.91 -49.95
C SER A 3 29.11 -8.06 -49.44
N GLN A 4 29.37 -7.18 -48.48
CA GLN A 4 28.40 -6.24 -47.92
C GLN A 4 27.39 -6.98 -47.04
N SER A 5 27.43 -8.31 -47.06
CA SER A 5 26.70 -9.08 -46.06
C SER A 5 27.50 -9.22 -44.79
N ARG A 6 28.76 -8.79 -44.81
CA ARG A 6 29.58 -8.79 -43.60
C ARG A 6 29.07 -7.78 -42.59
N TYR A 7 28.41 -6.72 -43.05
CA TYR A 7 27.92 -5.66 -42.20
C TYR A 7 26.41 -5.71 -41.99
N ILE A 8 25.64 -5.76 -43.06
CA ILE A 8 24.18 -5.89 -42.99
C ILE A 8 23.78 -7.13 -43.75
N ARG A 9 23.11 -8.06 -43.07
CA ARG A 9 22.64 -9.30 -43.66
C ARG A 9 21.13 -9.37 -43.54
N ILE A 10 20.44 -9.54 -44.66
CA ILE A 10 18.99 -9.63 -44.69
C ILE A 10 18.61 -10.92 -45.39
N ILE A 11 17.77 -11.72 -44.74
CA ILE A 11 17.25 -12.96 -45.28
C ILE A 11 15.77 -12.76 -45.59
N SER A 12 15.34 -13.25 -46.75
CA SER A 12 13.98 -13.06 -47.23
C SER A 12 13.33 -14.39 -47.57
N GLY A 13 12.07 -14.54 -47.19
CA GLY A 13 11.28 -15.69 -47.60
C GLY A 13 11.12 -16.79 -46.57
N VAL A 14 11.75 -16.69 -45.40
CA VAL A 14 11.64 -17.75 -44.41
C VAL A 14 10.83 -17.26 -43.22
N GLY A 15 11.34 -16.25 -42.52
CA GLY A 15 10.63 -15.66 -41.41
C GLY A 15 10.33 -16.62 -40.27
N ALA A 16 11.32 -17.39 -39.85
CA ALA A 16 11.13 -18.32 -38.75
C ALA A 16 10.88 -17.57 -37.44
N ALA A 17 9.89 -18.05 -36.69
CA ALA A 17 9.51 -17.39 -35.45
C ALA A 17 10.40 -17.85 -34.30
N ALA A 18 10.14 -17.29 -33.12
CA ALA A 18 10.89 -17.69 -31.94
C ALA A 18 10.59 -19.14 -31.61
N PRO A 19 11.61 -19.95 -31.32
CA PRO A 19 11.36 -21.39 -31.08
C PRO A 19 10.49 -21.65 -29.85
N VAL A 20 10.89 -21.15 -28.69
CA VAL A 20 10.22 -21.44 -27.43
C VAL A 20 9.90 -20.13 -26.72
N ALA A 21 8.66 -19.99 -26.26
CA ALA A 21 8.25 -18.84 -25.47
C ALA A 21 7.46 -19.21 -24.22
N GLY A 22 7.13 -20.49 -24.02
CA GLY A 22 6.38 -20.91 -22.85
C GLY A 22 6.48 -22.41 -22.67
N ARG A 23 5.75 -22.91 -21.67
CA ARG A 23 5.72 -24.33 -21.37
C ARG A 23 4.51 -24.97 -22.06
N LYS A 24 4.77 -26.05 -22.80
CA LYS A 24 3.72 -26.76 -23.52
C LYS A 24 3.95 -28.27 -23.40
N LEU A 25 2.87 -28.99 -23.13
CA LEU A 25 2.93 -30.45 -23.15
C LEU A 25 2.89 -30.95 -24.60
N ILE A 26 3.57 -32.06 -24.86
CA ILE A 26 3.70 -32.58 -26.21
C ILE A 26 3.37 -34.06 -26.25
N LEU A 27 3.05 -34.54 -27.44
CA LEU A 27 2.65 -35.92 -27.69
C LEU A 27 3.87 -36.82 -27.80
N ARG A 28 3.75 -38.03 -27.26
CA ARG A 28 4.74 -39.08 -27.40
C ARG A 28 4.10 -40.29 -28.06
N VAL A 29 4.73 -40.80 -29.12
CA VAL A 29 4.21 -41.92 -29.90
C VAL A 29 5.18 -43.08 -29.76
N MET A 30 4.65 -44.25 -29.37
CA MET A 30 5.44 -45.46 -29.25
C MET A 30 5.28 -46.28 -30.52
N THR A 31 6.31 -46.29 -31.36
CA THR A 31 6.27 -46.98 -32.64
C THR A 31 7.22 -48.17 -32.63
N THR A 32 6.92 -49.14 -33.49
CA THR A 32 7.74 -50.33 -33.64
C THR A 32 8.62 -50.28 -34.88
N ASN A 33 8.76 -49.12 -35.50
CA ASN A 33 9.63 -48.98 -36.67
C ASN A 33 11.07 -49.29 -36.30
N ASN A 34 11.74 -50.06 -37.16
CA ASN A 34 13.11 -50.46 -36.88
C ASN A 34 14.11 -49.34 -37.09
N VAL A 35 13.68 -48.21 -37.67
CA VAL A 35 14.59 -47.10 -37.92
C VAL A 35 15.10 -46.53 -36.60
N ILE A 36 14.21 -46.33 -35.64
CA ILE A 36 14.58 -45.70 -34.37
C ILE A 36 15.24 -46.74 -33.47
N PRO A 37 16.44 -46.48 -32.95
CA PRO A 37 17.05 -47.42 -32.01
C PRO A 37 16.25 -47.49 -30.73
N PRO A 38 16.27 -48.64 -30.05
CA PRO A 38 15.42 -48.80 -28.84
C PRO A 38 15.73 -47.85 -27.71
N GLY A 39 16.99 -47.46 -27.54
CA GLY A 39 17.40 -46.78 -26.33
C GLY A 39 17.38 -45.26 -26.35
N ILE A 40 16.80 -44.64 -27.38
CA ILE A 40 16.83 -43.19 -27.49
C ILE A 40 15.43 -42.67 -27.75
N VAL A 41 15.25 -41.37 -27.50
CA VAL A 41 14.02 -40.64 -27.82
C VAL A 41 14.40 -39.47 -28.71
N ILE A 42 13.62 -39.25 -29.77
CA ILE A 42 13.90 -38.23 -30.77
C ILE A 42 12.73 -37.28 -30.84
N GLU A 43 13.02 -35.97 -30.78
CA GLU A 43 12.01 -34.94 -30.82
C GLU A 43 12.12 -34.16 -32.12
N PHE A 44 10.97 -33.94 -32.77
CA PHE A 44 10.91 -33.23 -34.04
C PHE A 44 10.12 -31.93 -33.86
N ASP A 45 10.70 -30.82 -34.33
CA ASP A 45 10.07 -29.52 -34.19
C ASP A 45 9.22 -29.13 -35.39
N ASN A 46 9.25 -29.90 -36.47
CA ASN A 46 8.53 -29.56 -37.69
C ASN A 46 8.17 -30.84 -38.43
N ALA A 47 7.11 -30.75 -39.25
CA ALA A 47 6.64 -31.91 -39.98
C ALA A 47 7.64 -32.35 -41.05
N ASN A 48 8.33 -31.39 -41.67
CA ASN A 48 9.30 -31.71 -42.70
C ASN A 48 10.44 -32.56 -42.14
N ALA A 49 10.82 -32.33 -40.88
CA ALA A 49 11.84 -33.17 -40.27
C ALA A 49 11.38 -34.62 -40.16
N VAL A 50 10.12 -34.83 -39.77
CA VAL A 50 9.57 -36.18 -39.73
C VAL A 50 9.55 -36.79 -41.12
N LEU A 51 9.15 -35.99 -42.13
CA LEU A 51 9.12 -36.49 -43.50
C LEU A 51 10.50 -36.94 -43.96
N SER A 52 11.53 -36.16 -43.65
CA SER A 52 12.88 -36.51 -44.08
C SER A 52 13.40 -37.73 -43.32
N TYR A 53 13.13 -37.80 -42.02
CA TYR A 53 13.70 -38.88 -41.21
C TYR A 53 13.02 -40.22 -41.50
N PHE A 54 11.69 -40.23 -41.59
CA PHE A 54 10.96 -41.49 -41.70
C PHE A 54 10.51 -41.81 -43.13
N GLY A 55 10.29 -40.81 -43.97
CA GLY A 55 9.80 -41.03 -45.31
C GLY A 55 8.32 -40.76 -45.45
N ALA A 56 7.90 -40.54 -46.71
CA ALA A 56 6.52 -40.18 -46.98
C ALA A 56 5.57 -41.35 -46.77
N GLN A 57 6.02 -42.57 -47.05
CA GLN A 57 5.16 -43.74 -46.94
C GLN A 57 4.91 -44.15 -45.49
N SER A 58 5.76 -43.71 -44.56
CA SER A 58 5.64 -44.14 -43.17
C SER A 58 4.39 -43.56 -42.52
N GLU A 59 3.79 -44.35 -41.63
CA GLU A 59 2.63 -43.89 -40.87
C GLU A 59 2.99 -42.76 -39.91
N GLU A 60 4.25 -42.68 -39.49
CA GLU A 60 4.67 -41.61 -38.60
C GLU A 60 4.50 -40.24 -39.24
N TYR A 61 4.85 -40.13 -40.53
CA TYR A 61 4.64 -38.89 -41.24
C TYR A 61 3.15 -38.57 -41.35
N GLN A 62 2.32 -39.59 -41.55
CA GLN A 62 0.88 -39.37 -41.65
C GLN A 62 0.33 -38.83 -40.33
N ARG A 63 0.79 -39.38 -39.21
CA ARG A 63 0.37 -38.85 -37.92
C ARG A 63 0.88 -37.42 -37.72
N ALA A 64 2.13 -37.17 -38.07
CA ALA A 64 2.73 -35.86 -37.81
C ALA A 64 2.08 -34.77 -38.64
N ALA A 65 1.72 -35.08 -39.89
CA ALA A 65 1.09 -34.09 -40.75
C ALA A 65 -0.26 -33.65 -40.18
N ALA A 66 -1.04 -34.60 -39.68
CA ALA A 66 -2.32 -34.26 -39.07
C ALA A 66 -2.12 -33.55 -37.75
N TYR A 67 -1.10 -33.94 -36.98
CA TYR A 67 -0.88 -33.36 -35.66
C TYR A 67 -0.43 -31.91 -35.75
N PHE A 68 0.52 -31.62 -36.65
CA PHE A 68 1.01 -30.26 -36.78
C PHE A 68 -0.01 -29.35 -37.43
N LYS A 69 -0.90 -29.90 -38.24
CA LYS A 69 -1.94 -29.13 -38.92
C LYS A 69 -3.20 -29.07 -38.05
N PHE A 70 -3.17 -28.16 -37.07
CA PHE A 70 -4.29 -27.97 -36.16
C PHE A 70 -4.25 -26.56 -35.62
N ILE A 71 -5.41 -25.89 -35.63
CA ILE A 71 -5.55 -24.54 -35.10
C ILE A 71 -6.64 -24.58 -34.04
N SER A 72 -6.32 -24.12 -32.84
CA SER A 72 -7.27 -24.14 -31.73
C SER A 72 -8.24 -22.96 -31.85
N LYS A 73 -9.09 -22.81 -30.83
CA LYS A 73 -9.99 -21.66 -30.80
C LYS A 73 -9.22 -20.35 -30.77
N SER A 74 -8.18 -20.29 -29.94
CA SER A 74 -7.14 -19.28 -30.12
C SER A 74 -6.15 -19.80 -31.16
N VAL A 75 -5.47 -18.86 -31.83
CA VAL A 75 -4.60 -19.25 -32.92
C VAL A 75 -3.28 -19.79 -32.37
N ASN A 76 -3.23 -21.10 -32.17
CA ASN A 76 -2.06 -21.78 -31.62
C ASN A 76 -1.86 -23.11 -32.32
N SER A 77 -0.63 -23.60 -32.29
CA SER A 77 -0.25 -24.86 -32.92
C SER A 77 0.65 -25.63 -31.96
N PRO A 78 0.68 -26.96 -32.09
CA PRO A 78 1.50 -27.75 -31.15
C PRO A 78 2.98 -27.42 -31.16
N SER A 79 3.62 -27.42 -32.32
CA SER A 79 5.00 -27.03 -32.56
C SER A 79 6.04 -28.00 -31.99
N SER A 80 5.66 -29.20 -31.57
CA SER A 80 6.64 -30.19 -31.12
C SER A 80 6.03 -31.59 -31.00
N ILE A 81 6.84 -32.62 -31.26
CA ILE A 81 6.41 -34.01 -31.15
C ILE A 81 7.64 -34.86 -30.90
N SER A 82 7.42 -36.02 -30.26
CA SER A 82 8.50 -36.92 -29.92
C SER A 82 8.10 -38.35 -30.25
N PHE A 83 9.11 -39.19 -30.49
CA PHE A 83 8.90 -40.60 -30.84
C PHE A 83 9.76 -41.48 -29.96
N ALA A 84 9.24 -42.68 -29.67
CA ALA A 84 9.94 -43.68 -28.90
C ALA A 84 9.76 -45.03 -29.57
N ARG A 85 10.62 -45.98 -29.21
CA ARG A 85 10.64 -47.29 -29.84
C ARG A 85 10.12 -48.35 -28.88
N TRP A 86 9.23 -49.21 -29.38
CA TRP A 86 8.74 -50.36 -28.65
C TRP A 86 9.31 -51.62 -29.29
N VAL A 87 9.94 -52.46 -28.48
CA VAL A 87 10.54 -53.69 -28.97
C VAL A 87 9.49 -54.78 -28.99
N ASN A 88 8.76 -54.91 -30.11
CA ASN A 88 7.66 -55.86 -30.19
C ASN A 88 8.16 -57.30 -30.18
N THR A 89 9.23 -57.58 -30.91
CA THR A 89 9.78 -58.92 -31.04
C THR A 89 11.23 -58.94 -30.58
N ALA A 90 11.79 -60.14 -30.50
CA ALA A 90 13.19 -60.30 -30.11
C ALA A 90 14.09 -59.63 -31.14
N ILE A 91 15.18 -59.02 -30.65
CA ILE A 91 16.08 -58.25 -31.48
C ILE A 91 17.51 -58.70 -31.25
N ALA A 92 18.26 -58.80 -32.35
CA ALA A 92 19.69 -59.10 -32.29
C ALA A 92 20.47 -57.84 -31.92
N PRO A 93 21.65 -57.99 -31.33
CA PRO A 93 22.47 -56.81 -31.02
C PRO A 93 22.84 -56.03 -32.27
N MET A 94 22.80 -54.70 -32.14
CA MET A 94 23.06 -53.79 -33.25
C MET A 94 23.97 -52.67 -32.77
N VAL A 95 24.67 -52.06 -33.73
CA VAL A 95 25.51 -50.89 -33.48
C VAL A 95 25.19 -49.84 -34.52
N VAL A 96 24.54 -48.75 -34.09
CA VAL A 96 24.26 -47.63 -34.97
C VAL A 96 24.20 -46.32 -34.18
N GLY A 97 25.01 -45.35 -34.58
CA GLY A 97 24.99 -44.04 -33.97
C GLY A 97 25.33 -42.93 -34.94
N ASP A 98 25.16 -43.22 -36.24
CA ASP A 98 25.76 -42.42 -37.30
C ASP A 98 24.74 -41.44 -37.86
N ASN A 99 24.83 -40.18 -37.44
CA ASN A 99 23.95 -39.14 -37.95
C ASN A 99 24.66 -38.15 -38.86
N LEU A 100 26.00 -38.17 -38.90
CA LEU A 100 26.73 -37.22 -39.71
C LEU A 100 26.56 -37.52 -41.19
N PRO A 101 26.27 -36.51 -42.02
CA PRO A 101 26.16 -36.73 -43.48
C PRO A 101 27.51 -36.97 -44.14
N LYS A 102 28.10 -38.12 -43.82
CA LYS A 102 29.40 -38.51 -44.34
C LYS A 102 29.30 -39.28 -45.65
N THR A 103 28.09 -39.56 -46.13
CA THR A 103 27.89 -40.42 -47.30
C THR A 103 28.04 -39.62 -48.60
N ILE A 104 29.15 -38.90 -48.69
CA ILE A 104 29.49 -38.16 -49.88
C ILE A 104 30.41 -38.99 -50.79
N ALA A 105 30.47 -40.30 -50.54
CA ALA A 105 31.30 -41.26 -51.27
C ALA A 105 32.80 -40.99 -51.11
N ASP A 106 33.20 -40.33 -50.03
CA ASP A 106 34.61 -40.09 -49.77
C ASP A 106 35.25 -41.28 -49.07
N PHE A 107 35.05 -42.48 -49.63
CA PHE A 107 35.61 -43.70 -49.06
C PHE A 107 36.76 -44.26 -49.88
N ALA A 108 36.96 -43.77 -51.10
CA ALA A 108 38.12 -44.17 -51.89
C ALA A 108 39.40 -43.67 -51.24
N GLY A 109 40.47 -44.43 -51.42
CA GLY A 109 41.74 -44.14 -50.79
C GLY A 109 41.97 -44.80 -49.46
N PHE A 110 40.94 -45.43 -48.90
CA PHE A 110 41.06 -46.20 -47.66
C PHE A 110 41.17 -47.70 -47.91
N SER A 111 41.37 -48.11 -49.17
CA SER A 111 41.40 -49.53 -49.49
C SER A 111 42.60 -50.23 -48.86
N ALA A 112 43.75 -49.58 -48.85
CA ALA A 112 44.98 -50.24 -48.40
C ALA A 112 44.98 -50.45 -46.90
N GLY A 113 45.34 -51.67 -46.48
CA GLY A 113 45.59 -51.99 -45.10
C GLY A 113 44.50 -51.66 -44.10
N VAL A 114 43.29 -52.15 -44.34
CA VAL A 114 42.20 -51.92 -43.40
C VAL A 114 42.32 -52.90 -42.24
N LEU A 115 42.35 -52.35 -41.01
CA LEU A 115 42.39 -53.16 -39.80
C LEU A 115 41.38 -52.58 -38.81
N THR A 116 40.14 -53.07 -38.89
CA THR A 116 39.11 -52.64 -37.96
C THR A 116 39.05 -53.60 -36.77
N ILE A 117 39.07 -53.02 -35.57
CA ILE A 117 39.07 -53.80 -34.33
C ILE A 117 37.65 -53.76 -33.75
N MET A 118 37.13 -54.93 -33.39
CA MET A 118 35.81 -55.07 -32.80
C MET A 118 35.97 -55.64 -31.40
N VAL A 119 35.46 -54.92 -30.40
CA VAL A 119 35.54 -55.36 -29.02
C VAL A 119 34.23 -56.03 -28.62
N GLY A 120 34.13 -57.34 -28.88
CA GLY A 120 32.98 -58.09 -28.40
C GLY A 120 33.25 -58.76 -27.07
N ALA A 121 32.61 -59.91 -26.88
CA ALA A 121 32.94 -60.76 -25.75
C ALA A 121 34.39 -61.22 -25.87
N ALA A 122 34.77 -61.64 -27.07
CA ALA A 122 36.16 -61.94 -27.41
C ALA A 122 36.56 -61.10 -28.61
N GLU A 123 37.65 -60.36 -28.50
CA GLU A 123 38.04 -59.43 -29.55
C GLU A 123 38.54 -60.18 -30.78
N GLN A 124 38.16 -59.66 -31.95
CA GLN A 124 38.60 -60.22 -33.22
C GLN A 124 38.71 -59.09 -34.23
N ASN A 125 39.52 -59.30 -35.27
CA ASN A 125 39.85 -58.24 -36.21
C ASN A 125 39.46 -58.63 -37.63
N ILE A 126 39.58 -57.66 -38.53
CA ILE A 126 39.25 -57.82 -39.95
C ILE A 126 40.47 -57.45 -40.78
N THR A 127 40.70 -58.21 -41.84
CA THR A 127 41.82 -57.97 -42.73
C THR A 127 41.54 -56.75 -43.61
N ALA A 128 42.46 -56.51 -44.55
CA ALA A 128 42.32 -55.37 -45.45
C ALA A 128 41.08 -55.50 -46.32
N ILE A 129 40.34 -54.40 -46.44
CA ILE A 129 39.10 -54.35 -47.20
C ILE A 129 39.31 -53.36 -48.34
N ASP A 130 39.01 -53.78 -49.56
CA ASP A 130 39.24 -52.96 -50.74
C ASP A 130 37.93 -52.28 -51.13
N THR A 131 37.87 -50.96 -50.91
CA THR A 131 36.75 -50.13 -51.33
C THR A 131 37.17 -49.07 -52.34
N SER A 132 38.22 -49.35 -53.12
CA SER A 132 38.75 -48.36 -54.05
C SER A 132 37.74 -48.03 -55.15
N ALA A 133 37.00 -49.04 -55.62
CA ALA A 133 36.04 -48.80 -56.70
C ALA A 133 34.96 -47.81 -56.27
N ALA A 134 34.32 -48.07 -55.13
CA ALA A 134 33.31 -47.19 -54.55
C ALA A 134 32.25 -46.80 -55.59
N THR A 135 31.70 -47.83 -56.24
CA THR A 135 30.66 -47.59 -57.24
C THR A 135 29.42 -46.98 -56.62
N SER A 136 29.03 -47.48 -55.45
CA SER A 136 27.90 -46.93 -54.71
C SER A 136 28.06 -47.31 -53.25
N MET A 137 27.35 -46.58 -52.38
CA MET A 137 27.41 -46.85 -50.95
C MET A 137 26.86 -48.24 -50.63
N ASP A 138 25.89 -48.70 -51.41
CA ASP A 138 25.39 -50.07 -51.22
C ASP A 138 26.47 -51.09 -51.53
N ASN A 139 27.26 -50.86 -52.58
CA ASN A 139 28.35 -51.77 -52.91
C ASN A 139 29.43 -51.74 -51.83
N VAL A 140 29.73 -50.55 -51.28
CA VAL A 140 30.69 -50.46 -50.19
C VAL A 140 30.19 -51.23 -48.98
N ALA A 141 28.90 -51.10 -48.66
CA ALA A 141 28.32 -51.86 -47.56
C ALA A 141 28.40 -53.36 -47.82
N SER A 142 28.18 -53.79 -49.05
CA SER A 142 28.29 -55.20 -49.39
C SER A 142 29.72 -55.71 -49.22
N ILE A 143 30.70 -54.91 -49.65
CA ILE A 143 32.10 -55.31 -49.50
C ILE A 143 32.47 -55.41 -48.03
N ILE A 144 32.00 -54.45 -47.22
CA ILE A 144 32.23 -54.53 -45.77
C ILE A 144 31.56 -55.79 -45.20
N GLN A 145 30.34 -56.07 -45.64
CA GLN A 145 29.61 -57.23 -45.13
C GLN A 145 30.35 -58.52 -45.43
N THR A 146 30.91 -58.64 -46.64
CA THR A 146 31.64 -59.86 -46.99
C THR A 146 32.84 -60.08 -46.08
N GLU A 147 33.61 -59.01 -45.83
CA GLU A 147 34.76 -59.12 -44.93
C GLU A 147 34.32 -59.36 -43.49
N ILE A 148 33.09 -59.01 -43.14
CA ILE A 148 32.55 -59.45 -41.86
C ILE A 148 32.25 -60.95 -41.90
N ARG A 149 31.67 -61.43 -43.00
CA ARG A 149 31.35 -62.85 -43.15
C ARG A 149 32.60 -63.72 -43.15
N LYS A 150 33.77 -63.16 -43.50
CA LYS A 150 34.97 -63.98 -43.54
C LYS A 150 35.30 -64.57 -42.17
N ASN A 151 34.86 -63.91 -41.10
CA ASN A 151 35.15 -64.39 -39.76
C ASN A 151 34.31 -65.61 -39.43
N ALA A 152 34.85 -66.49 -38.58
CA ALA A 152 34.15 -67.68 -38.13
C ALA A 152 33.37 -67.45 -36.83
N ASP A 153 33.41 -66.24 -36.29
CA ASP A 153 32.70 -65.92 -35.05
C ASP A 153 31.20 -66.06 -35.26
N PRO A 154 30.48 -66.67 -34.31
CA PRO A 154 29.03 -66.85 -34.52
C PRO A 154 28.27 -65.56 -34.76
N GLN A 155 28.63 -64.48 -34.08
CA GLN A 155 27.98 -63.19 -34.32
C GLN A 155 28.29 -62.67 -35.72
N LEU A 156 29.54 -62.81 -36.16
CA LEU A 156 29.97 -62.29 -37.45
C LEU A 156 29.84 -63.29 -38.59
N ALA A 157 29.45 -64.54 -38.30
CA ALA A 157 29.32 -65.52 -39.37
C ALA A 157 28.19 -65.16 -40.33
N GLN A 158 27.04 -64.73 -39.81
CA GLN A 158 25.92 -64.32 -40.64
C GLN A 158 25.48 -62.89 -40.32
N ALA A 159 26.42 -62.03 -39.95
CA ALA A 159 26.11 -60.63 -39.74
C ALA A 159 25.76 -59.96 -41.07
N THR A 160 24.90 -58.93 -40.99
CA THR A 160 24.46 -58.20 -42.17
C THR A 160 24.69 -56.71 -41.98
N VAL A 161 25.01 -56.03 -43.08
CA VAL A 161 25.25 -54.59 -43.08
C VAL A 161 24.28 -53.96 -44.07
N THR A 162 23.55 -52.93 -43.63
CA THR A 162 22.55 -52.26 -44.44
C THR A 162 22.84 -50.78 -44.48
N TRP A 163 22.09 -50.07 -45.31
CA TRP A 163 22.23 -48.62 -45.45
C TRP A 163 20.87 -48.00 -45.72
N ASN A 164 20.65 -46.81 -45.16
CA ASN A 164 19.40 -46.08 -45.32
C ASN A 164 19.69 -44.75 -45.98
N GLN A 165 18.95 -44.45 -47.06
CA GLN A 165 19.24 -43.24 -47.85
C GLN A 165 18.78 -41.97 -47.14
N ASN A 166 17.58 -41.98 -46.55
CA ASN A 166 17.01 -40.75 -46.01
C ASN A 166 17.86 -40.22 -44.86
N THR A 167 18.27 -41.10 -43.96
CA THR A 167 19.23 -40.74 -42.92
C THR A 167 20.63 -41.11 -43.40
N ASN A 168 21.61 -41.08 -42.50
CA ASN A 168 23.00 -41.35 -42.85
C ASN A 168 23.62 -42.34 -41.87
N GLN A 169 22.90 -43.43 -41.62
CA GLN A 169 23.26 -44.40 -40.59
C GLN A 169 23.77 -45.69 -41.22
N PHE A 170 24.91 -46.18 -40.73
CA PHE A 170 25.41 -47.50 -41.09
C PHE A 170 25.09 -48.48 -39.97
N THR A 171 24.39 -49.56 -40.33
CA THR A 171 23.84 -50.49 -39.35
C THR A 171 24.40 -51.88 -39.57
N LEU A 172 24.70 -52.56 -38.46
CA LEU A 172 25.11 -53.96 -38.47
C LEU A 172 24.27 -54.71 -37.45
N VAL A 173 23.70 -55.83 -37.87
CA VAL A 173 22.85 -56.64 -37.02
C VAL A 173 23.53 -57.98 -36.80
N GLY A 174 23.65 -58.39 -35.54
CA GLY A 174 24.35 -59.63 -35.23
C GLY A 174 23.59 -60.84 -35.71
N ALA A 175 24.35 -61.91 -35.95
CA ALA A 175 23.75 -63.15 -36.46
C ALA A 175 22.88 -63.83 -35.42
N THR A 176 23.33 -63.86 -34.16
CA THR A 176 22.54 -64.45 -33.09
C THR A 176 21.51 -63.44 -32.58
N ILE A 177 20.36 -63.97 -32.17
CA ILE A 177 19.24 -63.15 -31.70
C ILE A 177 18.88 -63.60 -30.29
N GLY A 178 18.58 -62.63 -29.43
CA GLY A 178 18.16 -62.93 -28.08
C GLY A 178 19.14 -62.47 -27.01
N THR A 179 20.43 -62.63 -27.28
CA THR A 179 21.46 -62.28 -26.31
C THR A 179 22.75 -62.00 -27.05
N GLY A 180 23.52 -61.05 -26.53
CA GLY A 180 24.81 -60.69 -27.08
C GLY A 180 25.08 -59.20 -26.94
N VAL A 181 26.37 -58.86 -26.93
CA VAL A 181 26.82 -57.47 -26.87
C VAL A 181 27.91 -57.27 -27.90
N LEU A 182 27.75 -56.26 -28.75
CA LEU A 182 28.72 -55.96 -29.79
C LEU A 182 29.15 -54.50 -29.67
N ALA A 183 30.46 -54.27 -29.81
CA ALA A 183 31.01 -52.93 -29.74
C ALA A 183 32.30 -52.88 -30.54
N VAL A 184 32.70 -51.66 -30.91
CA VAL A 184 33.92 -51.43 -31.67
C VAL A 184 34.73 -50.34 -30.99
N ALA A 185 36.04 -50.37 -31.19
CA ALA A 185 36.95 -49.39 -30.63
C ALA A 185 37.72 -48.72 -31.76
N LYS A 186 38.21 -47.50 -31.49
CA LYS A 186 38.95 -46.73 -32.48
C LYS A 186 40.43 -47.12 -32.41
N SER A 187 40.97 -47.56 -33.54
CA SER A 187 42.36 -48.00 -33.61
C SER A 187 43.26 -46.84 -34.02
N ALA A 188 44.56 -47.04 -33.87
CA ALA A 188 45.56 -46.05 -34.28
C ALA A 188 46.04 -46.25 -35.70
N ASP A 189 45.52 -47.25 -36.40
CA ASP A 189 45.91 -47.46 -37.79
C ASP A 189 45.36 -46.32 -38.65
N PRO A 190 46.19 -45.67 -39.47
CA PRO A 190 45.69 -44.57 -40.29
C PRO A 190 44.58 -44.98 -41.25
N GLN A 191 44.66 -46.20 -41.79
CA GLN A 191 43.65 -46.68 -42.74
C GLN A 191 42.62 -47.56 -42.04
N ASP A 192 41.86 -46.93 -41.15
CA ASP A 192 40.88 -47.63 -40.31
C ASP A 192 39.49 -47.11 -40.63
N MET A 193 38.49 -48.00 -40.57
CA MET A 193 37.12 -47.59 -40.84
C MET A 193 36.47 -46.98 -39.60
N SER A 194 37.17 -46.95 -38.48
CA SER A 194 36.62 -46.34 -37.27
C SER A 194 36.30 -44.87 -37.51
N THR A 195 37.18 -44.17 -38.22
CA THR A 195 36.89 -42.79 -38.59
C THR A 195 36.17 -42.73 -39.93
N ALA A 196 36.55 -43.59 -40.88
CA ALA A 196 35.91 -43.60 -42.19
C ALA A 196 34.42 -43.92 -42.07
N LEU A 197 34.10 -45.01 -41.38
CA LEU A 197 32.71 -45.28 -41.03
C LEU A 197 32.38 -44.54 -39.73
N GLY A 198 31.09 -44.42 -39.45
CA GLY A 198 30.66 -43.57 -38.35
C GLY A 198 30.97 -44.13 -36.98
N TRP A 199 31.16 -45.44 -36.89
CA TRP A 199 31.25 -46.10 -35.59
C TRP A 199 32.44 -45.59 -34.79
N SER A 200 32.32 -45.65 -33.46
CA SER A 200 33.36 -45.32 -32.49
C SER A 200 33.73 -43.84 -32.47
N THR A 201 32.92 -42.98 -33.08
CA THR A 201 33.18 -41.54 -33.09
C THR A 201 32.00 -40.82 -32.47
N SER A 202 32.26 -40.03 -31.44
CA SER A 202 31.27 -39.21 -30.73
C SER A 202 30.13 -40.12 -30.29
N ASN A 203 28.87 -39.76 -30.57
CA ASN A 203 27.74 -40.55 -30.10
C ASN A 203 27.53 -41.78 -30.97
N VAL A 204 27.59 -42.95 -30.34
CA VAL A 204 27.22 -44.21 -30.97
C VAL A 204 26.35 -44.98 -30.00
N VAL A 205 25.24 -45.52 -30.50
CA VAL A 205 24.27 -46.23 -29.69
C VAL A 205 24.55 -47.71 -29.79
N ASN A 206 24.77 -48.36 -28.64
CA ASN A 206 25.00 -49.79 -28.57
C ASN A 206 23.79 -50.45 -27.90
N VAL A 207 23.17 -51.39 -28.60
CA VAL A 207 22.00 -52.10 -28.09
C VAL A 207 22.34 -53.58 -27.99
N ALA A 208 22.10 -54.16 -26.81
CA ALA A 208 22.39 -55.58 -26.61
C ALA A 208 21.21 -56.44 -27.03
N GLY A 209 21.45 -57.75 -27.09
CA GLY A 209 20.37 -58.67 -27.39
C GLY A 209 19.27 -58.58 -26.34
N GLN A 210 18.03 -58.46 -26.82
CA GLN A 210 16.90 -58.22 -25.94
C GLN A 210 15.74 -59.12 -26.34
N SER A 211 15.03 -59.62 -25.33
CA SER A 211 13.79 -60.33 -25.57
C SER A 211 12.63 -59.35 -25.70
N ALA A 212 11.53 -59.85 -26.24
CA ALA A 212 10.34 -59.01 -26.38
C ALA A 212 9.78 -58.65 -25.02
N ASP A 213 9.39 -57.39 -24.86
CA ASP A 213 8.89 -56.87 -23.60
C ASP A 213 7.46 -56.37 -23.73
N LEU A 214 6.74 -56.37 -22.62
CA LEU A 214 5.37 -55.91 -22.60
C LEU A 214 5.31 -54.39 -22.78
N PRO A 215 4.21 -53.88 -23.34
CA PRO A 215 4.12 -52.42 -23.53
C PRO A 215 4.20 -51.62 -22.24
N ASP A 216 3.66 -52.15 -21.14
CA ASP A 216 3.72 -51.45 -19.87
C ASP A 216 5.17 -51.27 -19.42
N ALA A 217 5.99 -52.31 -19.58
CA ALA A 217 7.41 -52.16 -19.28
C ALA A 217 8.11 -51.31 -20.34
N ALA A 218 7.61 -51.36 -21.58
CA ALA A 218 8.25 -50.60 -22.65
C ALA A 218 8.14 -49.10 -22.43
N VAL A 219 6.97 -48.63 -22.01
CA VAL A 219 6.78 -47.20 -21.76
C VAL A 219 7.56 -46.71 -20.56
N ALA A 220 7.82 -47.58 -19.57
CA ALA A 220 8.59 -47.19 -18.40
C ALA A 220 10.02 -46.81 -18.78
N LYS A 221 10.66 -47.58 -19.67
CA LYS A 221 12.00 -47.23 -20.10
C LYS A 221 12.02 -45.90 -20.82
N SER A 222 11.03 -45.65 -21.68
CA SER A 222 10.96 -44.38 -22.38
C SER A 222 10.79 -43.22 -21.41
N THR A 223 9.94 -43.39 -20.39
CA THR A 223 9.79 -42.34 -19.39
C THR A 223 11.09 -42.13 -18.62
N ASN A 224 11.83 -43.20 -18.34
CA ASN A 224 13.11 -43.07 -17.66
C ASN A 224 14.10 -42.29 -18.51
N VAL A 225 14.10 -42.52 -19.82
CA VAL A 225 15.00 -41.76 -20.71
C VAL A 225 14.62 -40.28 -20.69
N SER A 226 13.33 -39.98 -20.78
CA SER A 226 12.85 -38.61 -20.73
C SER A 226 11.36 -38.61 -20.43
N ASN A 227 10.93 -37.60 -19.67
CA ASN A 227 9.53 -37.46 -19.29
C ASN A 227 8.92 -36.15 -19.73
N ASN A 228 9.50 -35.48 -20.72
CA ASN A 228 9.01 -34.19 -21.20
C ASN A 228 7.92 -34.41 -22.25
N PHE A 229 6.77 -34.89 -21.78
CA PHE A 229 5.65 -35.15 -22.67
C PHE A 229 4.36 -35.20 -21.88
N GLY A 230 3.25 -35.20 -22.61
CA GLY A 230 1.95 -35.45 -22.02
C GLY A 230 1.04 -36.09 -23.04
N SER A 231 0.15 -36.94 -22.55
CA SER A 231 -0.84 -37.63 -23.38
C SER A 231 -0.16 -38.50 -24.45
N PHE A 232 0.46 -39.58 -24.00
CA PHE A 232 1.10 -40.52 -24.91
C PHE A 232 0.06 -41.48 -25.50
N LEU A 233 0.45 -42.16 -26.58
CA LEU A 233 -0.39 -43.16 -27.22
C LEU A 233 0.49 -44.23 -27.87
N PHE A 234 -0.15 -45.30 -28.31
CA PHE A 234 0.52 -46.40 -28.98
C PHE A 234 0.13 -46.41 -30.46
N ALA A 235 1.13 -46.51 -31.33
CA ALA A 235 0.88 -46.53 -32.76
C ALA A 235 0.81 -47.96 -33.28
N GLY A 236 0.50 -48.08 -34.57
CA GLY A 236 0.41 -49.39 -35.20
C GLY A 236 -0.95 -50.04 -34.99
N ALA A 237 -0.93 -51.38 -35.00
CA ALA A 237 -2.14 -52.15 -34.80
C ALA A 237 -2.66 -51.97 -33.37
N PRO A 238 -3.97 -52.03 -33.17
CA PRO A 238 -4.52 -51.87 -31.82
C PRO A 238 -4.04 -52.98 -30.89
N LEU A 239 -3.86 -52.61 -29.62
CA LEU A 239 -3.38 -53.54 -28.62
C LEU A 239 -4.52 -54.42 -28.09
N ASP A 240 -4.13 -55.49 -27.41
CA ASP A 240 -5.11 -56.37 -26.79
C ASP A 240 -5.69 -55.72 -25.54
N ASN A 241 -6.83 -56.25 -25.09
CA ASN A 241 -7.50 -55.68 -23.92
C ASN A 241 -6.65 -55.79 -22.67
N ASP A 242 -5.98 -56.93 -22.46
CA ASP A 242 -5.15 -57.08 -21.28
C ASP A 242 -3.96 -56.12 -21.30
N GLN A 243 -3.34 -55.94 -22.46
CA GLN A 243 -2.23 -54.99 -22.56
C GLN A 243 -2.72 -53.57 -22.28
N ILE A 244 -3.88 -53.21 -22.81
CA ILE A 244 -4.43 -51.88 -22.55
C ILE A 244 -4.71 -51.69 -21.06
N LYS A 245 -5.27 -52.71 -20.42
CA LYS A 245 -5.54 -52.62 -18.99
C LYS A 245 -4.25 -52.48 -18.19
N ALA A 246 -3.21 -53.21 -18.57
CA ALA A 246 -1.93 -53.10 -17.87
C ALA A 246 -1.33 -51.72 -18.02
N VAL A 247 -1.36 -51.16 -19.23
CA VAL A 247 -0.83 -49.82 -19.43
C VAL A 247 -1.66 -48.79 -18.66
N SER A 248 -2.98 -48.98 -18.62
CA SER A 248 -3.83 -48.08 -17.86
C SER A 248 -3.51 -48.12 -16.37
N ALA A 249 -3.28 -49.34 -15.84
CA ALA A 249 -2.90 -49.47 -14.43
C ALA A 249 -1.56 -48.81 -14.16
N TRP A 250 -0.59 -48.98 -15.08
CA TRP A 250 0.70 -48.33 -14.89
C TRP A 250 0.57 -46.82 -14.89
N ASN A 251 -0.27 -46.28 -15.79
CA ASN A 251 -0.50 -44.84 -15.80
C ASN A 251 -1.16 -44.37 -14.52
N ALA A 252 -2.13 -45.14 -14.01
CA ALA A 252 -2.78 -44.79 -12.76
C ALA A 252 -1.83 -44.87 -11.58
N ALA A 253 -0.77 -45.68 -11.71
CA ALA A 253 0.25 -45.74 -10.66
C ALA A 253 0.92 -44.37 -10.49
N GLN A 254 1.28 -43.73 -11.60
CA GLN A 254 1.67 -42.34 -11.54
C GLN A 254 0.48 -41.48 -11.17
N ASN A 255 0.73 -40.41 -10.42
CA ASN A 255 -0.33 -39.58 -9.87
C ASN A 255 -0.48 -38.34 -10.73
N ASN A 256 -1.44 -38.36 -11.65
CA ASN A 256 -1.84 -37.17 -12.41
C ASN A 256 -0.67 -36.56 -13.17
N GLN A 257 0.04 -37.39 -13.94
CA GLN A 257 1.20 -36.92 -14.68
C GLN A 257 1.04 -37.01 -16.19
N PHE A 258 0.38 -38.04 -16.70
CA PHE A 258 0.17 -38.19 -18.13
C PHE A 258 -1.26 -38.65 -18.41
N ILE A 259 -1.65 -38.56 -19.67
CA ILE A 259 -2.94 -39.04 -20.16
C ILE A 259 -2.68 -40.18 -21.13
N TYR A 260 -3.49 -41.23 -21.04
CA TYR A 260 -3.41 -42.36 -21.96
C TYR A 260 -4.62 -42.32 -22.87
N THR A 261 -4.37 -42.19 -24.17
CA THR A 261 -5.43 -42.13 -25.17
C THR A 261 -5.39 -43.40 -26.01
N VAL A 262 -6.52 -44.10 -26.07
CA VAL A 262 -6.63 -45.34 -26.82
C VAL A 262 -7.88 -45.28 -27.70
N ALA A 263 -7.77 -45.90 -28.87
CA ALA A 263 -8.86 -45.94 -29.84
C ALA A 263 -9.49 -47.33 -29.84
N THR A 264 -10.82 -47.37 -29.77
CA THR A 264 -11.55 -48.62 -29.70
C THR A 264 -12.79 -48.54 -30.58
N SER A 265 -13.30 -49.70 -30.96
CA SER A 265 -14.50 -49.78 -31.78
C SER A 265 -15.75 -49.73 -30.90
N LEU A 266 -16.91 -49.65 -31.56
CA LEU A 266 -18.17 -49.67 -30.83
C LEU A 266 -18.39 -50.99 -30.11
N ALA A 267 -18.04 -52.10 -30.77
CA ALA A 267 -18.25 -53.42 -30.16
C ALA A 267 -17.40 -53.58 -28.91
N ASN A 268 -16.15 -53.13 -28.96
CA ASN A 268 -15.23 -53.31 -27.84
C ASN A 268 -15.36 -52.22 -26.78
N LEU A 269 -16.13 -51.15 -27.04
CA LEU A 269 -16.23 -50.07 -26.08
C LEU A 269 -16.86 -50.52 -24.78
N GLY A 270 -17.92 -51.32 -24.86
CA GLY A 270 -18.58 -51.78 -23.65
C GLY A 270 -17.71 -52.71 -22.82
N THR A 271 -16.90 -53.53 -23.48
CA THR A 271 -16.05 -54.48 -22.76
C THR A 271 -14.90 -53.78 -22.07
N LEU A 272 -14.27 -52.81 -22.74
CA LEU A 272 -13.13 -52.13 -22.14
C LEU A 272 -13.52 -51.35 -20.90
N PHE A 273 -14.69 -50.70 -20.92
CA PHE A 273 -15.09 -49.86 -19.80
C PHE A 273 -15.14 -50.65 -18.51
N THR A 274 -15.53 -51.92 -18.57
CA THR A 274 -15.54 -52.75 -17.37
C THR A 274 -14.13 -52.97 -16.84
N LEU A 275 -13.17 -53.25 -17.73
CA LEU A 275 -11.81 -53.51 -17.29
C LEU A 275 -11.11 -52.25 -16.83
N VAL A 276 -11.24 -51.16 -17.58
CA VAL A 276 -10.53 -49.92 -17.28
C VAL A 276 -11.38 -48.97 -16.43
N ASN A 277 -12.46 -49.46 -15.84
CA ASN A 277 -13.21 -48.64 -14.89
C ASN A 277 -12.30 -48.21 -13.76
N GLY A 278 -12.43 -46.95 -13.34
CA GLY A 278 -11.40 -46.36 -12.52
C GLY A 278 -10.18 -46.06 -13.36
N ASN A 279 -9.00 -46.18 -12.78
CA ASN A 279 -7.75 -45.98 -13.51
C ASN A 279 -7.71 -44.63 -14.19
N ALA A 280 -7.71 -43.57 -13.38
CA ALA A 280 -7.78 -42.21 -13.90
C ALA A 280 -6.61 -41.93 -14.84
N GLY A 281 -6.87 -41.08 -15.85
CA GLY A 281 -5.89 -40.75 -16.85
C GLY A 281 -6.03 -41.47 -18.17
N THR A 282 -7.09 -42.26 -18.35
CA THR A 282 -7.31 -43.02 -19.57
C THR A 282 -8.48 -42.42 -20.34
N ALA A 283 -8.28 -42.19 -21.63
CA ALA A 283 -9.31 -41.65 -22.50
C ALA A 283 -9.66 -42.68 -23.58
N LEU A 284 -10.95 -42.83 -23.82
CA LEU A 284 -11.47 -43.77 -24.82
C LEU A 284 -12.09 -43.00 -25.97
N ASN A 285 -11.63 -43.29 -27.18
CA ASN A 285 -12.12 -42.62 -28.38
C ASN A 285 -12.62 -43.67 -29.36
N VAL A 286 -13.82 -43.47 -29.88
CA VAL A 286 -14.46 -44.48 -30.72
C VAL A 286 -13.89 -44.41 -32.13
N LEU A 287 -13.64 -45.59 -32.71
CA LEU A 287 -13.09 -45.72 -34.06
C LEU A 287 -14.18 -46.13 -35.03
N SER A 288 -14.15 -45.51 -36.21
CA SER A 288 -15.11 -45.87 -37.26
C SER A 288 -14.61 -47.09 -38.02
N ALA A 289 -15.50 -48.06 -38.20
CA ALA A 289 -15.18 -49.31 -38.87
C ALA A 289 -15.45 -49.28 -40.37
N THR A 290 -15.95 -48.16 -40.90
CA THR A 290 -16.32 -48.07 -42.30
C THR A 290 -15.46 -47.09 -43.09
N ALA A 291 -14.34 -46.64 -42.53
CA ALA A 291 -13.49 -45.66 -43.21
C ALA A 291 -12.04 -45.88 -42.77
N ALA A 292 -11.19 -44.91 -43.07
CA ALA A 292 -9.79 -44.99 -42.71
C ALA A 292 -9.60 -44.79 -41.22
N ASN A 293 -8.34 -44.82 -40.78
CA ASN A 293 -8.05 -44.70 -39.35
C ASN A 293 -8.45 -43.33 -38.81
N ASP A 294 -7.99 -42.27 -39.47
CA ASP A 294 -8.25 -40.86 -39.18
C ASP A 294 -7.56 -40.39 -37.90
N PHE A 295 -6.94 -41.29 -37.13
CA PHE A 295 -6.18 -40.93 -35.94
C PHE A 295 -7.04 -40.11 -34.96
N VAL A 296 -8.19 -40.69 -34.59
CA VAL A 296 -9.10 -40.00 -33.67
C VAL A 296 -8.47 -39.89 -32.29
N GLU A 297 -7.60 -40.83 -31.93
CA GLU A 297 -7.01 -40.84 -30.60
C GLU A 297 -6.16 -39.60 -30.35
N GLN A 298 -5.72 -38.93 -31.41
CA GLN A 298 -4.88 -37.74 -31.26
C GLN A 298 -5.69 -36.49 -30.95
N CYS A 299 -7.02 -36.57 -30.93
CA CYS A 299 -7.83 -35.37 -30.75
C CYS A 299 -7.57 -34.67 -29.42
N PRO A 300 -7.59 -35.32 -28.26
CA PRO A 300 -7.27 -34.59 -27.03
C PRO A 300 -5.80 -34.18 -26.95
N SER A 301 -4.91 -34.95 -27.56
CA SER A 301 -3.49 -34.64 -27.50
C SER A 301 -3.19 -33.31 -28.19
N GLU A 302 -3.82 -33.06 -29.33
CA GLU A 302 -3.60 -31.80 -30.03
C GLU A 302 -4.09 -30.62 -29.22
N ILE A 303 -5.27 -30.76 -28.60
CA ILE A 303 -5.81 -29.68 -27.77
C ILE A 303 -4.89 -29.41 -26.59
N LEU A 304 -4.38 -30.48 -25.97
CA LEU A 304 -3.44 -30.30 -24.87
C LEU A 304 -2.16 -29.60 -25.32
N ALA A 305 -1.64 -29.99 -26.48
CA ALA A 305 -0.36 -29.45 -26.95
C ALA A 305 -0.50 -28.00 -27.39
N ALA A 306 -1.69 -27.61 -27.84
CA ALA A 306 -1.86 -26.23 -28.30
C ALA A 306 -1.87 -25.23 -27.16
N THR A 307 -2.18 -25.66 -25.94
CA THR A 307 -2.31 -24.75 -24.83
C THR A 307 -0.96 -24.18 -24.41
N ASN A 308 -0.93 -22.88 -24.12
CA ASN A 308 0.24 -22.21 -23.57
C ASN A 308 -0.14 -21.69 -22.19
N TYR A 309 0.44 -22.28 -21.15
CA TYR A 309 0.04 -21.95 -19.79
C TYR A 309 0.68 -20.67 -19.26
N ASP A 310 1.62 -20.07 -20.00
CA ASP A 310 2.17 -18.79 -19.56
C ASP A 310 1.22 -17.64 -19.86
N GLU A 311 0.38 -17.78 -20.89
CA GLU A 311 -0.54 -16.72 -21.27
C GLU A 311 -1.83 -16.78 -20.44
N PRO A 312 -2.46 -15.64 -20.19
CA PRO A 312 -3.75 -15.65 -19.51
C PRO A 312 -4.84 -16.26 -20.37
N GLY A 313 -5.84 -16.82 -19.70
CA GLY A 313 -6.93 -17.48 -20.41
C GLY A 313 -6.55 -18.80 -21.03
N ALA A 314 -5.52 -19.47 -20.51
CA ALA A 314 -5.08 -20.74 -21.09
C ALA A 314 -6.13 -21.82 -20.94
N SER A 315 -6.78 -21.90 -19.77
CA SER A 315 -7.73 -22.96 -19.50
C SER A 315 -8.91 -22.89 -20.46
N GLN A 316 -9.34 -24.05 -20.95
CA GLN A 316 -10.38 -24.13 -21.96
C GLN A 316 -11.09 -25.47 -21.86
N ASN A 317 -12.30 -25.52 -22.42
CA ASN A 317 -13.11 -26.73 -22.41
C ASN A 317 -12.82 -27.57 -23.66
N TYR A 318 -13.17 -28.85 -23.58
CA TYR A 318 -12.83 -29.81 -24.63
C TYR A 318 -14.06 -30.32 -25.40
N MET A 319 -15.24 -29.76 -25.15
CA MET A 319 -16.48 -30.36 -25.62
C MET A 319 -16.95 -29.80 -26.95
N TYR A 320 -16.25 -28.82 -27.53
CA TYR A 320 -16.61 -28.27 -28.83
C TYR A 320 -15.34 -27.95 -29.62
N TYR A 321 -14.91 -28.89 -30.44
CA TYR A 321 -13.80 -28.69 -31.37
C TYR A 321 -14.10 -29.38 -32.69
N GLN A 322 -13.86 -28.66 -33.78
CA GLN A 322 -14.13 -29.15 -35.12
C GLN A 322 -12.83 -29.60 -35.76
N PHE A 323 -12.80 -30.84 -36.23
CA PHE A 323 -11.65 -31.38 -36.95
C PHE A 323 -12.07 -31.70 -38.38
N PRO A 324 -11.75 -30.86 -39.37
CA PRO A 324 -12.19 -31.13 -40.74
C PRO A 324 -11.65 -32.43 -41.30
N GLY A 325 -10.45 -32.83 -40.93
CA GLY A 325 -9.89 -34.08 -41.44
C GLY A 325 -10.64 -35.30 -40.95
N ARG A 326 -11.09 -35.28 -39.70
CA ARG A 326 -11.74 -36.44 -39.11
C ARG A 326 -13.11 -36.68 -39.74
N ASN A 327 -13.62 -37.89 -39.55
CA ASN A 327 -14.91 -38.30 -40.07
C ASN A 327 -15.92 -38.47 -38.94
N ILE A 328 -17.17 -38.72 -39.31
CA ILE A 328 -18.25 -38.86 -38.36
C ILE A 328 -18.26 -40.28 -37.80
N THR A 329 -18.57 -40.41 -36.51
CA THR A 329 -18.60 -41.70 -35.86
C THR A 329 -20.02 -42.16 -35.52
N VAL A 330 -20.81 -41.31 -34.87
CA VAL A 330 -22.19 -41.65 -34.51
C VAL A 330 -23.10 -40.55 -35.05
N SER A 331 -24.37 -40.89 -35.26
CA SER A 331 -25.35 -39.94 -35.74
C SER A 331 -26.73 -40.09 -35.11
N ASP A 332 -26.90 -41.00 -34.15
CA ASP A 332 -28.20 -41.26 -33.55
C ASP A 332 -28.17 -40.94 -32.06
N ASP A 333 -29.34 -40.51 -31.55
CA ASP A 333 -29.43 -40.16 -30.13
C ASP A 333 -29.27 -41.38 -29.24
N THR A 334 -29.87 -42.51 -29.62
CA THR A 334 -29.76 -43.71 -28.79
C THR A 334 -28.34 -44.24 -28.75
N VAL A 335 -27.64 -44.22 -29.89
CA VAL A 335 -26.25 -44.65 -29.91
C VAL A 335 -25.40 -43.73 -29.05
N ALA A 336 -25.65 -42.42 -29.13
CA ALA A 336 -24.92 -41.48 -28.30
C ALA A 336 -25.17 -41.73 -26.82
N ASN A 337 -26.42 -42.03 -26.45
CA ASN A 337 -26.73 -42.35 -25.06
C ASN A 337 -26.00 -43.60 -24.60
N THR A 338 -25.98 -44.63 -25.44
CA THR A 338 -25.28 -45.86 -25.07
C THR A 338 -23.78 -45.63 -24.93
N VAL A 339 -23.20 -44.82 -25.81
CA VAL A 339 -21.76 -44.56 -25.74
C VAL A 339 -21.43 -43.72 -24.51
N ASP A 340 -22.27 -42.75 -24.17
CA ASP A 340 -21.99 -41.88 -23.04
C ASP A 340 -21.98 -42.65 -21.72
N LYS A 341 -22.74 -43.74 -21.64
CA LYS A 341 -22.69 -44.58 -20.43
C LYS A 341 -21.31 -45.20 -20.25
N SER A 342 -20.62 -45.48 -21.34
CA SER A 342 -19.28 -46.07 -21.30
C SER A 342 -18.18 -45.01 -21.24
N ARG A 343 -18.55 -43.74 -21.12
CA ARG A 343 -17.59 -42.63 -21.02
C ARG A 343 -16.64 -42.61 -22.21
N GLY A 344 -17.22 -42.72 -23.41
CA GLY A 344 -16.44 -42.70 -24.64
C GLY A 344 -16.61 -41.37 -25.37
N ASN A 345 -15.52 -40.92 -25.99
CA ASN A 345 -15.53 -39.68 -26.77
C ASN A 345 -15.57 -40.02 -28.26
N TYR A 346 -16.15 -39.09 -29.03
CA TYR A 346 -16.39 -39.33 -30.44
C TYR A 346 -16.63 -38.00 -31.14
N ILE A 347 -16.77 -38.06 -32.46
CA ILE A 347 -17.18 -36.92 -33.26
C ILE A 347 -18.61 -37.18 -33.73
N GLY A 348 -19.53 -36.31 -33.33
CA GLY A 348 -20.94 -36.44 -33.68
C GLY A 348 -21.36 -35.32 -34.62
N VAL A 349 -22.33 -35.61 -35.48
CA VAL A 349 -22.82 -34.66 -36.46
C VAL A 349 -24.24 -34.26 -36.10
N THR A 350 -24.56 -32.99 -36.33
CA THR A 350 -25.88 -32.46 -36.07
C THR A 350 -26.15 -31.32 -37.05
N GLN A 351 -27.43 -31.03 -37.25
CA GLN A 351 -27.86 -30.00 -38.19
C GLN A 351 -28.61 -28.90 -37.45
N ALA A 352 -28.24 -27.65 -37.73
CA ALA A 352 -28.87 -26.49 -37.13
C ALA A 352 -29.04 -25.41 -38.18
N ASN A 353 -30.28 -24.99 -38.43
CA ASN A 353 -30.61 -23.97 -39.42
C ASN A 353 -30.04 -24.33 -40.79
N GLY A 354 -30.14 -25.60 -41.17
CA GLY A 354 -29.70 -26.07 -42.45
C GLY A 354 -28.20 -26.31 -42.58
N GLN A 355 -27.45 -26.18 -41.49
CA GLN A 355 -26.00 -26.36 -41.50
C GLN A 355 -25.65 -27.57 -40.66
N GLN A 356 -24.78 -28.42 -41.20
CA GLN A 356 -24.29 -29.58 -40.47
C GLN A 356 -23.02 -29.21 -39.70
N LEU A 357 -23.00 -29.57 -38.42
CA LEU A 357 -21.87 -29.28 -37.54
C LEU A 357 -21.37 -30.58 -36.94
N ALA A 358 -20.05 -30.76 -36.95
CA ALA A 358 -19.41 -31.95 -36.40
C ALA A 358 -18.32 -31.51 -35.42
N PHE A 359 -18.31 -32.07 -34.23
CA PHE A 359 -17.37 -31.66 -33.19
C PHE A 359 -17.13 -32.79 -32.21
N TYR A 360 -16.04 -32.66 -31.46
CA TYR A 360 -15.65 -33.60 -30.41
C TYR A 360 -16.70 -33.52 -29.30
N GLN A 361 -17.51 -34.57 -29.17
CA GLN A 361 -18.76 -34.45 -28.42
C GLN A 361 -18.54 -34.45 -26.92
N ARG A 362 -17.56 -35.20 -26.41
CA ARG A 362 -17.40 -35.35 -24.97
C ARG A 362 -15.94 -35.24 -24.59
N GLY A 363 -15.71 -34.84 -23.33
CA GLY A 363 -14.37 -34.72 -22.79
C GLY A 363 -14.22 -35.43 -21.46
N ILE A 364 -14.82 -36.61 -21.35
CA ILE A 364 -14.85 -37.33 -20.08
C ILE A 364 -13.73 -38.34 -20.01
N LEU A 365 -13.03 -38.35 -18.87
CA LEU A 365 -12.01 -39.34 -18.57
C LEU A 365 -12.58 -40.36 -17.61
N CYS A 366 -12.19 -41.63 -17.78
CA CYS A 366 -12.66 -42.67 -16.88
C CYS A 366 -11.82 -42.67 -15.59
N GLY A 367 -12.51 -42.71 -14.46
CA GLY A 367 -11.82 -42.70 -13.18
C GLY A 367 -12.83 -42.75 -12.05
N GLY A 368 -12.31 -42.77 -10.83
CA GLY A 368 -13.13 -42.84 -9.65
C GLY A 368 -13.69 -41.50 -9.22
N PRO A 369 -14.59 -41.51 -8.24
CA PRO A 369 -15.17 -40.23 -7.78
C PRO A 369 -14.15 -39.26 -7.22
N THR A 370 -13.08 -39.76 -6.58
CA THR A 370 -12.04 -38.89 -6.06
C THR A 370 -11.18 -38.28 -7.16
N ASP A 371 -11.13 -38.91 -8.33
CA ASP A 371 -10.26 -38.45 -9.40
C ASP A 371 -10.94 -37.35 -10.22
N ALA A 372 -10.13 -36.65 -11.01
CA ALA A 372 -10.60 -35.54 -11.84
C ALA A 372 -11.16 -36.12 -13.14
N VAL A 373 -12.49 -36.02 -13.30
CA VAL A 373 -13.14 -36.64 -14.45
C VAL A 373 -12.87 -35.85 -15.72
N ASP A 374 -12.91 -34.52 -15.64
CA ASP A 374 -12.77 -33.69 -16.83
C ASP A 374 -11.33 -33.61 -17.29
N MET A 375 -11.13 -33.38 -18.58
CA MET A 375 -9.77 -33.29 -19.11
C MET A 375 -9.08 -31.99 -18.73
N ASN A 376 -9.81 -30.87 -18.74
CA ASN A 376 -9.17 -29.59 -18.47
C ASN A 376 -8.60 -29.52 -17.06
N VAL A 377 -9.35 -30.03 -16.08
CA VAL A 377 -8.85 -30.01 -14.70
C VAL A 377 -7.65 -30.93 -14.56
N TYR A 378 -7.66 -32.06 -15.27
CA TYR A 378 -6.51 -32.97 -15.24
C TYR A 378 -5.26 -32.29 -15.80
N ALA A 379 -5.41 -31.61 -16.94
CA ALA A 379 -4.27 -30.91 -17.54
C ALA A 379 -3.77 -29.78 -16.64
N ASN A 380 -4.70 -29.04 -16.04
CA ASN A 380 -4.31 -27.97 -15.13
C ASN A 380 -3.56 -28.51 -13.93
N GLU A 381 -3.99 -29.64 -13.39
CA GLU A 381 -3.28 -30.27 -12.29
C GLU A 381 -1.88 -30.70 -12.71
N ILE A 382 -1.76 -31.24 -13.93
CA ILE A 382 -0.43 -31.61 -14.44
C ILE A 382 0.50 -30.41 -14.44
N TRP A 383 0.04 -29.31 -15.03
CA TRP A 383 0.89 -28.12 -15.10
C TRP A 383 1.21 -27.59 -13.71
N LEU A 384 0.24 -27.58 -12.80
CA LEU A 384 0.47 -27.06 -11.47
C LEU A 384 1.52 -27.88 -10.73
N LYS A 385 1.42 -29.20 -10.81
CA LYS A 385 2.40 -30.06 -10.16
C LYS A 385 3.79 -29.80 -10.72
N SER A 386 3.90 -29.72 -12.05
CA SER A 386 5.21 -29.48 -12.66
C SER A 386 5.80 -28.15 -12.19
N ALA A 387 4.99 -27.09 -12.17
CA ALA A 387 5.50 -25.79 -11.77
C ALA A 387 5.94 -25.77 -10.32
N ILE A 388 5.14 -26.37 -9.43
CA ILE A 388 5.50 -26.37 -8.01
C ILE A 388 6.80 -27.15 -7.79
N ALA A 389 6.93 -28.31 -8.44
CA ALA A 389 8.16 -29.07 -8.30
C ALA A 389 9.37 -28.29 -8.80
N GLN A 390 9.23 -27.63 -9.94
CA GLN A 390 10.35 -26.87 -10.48
C GLN A 390 10.75 -25.75 -9.55
N ALA A 391 9.77 -25.04 -8.98
CA ALA A 391 10.07 -23.94 -8.07
C ALA A 391 10.79 -24.44 -6.81
N LEU A 392 10.33 -25.55 -6.26
CA LEU A 392 10.97 -26.08 -5.05
C LEU A 392 12.39 -26.54 -5.32
N LEU A 393 12.61 -27.23 -6.44
CA LEU A 393 13.98 -27.64 -6.77
C LEU A 393 14.88 -26.44 -7.00
N ASP A 394 14.38 -25.38 -7.64
CA ASP A 394 15.19 -24.19 -7.82
C ASP A 394 15.55 -23.56 -6.48
N LEU A 395 14.60 -23.52 -5.54
CA LEU A 395 14.88 -22.97 -4.22
C LEU A 395 15.97 -23.76 -3.52
N PHE A 396 15.88 -25.10 -3.57
CA PHE A 396 16.94 -25.91 -2.98
C PHE A 396 18.28 -25.66 -3.66
N LEU A 397 18.29 -25.51 -4.98
CA LEU A 397 19.55 -25.38 -5.69
C LEU A 397 20.22 -24.03 -5.46
N ASN A 398 19.44 -23.00 -5.16
CA ASN A 398 19.98 -21.64 -5.12
C ASN A 398 20.15 -21.06 -3.72
N VAL A 399 20.13 -21.88 -2.66
CA VAL A 399 20.27 -21.37 -1.31
C VAL A 399 21.30 -22.20 -0.56
N ASN A 400 21.92 -21.60 0.46
CA ASN A 400 22.91 -22.31 1.27
C ASN A 400 22.26 -23.46 2.03
N ALA A 401 21.19 -23.18 2.76
CA ALA A 401 20.50 -24.21 3.52
C ALA A 401 19.11 -23.70 3.87
N VAL A 402 18.20 -24.65 4.11
CA VAL A 402 16.84 -24.35 4.52
C VAL A 402 16.66 -24.86 5.95
N PRO A 403 16.69 -23.99 6.95
CA PRO A 403 16.60 -24.45 8.33
C PRO A 403 15.26 -25.11 8.63
N ALA A 404 15.29 -26.08 9.55
CA ALA A 404 14.08 -26.75 10.01
C ALA A 404 13.45 -25.91 11.13
N SER A 405 12.90 -24.77 10.74
CA SER A 405 12.30 -23.83 11.67
C SER A 405 11.28 -22.99 10.91
N SER A 406 10.82 -21.91 11.56
CA SER A 406 9.85 -21.04 10.93
C SER A 406 10.44 -20.33 9.72
N THR A 407 11.75 -20.08 9.74
CA THR A 407 12.39 -19.42 8.60
C THR A 407 12.30 -20.26 7.33
N GLY A 408 12.48 -21.58 7.46
CA GLY A 408 12.34 -22.45 6.30
C GLY A 408 10.93 -22.43 5.74
N GLU A 409 9.92 -22.44 6.62
CA GLU A 409 8.54 -22.37 6.18
C GLU A 409 8.26 -21.06 5.44
N ALA A 410 8.77 -19.95 5.98
CA ALA A 410 8.57 -18.66 5.32
C ALA A 410 9.25 -18.64 3.96
N MET A 411 10.47 -19.19 3.87
CA MET A 411 11.16 -19.24 2.58
C MET A 411 10.37 -20.06 1.57
N THR A 412 9.88 -21.23 1.98
CA THR A 412 9.16 -22.09 1.04
C THR A 412 7.86 -21.45 0.58
N LEU A 413 7.14 -20.77 1.49
CA LEU A 413 5.91 -20.09 1.08
C LEU A 413 6.21 -18.94 0.12
N ALA A 414 7.27 -18.18 0.40
CA ALA A 414 7.64 -17.07 -0.46
C ALA A 414 8.01 -17.55 -1.86
N VAL A 415 8.69 -18.69 -1.95
CA VAL A 415 9.05 -19.24 -3.26
C VAL A 415 7.79 -19.64 -4.03
N LEU A 416 6.83 -20.26 -3.35
CA LEU A 416 5.63 -20.76 -4.03
C LEU A 416 4.65 -19.66 -4.43
N GLN A 417 4.68 -18.50 -3.78
CA GLN A 417 3.67 -17.48 -4.07
C GLN A 417 3.55 -17.09 -5.54
N PRO A 418 4.62 -16.78 -6.28
CA PRO A 418 4.44 -16.38 -7.69
C PRO A 418 3.80 -17.46 -8.55
N VAL A 419 4.05 -18.73 -8.25
CA VAL A 419 3.40 -19.81 -9.00
C VAL A 419 1.90 -19.76 -8.78
N LEU A 420 1.47 -19.49 -7.55
CA LEU A 420 0.04 -19.38 -7.27
C LEU A 420 -0.56 -18.17 -7.99
N ASP A 421 0.18 -17.06 -8.05
CA ASP A 421 -0.31 -15.91 -8.81
C ASP A 421 -0.49 -16.27 -10.29
N LYS A 422 0.49 -16.98 -10.86
CA LYS A 422 0.37 -17.40 -12.25
C LYS A 422 -0.81 -18.35 -12.44
N ALA A 423 -1.04 -19.23 -11.46
CA ALA A 423 -2.18 -20.15 -11.55
C ALA A 423 -3.50 -19.40 -11.55
N THR A 424 -3.62 -18.37 -10.71
CA THR A 424 -4.83 -17.55 -10.74
C THR A 424 -4.98 -16.83 -12.08
N ALA A 425 -3.87 -16.35 -12.64
CA ALA A 425 -3.95 -15.64 -13.91
C ALA A 425 -4.35 -16.57 -15.05
N ASN A 426 -3.87 -17.82 -15.04
CA ASN A 426 -4.15 -18.74 -16.13
C ASN A 426 -5.63 -19.07 -16.25
N GLY A 427 -6.31 -19.24 -15.12
CA GLY A 427 -7.66 -19.74 -15.11
C GLY A 427 -7.82 -21.07 -14.40
N THR A 428 -6.73 -21.63 -13.87
CA THR A 428 -6.83 -22.84 -13.08
C THR A 428 -7.62 -22.60 -11.80
N PHE A 429 -7.40 -21.44 -11.17
CA PHE A 429 -8.06 -21.09 -9.91
C PHE A 429 -9.27 -20.22 -10.21
N THR A 430 -10.39 -20.54 -9.57
CA THR A 430 -11.64 -19.78 -9.73
C THR A 430 -12.13 -19.37 -8.36
N TYR A 431 -12.67 -18.16 -8.26
CA TYR A 431 -13.14 -17.64 -6.98
C TYR A 431 -14.66 -17.55 -6.94
N GLY A 432 -15.19 -17.47 -5.73
CA GLY A 432 -16.60 -17.20 -5.52
C GLY A 432 -17.54 -18.36 -5.58
N LYS A 433 -17.04 -19.60 -5.65
CA LYS A 433 -17.89 -20.78 -5.73
C LYS A 433 -18.44 -21.09 -4.34
N GLU A 434 -19.75 -21.33 -4.27
CA GLU A 434 -20.40 -21.62 -3.00
C GLU A 434 -20.00 -23.01 -2.51
N ILE A 435 -19.82 -23.12 -1.20
CA ILE A 435 -19.30 -24.34 -0.57
C ILE A 435 -20.40 -24.97 0.26
N SER A 436 -20.66 -26.25 0.00
CA SER A 436 -21.71 -26.98 0.70
C SER A 436 -21.22 -27.47 2.06
N ALA A 437 -22.15 -28.02 2.84
CA ALA A 437 -21.83 -28.48 4.20
C ALA A 437 -20.87 -29.66 4.16
N VAL A 438 -21.08 -30.59 3.23
CA VAL A 438 -20.19 -31.75 3.14
C VAL A 438 -18.77 -31.30 2.80
N GLN A 439 -18.64 -30.39 1.83
CA GLN A 439 -17.32 -29.88 1.48
C GLN A 439 -16.72 -29.08 2.62
N GLN A 440 -17.54 -28.34 3.36
CA GLN A 440 -17.02 -27.60 4.51
C GLN A 440 -16.46 -28.55 5.57
N GLN A 441 -17.19 -29.62 5.86
CA GLN A 441 -16.69 -30.61 6.81
C GLN A 441 -15.41 -31.26 6.31
N TYR A 442 -15.36 -31.60 5.02
CA TYR A 442 -14.15 -32.22 4.47
C TYR A 442 -12.95 -31.28 4.57
N ILE A 443 -13.16 -30.00 4.26
CA ILE A 443 -12.06 -29.03 4.34
C ILE A 443 -11.59 -28.87 5.78
N THR A 444 -12.52 -28.74 6.73
CA THR A 444 -12.13 -28.60 8.12
C THR A 444 -11.46 -29.86 8.65
N GLN A 445 -11.78 -31.01 8.06
CA GLN A 445 -11.12 -32.25 8.46
C GLN A 445 -9.70 -32.32 7.91
N VAL A 446 -9.51 -31.95 6.65
CA VAL A 446 -8.19 -32.05 6.04
C VAL A 446 -7.21 -31.08 6.68
N THR A 447 -7.63 -29.83 6.87
CA THR A 447 -6.82 -28.81 7.52
C THR A 447 -7.41 -28.54 8.90
N GLY A 448 -6.61 -28.73 9.94
CA GLY A 448 -7.12 -28.62 11.30
C GLY A 448 -7.69 -27.24 11.59
N ASP A 449 -7.21 -26.22 10.88
CA ASP A 449 -7.72 -24.87 11.08
C ASP A 449 -9.12 -24.73 10.52
N ARG A 450 -10.01 -24.13 11.31
CA ARG A 450 -11.34 -23.79 10.83
C ARG A 450 -11.30 -22.43 10.15
N ARG A 451 -12.42 -22.06 9.53
CA ARG A 451 -12.60 -20.83 8.77
C ARG A 451 -11.71 -20.78 7.53
N ALA A 452 -11.07 -21.89 7.15
CA ALA A 452 -10.35 -21.94 5.89
C ALA A 452 -11.31 -22.07 4.71
N TRP A 453 -12.46 -22.71 4.94
CA TRP A 453 -13.47 -22.79 3.89
C TRP A 453 -13.98 -21.42 3.49
N ARG A 454 -13.99 -20.46 4.43
CA ARG A 454 -14.33 -19.09 4.09
C ARG A 454 -13.34 -18.53 3.08
N GLN A 455 -12.05 -18.78 3.27
CA GLN A 455 -11.05 -18.26 2.35
C GLN A 455 -11.13 -18.95 1.01
N VAL A 456 -11.37 -20.26 0.99
CA VAL A 456 -11.47 -20.94 -0.31
C VAL A 456 -12.73 -20.50 -1.05
N GLN A 457 -13.74 -20.06 -0.30
CA GLN A 457 -14.93 -19.52 -0.96
C GLN A 457 -14.66 -18.14 -1.54
N THR A 458 -13.98 -17.28 -0.77
CA THR A 458 -13.79 -15.88 -1.20
C THR A 458 -12.67 -15.75 -2.21
N LEU A 459 -11.45 -16.12 -1.81
CA LEU A 459 -10.29 -15.92 -2.68
C LEU A 459 -10.06 -17.11 -3.61
N GLY A 460 -10.38 -18.32 -3.16
CA GLY A 460 -10.36 -19.48 -4.03
C GLY A 460 -9.34 -20.55 -3.70
N TYR A 461 -8.41 -20.29 -2.78
CA TYR A 461 -7.40 -21.29 -2.46
C TYR A 461 -6.86 -21.07 -1.06
N TRP A 462 -6.20 -22.12 -0.55
CA TRP A 462 -5.66 -22.13 0.80
C TRP A 462 -4.41 -23.01 0.82
N ILE A 463 -3.37 -22.56 1.53
CA ILE A 463 -2.11 -23.29 1.58
C ILE A 463 -1.44 -23.04 2.91
N ASN A 464 -0.75 -24.07 3.42
CA ASN A 464 0.00 -23.96 4.66
C ASN A 464 1.12 -25.00 4.64
N ILE A 465 2.12 -24.80 5.49
CA ILE A 465 3.30 -25.66 5.51
C ILE A 465 3.75 -25.92 6.95
N THR A 466 4.20 -27.15 7.19
CA THR A 466 4.81 -27.55 8.44
C THR A 466 6.02 -28.43 8.14
N PHE A 467 6.87 -28.60 9.14
CA PHE A 467 8.06 -29.44 9.02
C PHE A 467 8.05 -30.51 10.11
N SER A 468 8.74 -31.62 9.82
CA SER A 468 8.75 -32.76 10.72
C SER A 468 10.02 -33.56 10.49
N SER A 469 10.16 -34.64 11.25
CA SER A 469 11.33 -35.50 11.20
C SER A 469 10.93 -36.92 10.82
N TYR A 470 11.86 -37.63 10.18
CA TYR A 470 11.63 -38.99 9.73
C TYR A 470 12.96 -39.70 9.56
N THR A 471 12.89 -40.98 9.24
CA THR A 471 14.07 -41.79 8.93
C THR A 471 13.90 -42.44 7.57
N ASN A 472 14.96 -42.43 6.78
CA ASN A 472 14.89 -43.00 5.43
C ASN A 472 15.17 -44.50 5.47
N SER A 473 14.82 -45.17 4.37
CA SER A 473 14.95 -46.62 4.32
C SER A 473 16.38 -47.06 4.03
N ASN A 474 17.09 -46.32 3.18
CA ASN A 474 18.42 -46.75 2.76
C ASN A 474 19.40 -46.78 3.92
N THR A 475 19.38 -45.77 4.77
CA THR A 475 20.27 -45.68 5.92
C THR A 475 19.43 -45.46 7.18
N GLY A 476 20.02 -45.78 8.34
CA GLY A 476 19.32 -45.55 9.59
C GLY A 476 19.36 -44.11 10.07
N LEU A 477 20.03 -43.23 9.34
CA LEU A 477 20.19 -41.85 9.78
C LEU A 477 18.86 -41.10 9.71
N THR A 478 18.65 -40.23 10.70
CA THR A 478 17.43 -39.44 10.75
C THR A 478 17.59 -38.15 9.93
N GLU A 479 16.53 -37.79 9.22
CA GLU A 479 16.52 -36.59 8.39
C GLU A 479 15.23 -35.82 8.65
N TRP A 480 15.15 -34.62 8.06
CA TRP A 480 14.00 -33.74 8.24
C TRP A 480 13.31 -33.50 6.92
N LYS A 481 11.99 -33.32 6.97
CA LYS A 481 11.18 -33.11 5.78
C LYS A 481 10.26 -31.90 5.99
N ALA A 482 9.49 -31.59 4.95
CA ALA A 482 8.47 -30.55 5.02
C ALA A 482 7.20 -31.06 4.36
N ASN A 483 6.06 -30.62 4.89
CA ASN A 483 4.75 -31.00 4.38
C ASN A 483 3.93 -29.74 4.12
N TYR A 484 3.20 -29.74 3.00
CA TYR A 484 2.30 -28.65 2.66
C TYR A 484 0.99 -29.21 2.15
N THR A 485 -0.08 -28.43 2.32
CA THR A 485 -1.41 -28.80 1.90
C THR A 485 -2.02 -27.67 1.09
N LEU A 486 -2.58 -27.99 -0.07
CA LEU A 486 -3.17 -27.00 -0.96
C LEU A 486 -4.60 -27.40 -1.29
N ILE A 487 -5.54 -26.48 -1.08
CA ILE A 487 -6.95 -26.67 -1.41
C ILE A 487 -7.36 -25.56 -2.36
N TYR A 488 -8.01 -25.93 -3.45
CA TYR A 488 -8.53 -24.97 -4.41
C TYR A 488 -9.83 -25.48 -5.01
N SER A 489 -10.50 -24.62 -5.77
CA SER A 489 -11.83 -24.88 -6.30
C SER A 489 -11.75 -25.18 -7.79
N LYS A 490 -12.65 -26.04 -8.26
CA LYS A 490 -12.75 -26.39 -9.67
C LYS A 490 -13.85 -25.54 -10.30
N GLY A 491 -13.56 -24.92 -11.44
CA GLY A 491 -14.51 -24.07 -12.12
C GLY A 491 -15.65 -24.79 -12.80
N ASP A 492 -16.79 -24.12 -12.92
CA ASP A 492 -17.94 -24.67 -13.63
C ASP A 492 -18.03 -24.06 -15.02
N ALA A 493 -18.69 -24.78 -15.93
CA ALA A 493 -18.86 -24.32 -17.30
C ALA A 493 -20.27 -24.66 -17.77
N ILE A 494 -20.77 -23.87 -18.73
CA ILE A 494 -22.10 -24.05 -19.28
C ILE A 494 -21.98 -24.86 -20.56
N ARG A 495 -22.78 -25.94 -20.64
CA ARG A 495 -22.69 -26.91 -21.71
C ARG A 495 -24.06 -27.25 -22.29
N PHE A 496 -25.13 -26.66 -21.76
CA PHE A 496 -26.49 -26.92 -22.20
C PHE A 496 -27.32 -25.66 -22.03
N VAL A 497 -28.21 -25.40 -22.99
CA VAL A 497 -29.06 -24.21 -22.98
C VAL A 497 -30.49 -24.65 -23.27
N GLU A 498 -31.43 -24.19 -22.44
CA GLU A 498 -32.86 -24.40 -22.66
C GLU A 498 -33.57 -23.07 -22.52
N GLY A 499 -34.62 -22.88 -23.32
CA GLY A 499 -35.36 -21.63 -23.30
C GLY A 499 -36.80 -21.84 -23.73
N SER A 500 -37.61 -20.82 -23.48
CA SER A 500 -39.03 -20.85 -23.81
C SER A 500 -39.42 -19.56 -24.50
N ASP A 501 -40.13 -19.68 -25.62
CA ASP A 501 -40.63 -18.54 -26.38
C ASP A 501 -42.14 -18.45 -26.20
N VAL A 502 -42.61 -17.33 -25.69
CA VAL A 502 -44.04 -17.11 -25.43
C VAL A 502 -44.49 -15.89 -26.21
N MET A 503 -45.55 -16.04 -26.98
CA MET A 503 -46.11 -14.96 -27.77
C MET A 503 -47.29 -14.35 -27.03
N ILE A 504 -47.08 -13.13 -26.52
CA ILE A 504 -48.09 -12.41 -25.73
C ILE A 504 -48.54 -13.24 -24.54
N PHE B 1 30.50 9.78 16.85
CA PHE B 1 31.32 10.64 17.69
C PHE B 1 32.47 11.23 16.88
N GLY B 2 33.20 10.38 16.17
CA GLY B 2 34.25 10.85 15.30
C GLY B 2 33.77 11.14 13.89
N SER B 3 32.91 12.13 13.74
CA SER B 3 32.29 12.44 12.46
C SER B 3 32.75 13.80 11.96
N ILE B 4 33.11 13.86 10.68
CA ILE B 4 33.56 15.10 10.04
C ILE B 4 32.84 15.26 8.71
N CYS B 5 32.76 16.50 8.25
CA CYS B 5 32.19 16.84 6.95
C CYS B 5 33.13 17.77 6.22
N ALA B 6 33.45 17.42 4.97
CA ALA B 6 34.30 18.26 4.12
C ALA B 6 33.43 18.86 3.02
N PHE B 7 33.36 20.18 3.00
CA PHE B 7 32.56 20.92 2.02
C PHE B 7 33.49 21.51 0.96
N THR B 8 33.13 21.35 -0.30
CA THR B 8 33.86 21.94 -1.41
C THR B 8 32.91 22.80 -2.24
N ALA B 9 33.43 23.92 -2.75
CA ALA B 9 32.65 24.84 -3.57
C ALA B 9 33.36 25.07 -4.88
N SER B 10 32.58 25.27 -5.95
CA SER B 10 33.15 25.37 -7.28
C SER B 10 34.02 26.62 -7.42
N ARG B 11 33.58 27.75 -6.87
CA ARG B 11 34.28 29.01 -7.02
C ARG B 11 34.78 29.58 -5.70
N THR B 12 33.93 29.61 -4.67
CA THR B 12 34.32 30.24 -3.41
C THR B 12 35.40 29.44 -2.70
N PHE B 13 35.25 28.12 -2.61
CA PHE B 13 36.20 27.26 -1.90
C PHE B 13 36.61 26.12 -2.82
N PRO B 14 37.45 26.40 -3.82
CA PRO B 14 37.86 25.33 -4.74
C PRO B 14 38.58 24.19 -4.06
N ASN B 15 39.33 24.46 -3.00
CA ASN B 15 40.05 23.42 -2.28
C ASN B 15 39.26 22.86 -1.10
N GLY B 16 38.17 23.50 -0.70
CA GLY B 16 37.29 22.96 0.30
C GLY B 16 37.71 23.34 1.73
N PHE B 17 36.79 23.09 2.65
CA PHE B 17 37.02 23.31 4.07
C PHE B 17 36.32 22.22 4.86
N THR B 18 36.71 22.05 6.11
CA THR B 18 36.19 21.00 6.98
C THR B 18 35.49 21.61 8.17
N VAL B 19 34.42 20.95 8.62
CA VAL B 19 33.64 21.36 9.78
C VAL B 19 33.56 20.19 10.74
N THR B 20 33.79 20.47 12.03
CA THR B 20 33.80 19.43 13.06
C THR B 20 32.92 19.72 14.26
N GLU B 21 32.44 20.95 14.43
CA GLU B 21 31.61 21.32 15.56
C GLU B 21 30.14 21.16 15.16
N GLU B 22 29.54 20.04 15.58
CA GLU B 22 28.19 19.68 15.16
C GLU B 22 27.12 20.09 16.15
N PHE B 23 27.52 20.76 17.25
CA PHE B 23 26.60 21.40 18.19
C PHE B 23 25.81 20.37 19.01
N ALA B 24 25.16 20.82 20.09
CA ALA B 24 24.79 19.95 21.19
C ALA B 24 23.35 19.47 21.15
N ASP B 25 22.35 20.36 21.23
CA ASP B 25 20.98 19.88 21.43
C ASP B 25 20.18 19.90 20.13
N ALA B 26 20.72 20.52 19.08
CA ALA B 26 20.09 20.41 17.77
C ALA B 26 20.42 19.06 17.15
N ASP B 27 19.75 18.76 16.05
CA ASP B 27 20.03 17.54 15.30
C ASP B 27 21.02 17.84 14.19
N PRO B 28 22.26 17.36 14.27
CA PRO B 28 23.18 17.52 13.14
C PRO B 28 22.95 16.44 12.11
N ILE B 29 23.24 16.79 10.85
CA ILE B 29 23.18 15.86 9.72
C ILE B 29 21.79 15.21 9.73
N ASP B 30 20.76 16.00 9.54
CA ASP B 30 19.41 15.47 9.48
C ASP B 30 18.95 15.35 8.02
N SER B 31 18.09 14.36 7.77
CA SER B 31 17.58 14.11 6.44
C SER B 31 16.11 13.69 6.49
N PRO B 32 15.23 14.39 5.80
CA PRO B 32 13.81 14.03 5.80
C PRO B 32 13.57 12.75 5.01
N PRO B 33 12.42 12.09 5.22
CA PRO B 33 12.12 10.88 4.45
C PRO B 33 11.98 11.17 2.97
N PHE B 34 12.34 10.19 2.16
CA PHE B 34 12.39 10.31 0.71
C PHE B 34 11.28 9.47 0.08
N ALA B 35 10.31 10.14 -0.53
CA ALA B 35 9.21 9.47 -1.20
C ALA B 35 9.64 9.03 -2.59
N ALA B 36 9.42 7.75 -2.91
CA ALA B 36 9.94 7.18 -4.14
C ALA B 36 8.87 6.76 -5.14
N ALA B 37 7.65 6.50 -4.70
CA ALA B 37 6.62 6.04 -5.61
C ALA B 37 5.24 6.37 -5.06
N ASP B 38 4.25 6.33 -5.94
CA ASP B 38 2.86 6.57 -5.59
C ASP B 38 1.99 5.51 -6.26
N THR B 39 0.84 5.25 -5.65
CA THR B 39 -0.05 4.18 -6.12
C THR B 39 -1.47 4.69 -6.22
N GLY B 40 -2.27 3.96 -7.00
CA GLY B 40 -3.69 4.21 -7.06
C GLY B 40 -4.43 2.90 -7.31
N ALA B 41 -5.63 2.82 -6.77
CA ALA B 41 -6.46 1.63 -6.91
C ALA B 41 -7.73 1.99 -7.65
N GLY B 42 -7.95 1.34 -8.79
CA GLY B 42 -9.14 1.58 -9.57
C GLY B 42 -10.30 0.72 -9.11
N LEU B 43 -11.43 0.88 -9.80
CA LEU B 43 -12.59 0.05 -9.51
C LEU B 43 -12.27 -1.40 -9.84
N ASN B 44 -12.86 -2.32 -9.08
CA ASN B 44 -12.70 -3.77 -9.15
C ASN B 44 -11.37 -4.23 -8.58
N GLY B 45 -10.61 -3.36 -7.91
CA GLY B 45 -9.43 -3.78 -7.17
C GLY B 45 -8.12 -3.72 -7.92
N ASP B 46 -8.10 -3.23 -9.14
CA ASP B 46 -6.85 -3.13 -9.89
C ASP B 46 -5.94 -2.08 -9.25
N MET B 47 -4.64 -2.39 -9.19
CA MET B 47 -3.65 -1.51 -8.60
C MET B 47 -2.65 -1.06 -9.64
N VAL B 48 -2.37 0.24 -9.66
CA VAL B 48 -1.40 0.84 -10.57
C VAL B 48 -0.40 1.63 -9.74
N VAL B 49 0.86 1.60 -10.16
CA VAL B 49 1.94 2.24 -9.43
C VAL B 49 2.84 2.99 -10.41
N TRP B 50 3.27 4.19 -10.01
CA TRP B 50 4.20 4.99 -10.79
C TRP B 50 5.27 5.56 -9.87
N ASN B 51 6.36 6.00 -10.48
CA ASN B 51 7.53 6.48 -9.75
C ASN B 51 7.46 8.00 -9.61
N ARG B 52 7.70 8.49 -8.39
CA ARG B 52 7.82 9.92 -8.17
C ARG B 52 9.29 10.33 -8.22
N ALA B 53 9.52 11.61 -8.46
CA ALA B 53 10.86 12.15 -8.62
C ALA B 53 11.17 13.11 -7.47
N ASN B 54 12.25 12.84 -6.75
CA ASN B 54 12.68 13.64 -5.61
C ASN B 54 14.19 13.63 -5.54
N ILE B 55 14.73 14.51 -4.69
CA ILE B 55 16.17 14.63 -4.51
C ILE B 55 16.50 14.62 -3.02
N LEU B 56 17.77 14.35 -2.73
CA LEU B 56 18.22 14.23 -1.36
C LEU B 56 18.34 15.61 -0.70
N GLU B 57 17.97 15.67 0.58
CA GLU B 57 18.02 16.91 1.36
C GLU B 57 18.75 16.65 2.68
N VAL B 58 19.60 17.59 3.07
CA VAL B 58 20.42 17.45 4.26
C VAL B 58 20.55 18.81 4.95
N VAL B 59 20.58 18.79 6.28
CA VAL B 59 20.73 20.00 7.10
C VAL B 59 21.69 19.69 8.24
N VAL B 60 22.60 20.63 8.53
CA VAL B 60 23.62 20.44 9.55
C VAL B 60 23.66 21.66 10.47
N ASN B 61 23.57 21.42 11.78
CA ASN B 61 23.58 22.48 12.78
C ASN B 61 25.00 22.64 13.35
N VAL B 62 25.41 23.89 13.54
CA VAL B 62 26.77 24.19 13.98
C VAL B 62 26.74 25.22 15.12
N ILE B 63 27.87 25.29 15.82
CA ILE B 63 28.07 26.21 16.95
C ILE B 63 28.17 27.64 16.43
N PRO B 64 27.59 28.62 17.14
CA PRO B 64 27.50 29.98 16.57
C PRO B 64 28.83 30.63 16.18
N ASN B 65 29.91 30.41 16.92
CA ASN B 65 31.17 31.10 16.66
C ASN B 65 32.30 30.07 16.51
N THR B 66 32.44 29.53 15.30
CA THR B 66 33.49 28.58 14.98
C THR B 66 33.93 28.81 13.55
N GLU B 67 35.09 28.24 13.19
CA GLU B 67 35.62 28.42 11.85
C GLU B 67 34.69 27.79 10.80
N GLY B 68 34.16 26.60 11.08
CA GLY B 68 33.25 25.97 10.15
C GLY B 68 31.98 26.78 9.94
N GLU B 69 31.42 27.32 11.02
CA GLU B 69 30.24 28.17 10.90
C GLU B 69 30.54 29.42 10.09
N ARG B 70 31.71 30.03 10.31
CA ARG B 70 32.06 31.24 9.56
C ARG B 70 32.22 30.93 8.09
N ASN B 71 32.84 29.80 7.75
CA ASN B 71 32.97 29.42 6.35
C ASN B 71 31.61 29.14 5.73
N LEU B 72 30.70 28.51 6.49
CA LEU B 72 29.36 28.27 5.97
C LEU B 72 28.63 29.58 5.71
N ALA B 73 28.78 30.56 6.63
CA ALA B 73 28.17 31.86 6.41
C ALA B 73 28.74 32.55 5.19
N VAL B 74 30.05 32.44 5.00
CA VAL B 74 30.69 33.03 3.81
C VAL B 74 30.13 32.39 2.55
N LEU B 75 29.97 31.06 2.56
CA LEU B 75 29.43 30.36 1.40
C LEU B 75 28.00 30.82 1.10
N LEU B 76 27.18 30.96 2.14
CA LEU B 76 25.79 31.37 1.93
C LEU B 76 25.71 32.81 1.42
N ASP B 77 26.55 33.70 1.94
CA ASP B 77 26.47 35.10 1.57
C ASP B 77 26.85 35.33 0.12
N ALA B 78 27.73 34.48 -0.42
CA ALA B 78 28.17 34.65 -1.81
C ALA B 78 27.04 34.39 -2.79
N ASN B 79 26.18 33.41 -2.50
CA ASN B 79 25.15 33.02 -3.46
C ASN B 79 23.86 33.82 -3.26
N ARG B 80 23.76 34.55 -2.16
CA ARG B 80 22.51 35.19 -1.77
C ARG B 80 22.14 36.31 -2.75
N THR B 81 20.84 36.58 -2.85
CA THR B 81 20.30 37.69 -3.62
C THR B 81 20.22 38.93 -2.75
N GLY B 82 20.69 40.06 -3.27
CA GLY B 82 20.71 41.28 -2.50
C GLY B 82 20.66 42.50 -3.39
N LYS B 83 20.45 43.65 -2.76
CA LYS B 83 20.31 44.93 -3.45
C LYS B 83 21.40 45.17 -4.49
N ASP B 84 22.65 45.27 -4.05
CA ASP B 84 23.79 45.47 -4.95
C ASP B 84 24.92 44.57 -4.47
N LYS B 85 24.95 43.35 -4.98
CA LYS B 85 26.00 42.39 -4.66
C LYS B 85 26.10 41.39 -5.79
N SER B 86 27.32 40.94 -6.06
CA SER B 86 27.51 39.92 -7.09
C SER B 86 27.05 38.56 -6.59
N GLY B 87 26.46 37.79 -7.50
CA GLY B 87 26.04 36.44 -7.17
C GLY B 87 26.87 35.40 -7.87
N ALA B 88 27.68 34.68 -7.11
CA ALA B 88 28.57 33.66 -7.66
C ALA B 88 27.82 32.34 -7.71
N ARG B 89 27.47 31.91 -8.92
CA ARG B 89 26.72 30.67 -9.12
C ARG B 89 27.71 29.51 -9.11
N ASP B 90 27.81 28.81 -7.98
CA ASP B 90 28.75 27.72 -7.83
C ASP B 90 28.03 26.48 -7.33
N VAL B 91 28.55 25.31 -7.72
CA VAL B 91 28.02 24.03 -7.29
C VAL B 91 28.86 23.50 -6.14
N VAL B 92 28.20 23.01 -5.10
CA VAL B 92 28.86 22.58 -3.88
C VAL B 92 28.86 21.06 -3.81
N GLY B 93 29.85 20.52 -3.11
CA GLY B 93 29.91 19.08 -2.87
C GLY B 93 30.17 18.80 -1.40
N LEU B 94 29.69 17.65 -0.95
CA LEU B 94 29.81 17.25 0.45
C LEU B 94 30.22 15.78 0.54
N VAL B 95 31.20 15.49 1.38
CA VAL B 95 31.58 14.13 1.72
C VAL B 95 31.56 14.00 3.24
N VAL B 96 30.91 12.96 3.73
CA VAL B 96 30.75 12.73 5.17
C VAL B 96 31.50 11.46 5.53
N ALA B 97 32.43 11.58 6.49
CA ALA B 97 33.21 10.46 6.98
C ALA B 97 32.72 10.09 8.37
N MET B 98 32.17 8.89 8.49
CA MET B 98 31.66 8.39 9.75
C MET B 98 32.69 7.47 10.41
N PRO B 99 32.57 7.23 11.71
CA PRO B 99 33.42 6.23 12.35
C PRO B 99 33.19 4.85 11.73
N ASP B 100 34.28 4.09 11.64
CA ASP B 100 34.28 2.78 10.97
C ASP B 100 33.95 2.94 9.47
N GLY B 101 34.75 3.73 8.78
CA GLY B 101 34.58 3.89 7.33
C GLY B 101 33.26 4.52 6.99
N SER B 102 32.59 3.95 5.98
CA SER B 102 31.26 4.38 5.55
C SER B 102 31.27 5.84 5.09
N LYS B 103 32.03 6.11 4.04
CA LYS B 103 32.01 7.43 3.43
C LYS B 103 30.77 7.61 2.56
N ILE B 104 30.20 8.81 2.59
CA ILE B 104 29.04 9.16 1.78
C ILE B 104 29.37 10.46 1.03
N THR B 105 29.15 10.46 -0.28
CA THR B 105 29.54 11.57 -1.13
C THR B 105 28.33 12.09 -1.90
N CYS B 106 28.16 13.41 -1.91
CA CYS B 106 27.13 14.08 -2.68
C CYS B 106 27.79 15.03 -3.66
N THR B 107 27.35 15.00 -4.92
CA THR B 107 28.08 15.67 -5.99
C THR B 107 27.57 17.08 -6.30
N ASN B 108 26.32 17.19 -6.75
CA ASN B 108 25.82 18.48 -7.22
C ASN B 108 24.78 19.02 -6.25
N GLY B 109 24.98 20.25 -5.77
CA GLY B 109 24.09 20.80 -4.78
C GLY B 109 24.25 22.31 -4.67
N THR B 110 23.46 22.88 -3.76
CA THR B 110 23.42 24.33 -3.59
C THR B 110 22.87 24.64 -2.21
N PRO B 111 23.31 25.73 -1.58
CA PRO B 111 22.72 26.15 -0.31
C PRO B 111 21.31 26.68 -0.51
N ILE B 112 20.46 26.49 0.49
CA ILE B 112 19.07 26.92 0.44
C ILE B 112 18.69 27.81 1.61
N ASP B 113 19.00 27.40 2.83
CA ASP B 113 18.53 28.13 4.00
C ASP B 113 19.69 28.51 4.90
N GLY B 114 19.44 29.51 5.73
CA GLY B 114 20.40 29.97 6.71
C GLY B 114 19.79 31.08 7.53
N VAL B 115 20.57 31.57 8.50
CA VAL B 115 20.17 32.69 9.34
C VAL B 115 21.22 33.79 9.17
N LEU B 116 20.76 35.00 8.84
CA LEU B 116 21.68 36.05 8.42
C LEU B 116 22.53 36.55 9.58
N ILE B 117 21.92 36.80 10.74
CA ILE B 117 22.63 37.37 11.88
C ILE B 117 22.39 36.49 13.10
N ASN B 118 23.30 36.59 14.07
CA ASN B 118 23.17 35.83 15.30
C ASN B 118 22.01 36.35 16.14
N ALA B 119 21.32 35.42 16.80
CA ALA B 119 20.19 35.73 17.67
C ALA B 119 20.47 35.17 19.06
N VAL B 120 19.97 35.86 20.08
CA VAL B 120 20.16 35.45 21.47
C VAL B 120 18.84 34.93 22.01
N ALA B 121 18.90 33.82 22.73
CA ALA B 121 17.71 33.21 23.31
C ALA B 121 17.37 33.88 24.64
N SER B 122 16.28 33.40 25.25
CA SER B 122 15.83 33.97 26.52
C SER B 122 16.83 33.72 27.63
N VAL B 123 17.41 32.51 27.67
CA VAL B 123 18.35 32.17 28.74
C VAL B 123 19.62 33.00 28.68
N GLY B 124 19.94 33.57 27.52
CA GLY B 124 21.10 34.40 27.36
C GLY B 124 22.24 33.80 26.55
N ARG B 125 21.99 32.71 25.84
CA ARG B 125 22.99 32.07 24.99
C ARG B 125 22.74 32.44 23.54
N LEU B 126 23.79 32.33 22.73
CA LEU B 126 23.63 32.50 21.29
C LEU B 126 22.88 31.32 20.69
N LYS B 127 22.15 31.58 19.60
CA LYS B 127 21.29 30.55 19.04
C LYS B 127 22.00 29.78 17.93
N THR B 128 21.34 28.70 17.49
CA THR B 128 21.94 27.72 16.60
C THR B 128 21.73 28.12 15.13
N LYS B 129 22.54 27.55 14.24
CA LYS B 129 22.51 27.89 12.83
C LYS B 129 22.08 26.68 12.00
N PRO B 130 20.94 26.75 11.30
CA PRO B 130 20.45 25.55 10.60
C PRO B 130 21.24 25.14 9.36
N TYR B 131 21.43 26.04 8.39
CA TYR B 131 22.23 25.77 7.19
C TYR B 131 21.77 24.52 6.44
N ARG B 132 20.62 24.65 5.78
CA ARG B 132 20.04 23.57 4.98
C ARG B 132 20.71 23.46 3.61
N PHE B 133 20.67 22.25 3.03
CA PHE B 133 21.25 21.95 1.73
C PHE B 133 20.37 20.96 0.99
N ARG B 134 20.60 20.86 -0.33
CA ARG B 134 20.04 19.80 -1.17
C ARG B 134 21.05 19.38 -2.21
N PHE B 135 20.97 18.12 -2.64
CA PHE B 135 21.95 17.54 -3.55
C PHE B 135 21.27 16.68 -4.60
N GLU B 136 22.01 16.37 -5.67
CA GLU B 136 21.41 15.65 -6.79
C GLU B 136 21.76 14.16 -6.76
N LYS B 137 23.06 13.83 -6.76
CA LYS B 137 23.50 12.45 -6.79
C LYS B 137 24.19 12.10 -5.48
N VAL B 138 23.95 10.88 -5.01
CA VAL B 138 24.59 10.35 -3.81
C VAL B 138 25.15 8.96 -4.14
N ILE B 139 26.39 8.72 -3.73
CA ILE B 139 27.06 7.44 -3.92
C ILE B 139 27.61 6.98 -2.58
N LYS B 140 27.49 5.70 -2.29
CA LYS B 140 27.94 5.12 -1.03
C LYS B 140 29.14 4.22 -1.29
N ALA B 141 30.30 4.59 -0.75
CA ALA B 141 31.51 3.79 -0.87
C ALA B 141 31.93 3.19 0.46
N GLY B 142 30.96 2.85 1.31
CA GLY B 142 31.26 2.36 2.65
C GLY B 142 30.79 0.95 2.91
N THR B 143 31.01 0.05 1.95
CA THR B 143 30.61 -1.35 2.14
C THR B 143 31.31 -1.96 3.33
N SER B 144 32.56 -1.58 3.58
CA SER B 144 33.32 -2.10 4.71
C SER B 144 32.71 -1.66 6.04
N PHE C 1 7.68 -11.86 19.84
CA PHE C 1 9.09 -11.86 20.17
C PHE C 1 9.89 -12.60 19.10
N GLY C 2 9.43 -13.79 18.73
CA GLY C 2 10.07 -14.54 17.67
C GLY C 2 9.45 -14.26 16.31
N SER C 3 9.51 -13.01 15.87
CA SER C 3 8.88 -12.59 14.62
C SER C 3 9.94 -12.32 13.57
N ILE C 4 9.72 -12.83 12.36
CA ILE C 4 10.64 -12.66 11.25
C ILE C 4 9.85 -12.25 10.01
N CYS C 5 10.54 -11.63 9.07
CA CYS C 5 9.97 -11.24 7.79
C CYS C 5 10.91 -11.67 6.67
N ALA C 6 10.37 -12.35 5.66
CA ALA C 6 11.13 -12.78 4.50
C ALA C 6 10.68 -11.95 3.30
N PHE C 7 11.61 -11.21 2.70
CA PHE C 7 11.35 -10.37 1.56
C PHE C 7 11.88 -11.04 0.30
N THR C 8 11.10 -10.99 -0.78
CA THR C 8 11.53 -11.51 -2.07
C THR C 8 11.27 -10.46 -3.15
N ALA C 9 12.16 -10.41 -4.13
CA ALA C 9 12.04 -9.49 -5.26
C ALA C 9 12.21 -10.27 -6.56
N SER C 10 11.48 -9.86 -7.59
CA SER C 10 11.45 -10.64 -8.82
C SER C 10 12.79 -10.57 -9.56
N ARG C 11 13.50 -9.44 -9.46
CA ARG C 11 14.73 -9.25 -10.18
C ARG C 11 15.95 -9.07 -9.28
N THR C 12 15.87 -8.18 -8.29
CA THR C 12 17.04 -7.89 -7.46
C THR C 12 17.37 -9.06 -6.55
N PHE C 13 16.37 -9.63 -5.87
CA PHE C 13 16.57 -10.72 -4.92
C PHE C 13 15.65 -11.86 -5.29
N PRO C 14 15.97 -12.60 -6.35
CA PRO C 14 15.07 -13.70 -6.77
C PRO C 14 14.86 -14.76 -5.71
N ASN C 15 15.86 -15.00 -4.86
CA ASN C 15 15.75 -15.99 -3.80
C ASN C 15 15.34 -15.39 -2.46
N GLY C 16 15.44 -14.08 -2.30
CA GLY C 16 14.93 -13.42 -1.12
C GLY C 16 15.95 -13.33 0.00
N PHE C 17 15.62 -12.50 0.99
CA PHE C 17 16.43 -12.30 2.18
C PHE C 17 15.52 -12.16 3.38
N THR C 18 16.09 -12.35 4.57
CA THR C 18 15.35 -12.31 5.82
C THR C 18 15.82 -11.15 6.69
N VAL C 19 14.90 -10.58 7.45
CA VAL C 19 15.19 -9.48 8.37
C VAL C 19 14.66 -9.87 9.75
N THR C 20 15.49 -9.68 10.78
CA THR C 20 15.13 -10.06 12.13
C THR C 20 15.32 -8.95 13.15
N GLU C 21 16.03 -7.87 12.82
CA GLU C 21 16.27 -6.76 13.74
C GLU C 21 15.20 -5.70 13.50
N GLU C 22 14.25 -5.61 14.43
CA GLU C 22 13.06 -4.78 14.25
C GLU C 22 13.15 -3.46 15.01
N PHE C 23 14.29 -3.14 15.61
CA PHE C 23 14.57 -1.83 16.21
C PHE C 23 13.75 -1.59 17.47
N ALA C 24 14.15 -0.60 18.27
CA ALA C 24 13.80 -0.54 19.69
C ALA C 24 12.55 0.28 19.98
N ASP C 25 12.55 1.59 19.70
CA ASP C 25 11.45 2.41 20.20
C ASP C 25 10.46 2.79 19.11
N ALA C 26 10.79 2.52 17.86
CA ALA C 26 9.81 2.68 16.80
C ALA C 26 8.84 1.50 16.79
N ASP C 27 7.77 1.64 16.02
CA ASP C 27 6.81 0.55 15.86
C ASP C 27 7.16 -0.26 14.63
N PRO C 28 7.63 -1.50 14.78
CA PRO C 28 7.82 -2.35 13.61
C PRO C 28 6.50 -2.91 13.13
N ILE C 29 6.43 -3.21 11.83
CA ILE C 29 5.28 -3.86 11.22
C ILE C 29 4.03 -3.06 11.57
N ASP C 30 3.96 -1.81 11.14
CA ASP C 30 2.79 -0.99 11.39
C ASP C 30 1.90 -0.93 10.15
N SER C 31 0.60 -0.84 10.38
CA SER C 31 -0.38 -0.80 9.30
C SER C 31 -1.48 0.20 9.63
N PRO C 32 -1.73 1.17 8.76
CA PRO C 32 -2.79 2.14 9.00
C PRO C 32 -4.17 1.50 8.85
N PRO C 33 -5.21 2.13 9.38
CA PRO C 33 -6.56 1.55 9.24
C PRO C 33 -7.01 1.54 7.78
N PHE C 34 -7.86 0.57 7.46
CA PHE C 34 -8.32 0.32 6.11
C PHE C 34 -9.78 0.75 5.98
N ALA C 35 -10.07 1.60 5.00
CA ALA C 35 -11.42 2.06 4.73
C ALA C 35 -12.04 1.19 3.64
N ALA C 36 -13.25 0.69 3.91
CA ALA C 36 -13.88 -0.26 3.01
C ALA C 36 -15.19 0.20 2.42
N ALA C 37 -15.89 1.15 3.04
CA ALA C 37 -17.18 1.58 2.54
C ALA C 37 -17.45 3.02 2.95
N ASP C 38 -18.37 3.65 2.24
CA ASP C 38 -18.84 4.99 2.54
C ASP C 38 -20.35 5.02 2.44
N THR C 39 -20.97 5.95 3.18
CA THR C 39 -22.41 6.02 3.27
C THR C 39 -22.89 7.44 3.02
N GLY C 40 -24.15 7.55 2.65
CA GLY C 40 -24.81 8.84 2.54
C GLY C 40 -26.26 8.72 2.94
N ALA C 41 -26.77 9.76 3.58
CA ALA C 41 -28.16 9.81 4.03
C ALA C 41 -28.90 10.87 3.24
N GLY C 42 -29.98 10.47 2.58
CA GLY C 42 -30.77 11.41 1.84
C GLY C 42 -31.87 12.03 2.68
N LEU C 43 -32.62 12.94 2.06
CA LEU C 43 -33.78 13.52 2.74
C LEU C 43 -34.81 12.43 2.97
N ASN C 44 -35.53 12.55 4.08
CA ASN C 44 -36.55 11.63 4.60
C ASN C 44 -35.92 10.39 5.22
N GLY C 45 -34.59 10.34 5.39
CA GLY C 45 -33.96 9.30 6.16
C GLY C 45 -33.44 8.10 5.41
N ASP C 46 -33.53 8.10 4.08
CA ASP C 46 -33.01 6.97 3.31
C ASP C 46 -31.49 6.94 3.39
N MET C 47 -30.94 5.74 3.49
CA MET C 47 -29.50 5.54 3.60
C MET C 47 -29.00 4.74 2.39
N VAL C 48 -27.91 5.20 1.79
CA VAL C 48 -27.27 4.52 0.66
C VAL C 48 -25.82 4.25 1.02
N VAL C 49 -25.30 3.12 0.59
CA VAL C 49 -23.95 2.69 0.91
C VAL C 49 -23.28 2.17 -0.35
N TRP C 50 -21.99 2.48 -0.49
CA TRP C 50 -21.17 2.00 -1.59
C TRP C 50 -19.81 1.59 -1.08
N ASN C 51 -19.09 0.81 -1.88
CA ASN C 51 -17.80 0.24 -1.50
C ASN C 51 -16.68 1.15 -2.00
N ARG C 52 -15.72 1.42 -1.13
CA ARG C 52 -14.51 2.12 -1.53
C ARG C 52 -13.40 1.12 -1.84
N ALA C 53 -12.42 1.56 -2.63
CA ALA C 53 -11.32 0.72 -3.07
C ALA C 53 -10.02 1.19 -2.43
N ASN C 54 -9.33 0.28 -1.75
CA ASN C 54 -8.08 0.59 -1.09
C ASN C 54 -7.20 -0.65 -1.10
N ILE C 55 -5.93 -0.47 -0.74
CA ILE C 55 -4.96 -1.55 -0.73
C ILE C 55 -4.22 -1.55 0.60
N LEU C 56 -3.57 -2.68 0.89
CA LEU C 56 -2.87 -2.85 2.16
C LEU C 56 -1.57 -2.06 2.18
N GLU C 57 -1.26 -1.48 3.35
CA GLU C 57 -0.06 -0.68 3.55
C GLU C 57 0.67 -1.17 4.79
N VAL C 58 1.99 -1.25 4.71
CA VAL C 58 2.82 -1.78 5.80
C VAL C 58 4.14 -1.04 5.83
N VAL C 59 4.66 -0.81 7.03
CA VAL C 59 5.94 -0.12 7.25
C VAL C 59 6.69 -0.84 8.37
N VAL C 60 8.00 -1.04 8.18
CA VAL C 60 8.82 -1.79 9.12
C VAL C 60 10.09 -0.99 9.43
N ASN C 61 10.36 -0.80 10.72
CA ASN C 61 11.53 -0.06 11.18
C ASN C 61 12.65 -1.03 11.54
N VAL C 62 13.89 -0.69 11.17
CA VAL C 62 15.03 -1.57 11.34
C VAL C 62 16.20 -0.81 11.96
N ILE C 63 17.17 -1.58 12.45
CA ILE C 63 18.38 -1.06 13.07
C ILE C 63 19.25 -0.40 11.99
N PRO C 64 19.91 0.72 12.29
CA PRO C 64 20.64 1.44 11.24
C PRO C 64 21.72 0.65 10.53
N ASN C 65 22.43 -0.26 11.22
CA ASN C 65 23.53 -1.00 10.61
C ASN C 65 23.33 -2.50 10.83
N THR C 66 22.55 -3.12 9.94
CA THR C 66 22.30 -4.55 9.97
C THR C 66 22.18 -5.05 8.53
N GLU C 67 22.30 -6.38 8.38
CA GLU C 67 22.24 -6.96 7.04
C GLU C 67 20.88 -6.73 6.39
N GLY C 68 19.79 -6.90 7.15
CA GLY C 68 18.48 -6.66 6.59
C GLY C 68 18.28 -5.23 6.15
N GLU C 69 18.76 -4.27 6.96
CA GLU C 69 18.69 -2.87 6.59
C GLU C 69 19.48 -2.60 5.32
N ARG C 70 20.66 -3.20 5.19
CA ARG C 70 21.47 -3.00 4.00
C ARG C 70 20.79 -3.56 2.77
N ASN C 71 20.15 -4.73 2.88
CA ASN C 71 19.41 -5.29 1.75
C ASN C 71 18.23 -4.40 1.38
N LEU C 72 17.53 -3.87 2.39
CA LEU C 72 16.41 -2.97 2.10
C LEU C 72 16.89 -1.72 1.39
N ALA C 73 18.03 -1.17 1.82
CA ALA C 73 18.59 0.00 1.15
C ALA C 73 18.98 -0.33 -0.29
N VAL C 74 19.54 -1.52 -0.50
CA VAL C 74 19.89 -1.95 -1.86
C VAL C 74 18.64 -2.00 -2.74
N LEU C 75 17.56 -2.57 -2.21
CA LEU C 75 16.31 -2.64 -2.97
C LEU C 75 15.79 -1.24 -3.32
N LEU C 76 15.75 -0.35 -2.33
CA LEU C 76 15.23 0.99 -2.58
C LEU C 76 16.09 1.74 -3.59
N ASP C 77 17.41 1.61 -3.49
CA ASP C 77 18.29 2.27 -4.45
C ASP C 77 18.13 1.67 -5.85
N ALA C 78 17.87 0.38 -5.92
CA ALA C 78 17.65 -0.26 -7.22
C ALA C 78 16.39 0.28 -7.89
N ASN C 79 15.32 0.48 -7.12
CA ASN C 79 14.06 0.92 -7.73
C ASN C 79 13.96 2.43 -7.83
N ARG C 80 14.92 3.16 -7.27
CA ARG C 80 14.80 4.60 -7.16
C ARG C 80 14.92 5.28 -8.53
N THR C 81 14.51 6.54 -8.59
CA THR C 81 14.65 7.38 -9.77
C THR C 81 15.80 8.37 -9.55
N GLY C 82 16.69 8.47 -10.53
CA GLY C 82 17.87 9.31 -10.37
C GLY C 82 18.37 9.81 -11.70
N LYS C 83 19.31 10.75 -11.62
CA LYS C 83 19.89 11.41 -12.78
C LYS C 83 20.30 10.45 -13.88
N ASP C 84 21.28 9.58 -13.62
CA ASP C 84 21.73 8.58 -14.57
C ASP C 84 21.90 7.26 -13.83
N LYS C 85 20.81 6.50 -13.76
CA LYS C 85 20.81 5.20 -13.12
C LYS C 85 19.71 4.34 -13.72
N SER C 86 19.97 3.06 -13.89
CA SER C 86 18.96 2.15 -14.41
C SER C 86 17.91 1.87 -13.36
N GLY C 87 16.66 1.79 -13.80
CA GLY C 87 15.56 1.48 -12.91
C GLY C 87 14.99 0.11 -13.15
N ALA C 88 15.18 -0.80 -12.21
CA ALA C 88 14.73 -2.18 -12.33
C ALA C 88 13.31 -2.28 -11.79
N ARG C 89 12.36 -2.55 -12.66
CA ARG C 89 10.95 -2.66 -12.28
C ARG C 89 10.70 -4.08 -11.80
N ASP C 90 10.63 -4.25 -10.48
CA ASP C 90 10.42 -5.55 -9.87
C ASP C 90 9.30 -5.49 -8.83
N VAL C 91 8.55 -6.57 -8.71
CA VAL C 91 7.49 -6.67 -7.72
C VAL C 91 8.01 -7.44 -6.51
N VAL C 92 7.68 -6.95 -5.32
CA VAL C 92 8.19 -7.51 -4.07
C VAL C 92 7.12 -8.33 -3.40
N GLY C 93 7.53 -9.32 -2.63
CA GLY C 93 6.62 -10.11 -1.84
C GLY C 93 7.11 -10.24 -0.41
N LEU C 94 6.17 -10.31 0.51
CA LEU C 94 6.47 -10.34 1.94
C LEU C 94 5.65 -11.43 2.60
N VAL C 95 6.33 -12.25 3.42
CA VAL C 95 5.68 -13.22 4.28
C VAL C 95 6.15 -12.98 5.70
N VAL C 96 5.21 -12.93 6.64
CA VAL C 96 5.50 -12.65 8.04
C VAL C 96 5.15 -13.89 8.85
N ALA C 97 6.11 -14.39 9.61
CA ALA C 97 5.91 -15.55 10.47
C ALA C 97 5.89 -15.09 11.92
N MET C 98 4.75 -15.20 12.56
CA MET C 98 4.57 -14.80 13.94
C MET C 98 4.73 -16.01 14.85
N PRO C 99 4.96 -15.79 16.14
CA PRO C 99 4.93 -16.91 17.10
C PRO C 99 3.55 -17.56 17.11
N ASP C 100 3.55 -18.87 17.31
CA ASP C 100 2.33 -19.69 17.25
C ASP C 100 1.70 -19.62 15.85
N GLY C 101 2.47 -20.02 14.84
CA GLY C 101 1.94 -20.08 13.49
C GLY C 101 1.57 -18.70 12.96
N SER C 102 0.40 -18.62 12.34
CA SER C 102 -0.16 -17.36 11.84
C SER C 102 0.76 -16.73 10.79
N LYS C 103 0.95 -17.43 9.68
CA LYS C 103 1.67 -16.86 8.55
C LYS C 103 0.76 -15.93 7.75
N ILE C 104 1.30 -14.79 7.34
CA ILE C 104 0.60 -13.82 6.52
C ILE C 104 1.45 -13.52 5.29
N THR C 105 0.86 -13.57 4.12
CA THR C 105 1.57 -13.44 2.86
C THR C 105 0.98 -12.33 2.02
N CYS C 106 1.84 -11.46 1.49
CA CYS C 106 1.45 -10.40 0.57
C CYS C 106 2.15 -10.62 -0.75
N THR C 107 1.39 -10.56 -1.85
CA THR C 107 1.89 -11.04 -3.14
C THR C 107 2.51 -9.94 -4.00
N ASN C 108 1.71 -8.96 -4.41
CA ASN C 108 2.20 -7.97 -5.35
C ASN C 108 2.37 -6.62 -4.66
N GLY C 109 3.57 -6.05 -4.76
CA GLY C 109 3.85 -4.82 -4.04
C GLY C 109 5.10 -4.14 -4.59
N THR C 110 5.41 -3.00 -3.98
CA THR C 110 6.51 -2.16 -4.43
C THR C 110 6.94 -1.27 -3.27
N PRO C 111 8.22 -0.88 -3.21
CA PRO C 111 8.64 0.10 -2.21
C PRO C 111 8.03 1.46 -2.48
N ILE C 112 7.80 2.22 -1.41
CA ILE C 112 7.18 3.52 -1.50
C ILE C 112 8.06 4.62 -0.91
N ASP C 113 8.61 4.40 0.29
CA ASP C 113 9.27 5.45 1.03
C ASP C 113 10.53 4.90 1.68
N GLY C 114 11.46 5.81 1.97
CA GLY C 114 12.70 5.43 2.61
C GLY C 114 13.52 6.66 2.94
N VAL C 115 14.70 6.43 3.50
CA VAL C 115 15.65 7.48 3.83
C VAL C 115 16.98 7.14 3.18
N LEU C 116 17.55 8.10 2.44
CA LEU C 116 18.70 7.80 1.61
C LEU C 116 19.97 7.58 2.42
N ILE C 117 20.23 8.46 3.40
CA ILE C 117 21.47 8.42 4.16
C ILE C 117 21.18 8.39 5.64
N ASN C 118 22.16 7.93 6.42
CA ASN C 118 22.01 7.88 7.86
C ASN C 118 22.05 9.28 8.46
N ALA C 119 21.26 9.48 9.51
CA ALA C 119 21.19 10.75 10.22
C ALA C 119 21.44 10.51 11.70
N VAL C 120 22.14 11.44 12.34
CA VAL C 120 22.47 11.34 13.76
C VAL C 120 21.52 12.24 14.54
N ALA C 121 20.99 11.72 15.64
CA ALA C 121 20.08 12.46 16.49
C ALA C 121 20.85 13.38 17.43
N SER C 122 20.09 14.14 18.22
CA SER C 122 20.71 15.11 19.14
C SER C 122 21.53 14.40 20.22
N VAL C 123 21.02 13.29 20.75
CA VAL C 123 21.70 12.59 21.83
C VAL C 123 23.05 12.04 21.38
N GLY C 124 23.21 11.78 20.08
CA GLY C 124 24.45 11.25 19.55
C GLY C 124 24.37 9.85 18.99
N ARG C 125 23.18 9.36 18.67
CA ARG C 125 22.98 8.02 18.13
C ARG C 125 22.43 8.10 16.72
N LEU C 126 22.66 7.04 15.95
CA LEU C 126 22.12 6.95 14.60
C LEU C 126 20.60 6.78 14.66
N LYS C 127 19.91 7.35 13.66
CA LYS C 127 18.46 7.30 13.62
C LYS C 127 18.00 6.04 12.88
N THR C 128 16.74 5.68 13.11
CA THR C 128 16.16 4.48 12.51
C THR C 128 15.68 4.75 11.09
N LYS C 129 15.20 3.69 10.44
CA LYS C 129 14.86 3.72 9.02
C LYS C 129 13.41 3.30 8.81
N PRO C 130 12.56 4.15 8.21
CA PRO C 130 11.13 3.80 8.09
C PRO C 130 10.83 2.66 7.12
N TYR C 131 11.23 2.77 5.85
CA TYR C 131 11.01 1.72 4.84
C TYR C 131 9.54 1.32 4.73
N ARG C 132 8.74 2.21 4.15
CA ARG C 132 7.34 1.97 3.89
C ARG C 132 7.14 1.06 2.67
N PHE C 133 6.02 0.33 2.66
CA PHE C 133 5.66 -0.57 1.57
C PHE C 133 4.16 -0.52 1.33
N ARG C 134 3.74 -0.98 0.15
CA ARG C 134 2.34 -1.19 -0.20
C ARG C 134 2.19 -2.47 -0.98
N PHE C 135 1.04 -3.14 -0.80
CA PHE C 135 0.81 -4.45 -1.40
C PHE C 135 -0.62 -4.53 -1.93
N GLU C 136 -0.86 -5.51 -2.81
CA GLU C 136 -2.17 -5.61 -3.46
C GLU C 136 -3.01 -6.72 -2.84
N LYS C 137 -2.48 -7.94 -2.78
CA LYS C 137 -3.24 -9.10 -2.31
C LYS C 137 -2.63 -9.62 -1.01
N VAL C 138 -3.49 -9.98 -0.07
CA VAL C 138 -3.08 -10.53 1.22
C VAL C 138 -3.88 -11.79 1.49
N ILE C 139 -3.20 -12.85 1.91
CA ILE C 139 -3.83 -14.12 2.27
C ILE C 139 -3.37 -14.49 3.67
N LYS C 140 -4.32 -14.89 4.52
CA LYS C 140 -4.03 -15.32 5.89
C LYS C 140 -4.16 -16.83 5.96
N ALA C 141 -3.06 -17.51 6.26
CA ALA C 141 -3.03 -18.97 6.26
C ALA C 141 -2.77 -19.54 7.65
N GLY C 142 -2.87 -18.72 8.69
CA GLY C 142 -2.57 -19.19 10.03
C GLY C 142 -3.64 -18.91 11.05
N THR C 143 -4.90 -19.07 10.67
CA THR C 143 -5.99 -18.85 11.63
C THR C 143 -5.93 -19.86 12.77
N SER C 144 -5.26 -20.99 12.54
CA SER C 144 -5.09 -22.01 13.57
C SER C 144 -4.31 -21.47 14.77
N PHE D 1 -24.58 25.70 43.09
CA PHE D 1 -24.80 24.41 43.74
C PHE D 1 -26.29 24.06 43.71
N GLY D 2 -27.13 24.99 44.12
CA GLY D 2 -28.56 24.79 44.05
C GLY D 2 -29.16 25.28 42.74
N SER D 3 -28.79 24.63 41.64
CA SER D 3 -29.20 25.06 40.31
C SER D 3 -30.11 24.02 39.67
N ILE D 4 -31.21 24.48 39.07
CA ILE D 4 -32.17 23.62 38.40
C ILE D 4 -32.51 24.21 37.04
N CYS D 5 -33.00 23.36 36.15
CA CYS D 5 -33.45 23.77 34.83
C CYS D 5 -34.80 23.13 34.55
N ALA D 6 -35.77 23.93 34.14
CA ALA D 6 -37.10 23.44 33.76
C ALA D 6 -37.26 23.58 32.25
N PHE D 7 -37.47 22.44 31.59
CA PHE D 7 -37.62 22.38 30.14
C PHE D 7 -39.09 22.18 29.81
N THR D 8 -39.59 22.96 28.83
CA THR D 8 -40.95 22.81 28.35
C THR D 8 -40.95 22.67 26.83
N ALA D 9 -41.87 21.86 26.31
CA ALA D 9 -42.03 21.65 24.88
C ALA D 9 -43.49 21.87 24.51
N SER D 10 -43.72 22.40 23.30
CA SER D 10 -45.07 22.76 22.91
C SER D 10 -45.96 21.54 22.72
N ARG D 11 -45.38 20.44 22.23
CA ARG D 11 -46.15 19.23 21.94
C ARG D 11 -45.77 18.05 22.81
N THR D 12 -44.49 17.72 22.89
CA THR D 12 -44.07 16.52 23.62
C THR D 12 -44.28 16.66 25.11
N PHE D 13 -43.88 17.78 25.70
CA PHE D 13 -43.97 18.02 27.14
C PHE D 13 -44.68 19.35 27.38
N PRO D 14 -46.00 19.40 27.17
CA PRO D 14 -46.71 20.68 27.36
C PRO D 14 -46.60 21.23 28.76
N ASN D 15 -46.53 20.37 29.77
CA ASN D 15 -46.41 20.82 31.16
C ASN D 15 -44.97 20.92 31.63
N GLY D 16 -44.02 20.37 30.88
CA GLY D 16 -42.61 20.53 31.19
C GLY D 16 -42.08 19.49 32.15
N PHE D 17 -40.76 19.45 32.26
CA PHE D 17 -40.06 18.57 33.18
C PHE D 17 -38.83 19.29 33.71
N THR D 18 -38.30 18.79 34.82
CA THR D 18 -37.16 19.41 35.50
C THR D 18 -35.97 18.45 35.50
N VAL D 19 -34.78 19.02 35.40
CA VAL D 19 -33.53 18.27 35.43
C VAL D 19 -32.64 18.86 36.52
N THR D 20 -32.04 17.99 37.33
CA THR D 20 -31.21 18.43 38.45
C THR D 20 -29.83 17.79 38.49
N GLU D 21 -29.59 16.73 37.73
CA GLU D 21 -28.30 16.04 37.73
C GLU D 21 -27.44 16.63 36.62
N GLU D 22 -26.51 17.51 37.00
CA GLU D 22 -25.71 18.26 36.04
C GLU D 22 -24.34 17.64 35.79
N PHE D 23 -24.05 16.50 36.40
CA PHE D 23 -22.89 15.67 36.11
C PHE D 23 -21.58 16.33 36.58
N ALA D 24 -20.49 15.56 36.61
CA ALA D 24 -19.35 15.87 37.47
C ALA D 24 -18.21 16.57 36.75
N ASP D 25 -17.58 15.94 35.75
CA ASP D 25 -16.34 16.53 35.21
C ASP D 25 -16.58 17.26 33.90
N ALA D 26 -17.75 17.09 33.30
CA ALA D 26 -18.11 17.91 32.15
C ALA D 26 -18.52 19.30 32.61
N ASP D 27 -18.68 20.20 31.64
CA ASP D 27 -19.15 21.55 31.93
C ASP D 27 -20.66 21.63 31.73
N PRO D 28 -21.45 21.76 32.79
CA PRO D 28 -22.89 21.96 32.61
C PRO D 28 -23.19 23.42 32.30
N ILE D 29 -24.26 23.63 31.54
CA ILE D 29 -24.77 24.97 31.24
C ILE D 29 -23.62 25.79 30.65
N ASP D 30 -23.11 25.37 29.51
CA ASP D 30 -22.03 26.10 28.86
C ASP D 30 -22.59 26.95 27.72
N SER D 31 -21.94 28.09 27.47
CA SER D 31 -22.35 29.01 26.41
C SER D 31 -21.14 29.60 25.71
N PRO D 32 -21.06 29.45 24.40
CA PRO D 32 -19.93 30.01 23.65
C PRO D 32 -20.01 31.53 23.60
N PRO D 33 -18.89 32.20 23.30
CA PRO D 33 -18.92 33.66 23.20
C PRO D 33 -19.80 34.14 22.06
N PHE D 34 -20.37 35.32 22.25
CA PHE D 34 -21.35 35.89 21.34
C PHE D 34 -20.72 37.06 20.60
N ALA D 35 -20.79 37.02 19.27
CA ALA D 35 -20.27 38.10 18.42
C ALA D 35 -21.40 39.05 18.06
N ALA D 36 -21.18 40.34 18.28
CA ALA D 36 -22.24 41.33 18.11
C ALA D 36 -21.97 42.35 17.01
N ALA D 37 -20.71 42.57 16.64
CA ALA D 37 -20.40 43.59 15.64
C ALA D 37 -19.10 43.26 14.94
N ASP D 38 -18.90 43.89 13.79
CA ASP D 38 -17.68 43.76 13.01
C ASP D 38 -17.26 45.14 12.53
N THR D 39 -15.96 45.30 12.28
CA THR D 39 -15.39 46.59 11.93
C THR D 39 -14.47 46.45 10.72
N GLY D 40 -14.26 47.57 10.06
CA GLY D 40 -13.27 47.65 9.00
C GLY D 40 -12.66 49.04 8.98
N ALA D 41 -11.39 49.10 8.59
CA ALA D 41 -10.65 50.35 8.50
C ALA D 41 -10.25 50.60 7.06
N GLY D 42 -10.70 51.73 6.52
CA GLY D 42 -10.33 52.09 5.17
C GLY D 42 -9.02 52.83 5.09
N LEU D 43 -8.65 53.20 3.87
CA LEU D 43 -7.45 54.00 3.69
C LEU D 43 -7.63 55.35 4.35
N ASN D 44 -6.54 55.91 4.87
CA ASN D 44 -6.44 57.18 5.59
C ASN D 44 -7.00 57.07 7.00
N GLY D 45 -7.30 55.88 7.50
CA GLY D 45 -7.62 55.68 8.89
C GLY D 45 -9.09 55.74 9.26
N ASP D 46 -9.99 55.89 8.28
CA ASP D 46 -11.42 55.93 8.59
C ASP D 46 -11.89 54.57 9.08
N MET D 47 -12.77 54.57 10.09
CA MET D 47 -13.27 53.35 10.71
C MET D 47 -14.76 53.24 10.49
N VAL D 48 -15.22 52.08 10.06
CA VAL D 48 -16.62 51.78 9.83
C VAL D 48 -16.99 50.54 10.62
N VAL D 49 -18.19 50.52 11.17
CA VAL D 49 -18.66 49.43 12.04
C VAL D 49 -20.08 49.06 11.66
N TRP D 50 -20.37 47.75 11.65
CA TRP D 50 -21.70 47.25 11.39
C TRP D 50 -22.03 46.14 12.37
N ASN D 51 -23.31 45.84 12.50
CA ASN D 51 -23.82 44.86 13.47
C ASN D 51 -23.93 43.49 12.82
N ARG D 52 -23.43 42.47 13.50
CA ARG D 52 -23.64 41.10 13.06
C ARG D 52 -24.84 40.50 13.78
N ALA D 53 -25.40 39.45 13.19
CA ALA D 53 -26.60 38.81 13.71
C ALA D 53 -26.26 37.40 14.18
N ASN D 54 -26.54 37.13 15.46
CA ASN D 54 -26.28 35.83 16.05
C ASN D 54 -27.38 35.54 17.07
N ILE D 55 -27.41 34.29 17.54
CA ILE D 55 -28.40 33.83 18.51
C ILE D 55 -27.69 33.10 19.65
N LEU D 56 -28.41 32.98 20.77
CA LEU D 56 -27.85 32.36 21.96
C LEU D 56 -27.77 30.85 21.82
N GLU D 57 -26.70 30.27 22.34
CA GLU D 57 -26.46 28.83 22.28
C GLU D 57 -26.09 28.32 23.67
N VAL D 58 -26.64 27.16 24.04
CA VAL D 58 -26.46 26.60 25.37
C VAL D 58 -26.37 25.07 25.26
N VAL D 59 -25.54 24.47 26.10
CA VAL D 59 -25.34 23.02 26.15
C VAL D 59 -25.26 22.59 27.61
N VAL D 60 -25.93 21.48 27.93
CA VAL D 60 -26.01 20.99 29.31
C VAL D 60 -25.67 19.50 29.34
N ASN D 61 -24.74 19.13 30.21
CA ASN D 61 -24.30 17.74 30.35
C ASN D 61 -25.01 17.09 31.53
N VAL D 62 -25.42 15.83 31.35
CA VAL D 62 -26.22 15.12 32.34
C VAL D 62 -25.66 13.72 32.56
N ILE D 63 -26.06 13.13 33.68
CA ILE D 63 -25.66 11.78 34.08
C ILE D 63 -26.33 10.76 33.18
N PRO D 64 -25.63 9.67 32.81
CA PRO D 64 -26.17 8.76 31.77
C PRO D 64 -27.53 8.14 32.08
N ASN D 65 -27.83 7.81 33.33
CA ASN D 65 -29.08 7.11 33.66
C ASN D 65 -29.83 7.89 34.74
N THR D 66 -30.59 8.90 34.31
CA THR D 66 -31.40 9.72 35.20
C THR D 66 -32.68 10.10 34.48
N GLU D 67 -33.67 10.54 35.26
CA GLU D 67 -34.96 10.90 34.68
C GLU D 67 -34.84 12.07 33.71
N GLY D 68 -34.06 13.09 34.08
CA GLY D 68 -33.88 14.22 33.18
C GLY D 68 -33.20 13.83 31.89
N GLU D 69 -32.18 12.97 31.98
CA GLU D 69 -31.52 12.50 30.77
C GLU D 69 -32.47 11.71 29.89
N ARG D 70 -33.32 10.87 30.49
CA ARG D 70 -34.27 10.09 29.71
C ARG D 70 -35.29 10.98 29.02
N ASN D 71 -35.76 12.03 29.71
CA ASN D 71 -36.68 12.96 29.08
C ASN D 71 -36.01 13.72 27.93
N LEU D 72 -34.75 14.11 28.12
CA LEU D 72 -34.04 14.79 27.05
C LEU D 72 -33.86 13.88 25.84
N ALA D 73 -33.55 12.60 26.09
CA ALA D 73 -33.44 11.64 25.00
C ALA D 73 -34.77 11.47 24.28
N VAL D 74 -35.88 11.43 25.04
CA VAL D 74 -37.19 11.31 24.44
C VAL D 74 -37.46 12.51 23.53
N LEU D 75 -37.15 13.71 24.00
CA LEU D 75 -37.35 14.91 23.18
C LEU D 75 -36.53 14.84 21.90
N LEU D 76 -35.24 14.50 22.01
CA LEU D 76 -34.40 14.44 20.83
C LEU D 76 -34.88 13.39 19.84
N ASP D 77 -35.30 12.22 20.35
CA ASP D 77 -35.80 11.17 19.46
C ASP D 77 -37.10 11.60 18.79
N ALA D 78 -37.95 12.33 19.51
CA ALA D 78 -39.19 12.80 18.91
C ALA D 78 -38.93 13.79 17.79
N ASN D 79 -37.97 14.68 17.96
CA ASN D 79 -37.74 15.70 16.94
C ASN D 79 -36.86 15.21 15.81
N ARG D 80 -36.17 14.08 16.00
CA ARG D 80 -35.17 13.61 15.06
C ARG D 80 -35.82 13.15 13.75
N THR D 81 -35.03 13.16 12.68
CA THR D 81 -35.43 12.62 11.38
C THR D 81 -34.91 11.19 11.25
N GLY D 82 -35.65 10.36 10.52
CA GLY D 82 -35.30 8.96 10.39
C GLY D 82 -36.03 8.31 9.25
N LYS D 83 -35.66 7.05 8.99
CA LYS D 83 -36.20 6.26 7.89
C LYS D 83 -37.72 6.31 7.86
N ASP D 84 -38.37 5.80 8.89
CA ASP D 84 -39.84 5.81 8.98
C ASP D 84 -40.22 6.15 10.41
N LYS D 85 -40.38 7.44 10.68
CA LYS D 85 -40.80 7.94 11.98
C LYS D 85 -41.43 9.31 11.82
N SER D 86 -42.44 9.59 12.62
CA SER D 86 -43.07 10.90 12.58
C SER D 86 -42.16 11.94 13.22
N GLY D 87 -42.17 13.14 12.65
CA GLY D 87 -41.40 14.24 13.19
C GLY D 87 -42.29 15.32 13.78
N ALA D 88 -42.24 15.47 15.10
CA ALA D 88 -43.06 16.45 15.79
C ALA D 88 -42.30 17.77 15.87
N ARG D 89 -42.74 18.75 15.09
CA ARG D 89 -42.09 20.06 15.05
C ARG D 89 -42.60 20.88 16.22
N ASP D 90 -41.82 20.97 17.28
CA ASP D 90 -42.22 21.65 18.50
C ASP D 90 -41.15 22.66 18.93
N VAL D 91 -41.60 23.73 19.56
CA VAL D 91 -40.71 24.76 20.07
C VAL D 91 -40.51 24.54 21.56
N VAL D 92 -39.25 24.64 22.02
CA VAL D 92 -38.89 24.33 23.39
C VAL D 92 -38.58 25.61 24.13
N GLY D 93 -38.78 25.60 25.44
CA GLY D 93 -38.42 26.72 26.28
C GLY D 93 -37.64 26.26 27.48
N LEU D 94 -36.77 27.13 27.98
CA LEU D 94 -35.89 26.82 29.10
C LEU D 94 -35.86 27.98 30.08
N VAL D 95 -36.01 27.66 31.36
CA VAL D 95 -35.82 28.64 32.44
C VAL D 95 -34.82 28.05 33.43
N VAL D 96 -33.83 28.86 33.79
CA VAL D 96 -32.75 28.42 34.68
C VAL D 96 -32.85 29.21 35.97
N ALA D 97 -32.96 28.51 37.10
CA ALA D 97 -33.03 29.12 38.41
C ALA D 97 -31.71 28.90 39.13
N MET D 98 -31.00 29.99 39.40
CA MET D 98 -29.72 29.94 40.08
C MET D 98 -29.91 30.24 41.57
N PRO D 99 -28.94 29.88 42.40
CA PRO D 99 -28.99 30.31 43.80
C PRO D 99 -28.97 31.83 43.89
N ASP D 100 -29.70 32.35 44.89
CA ASP D 100 -29.89 33.79 45.07
C ASP D 100 -30.63 34.40 43.87
N GLY D 101 -31.82 33.88 43.59
CA GLY D 101 -32.63 34.44 42.52
C GLY D 101 -31.98 34.28 41.17
N SER D 102 -32.02 35.35 40.37
CA SER D 102 -31.37 35.41 39.06
C SER D 102 -31.95 34.36 38.12
N LYS D 103 -33.24 34.47 37.83
CA LYS D 103 -33.85 33.60 36.84
C LYS D 103 -33.51 34.07 35.42
N ILE D 104 -33.29 33.11 34.53
CA ILE D 104 -33.00 33.38 33.12
C ILE D 104 -33.95 32.54 32.28
N THR D 105 -34.63 33.18 31.33
CA THR D 105 -35.67 32.53 30.55
C THR D 105 -35.35 32.65 29.06
N CYS D 106 -35.47 31.53 28.34
CA CYS D 106 -35.31 31.49 26.90
C CYS D 106 -36.60 30.99 26.28
N THR D 107 -37.07 31.67 25.23
CA THR D 107 -38.42 31.45 24.73
C THR D 107 -38.50 30.45 23.57
N ASN D 108 -37.87 30.79 22.44
CA ASN D 108 -38.03 29.97 21.25
C ASN D 108 -36.73 29.25 20.93
N GLY D 109 -36.80 27.92 20.80
CA GLY D 109 -35.60 27.13 20.60
C GLY D 109 -35.92 25.76 20.07
N THR D 110 -34.85 24.98 19.87
CA THR D 110 -34.97 23.65 19.29
C THR D 110 -33.73 22.85 19.64
N PRO D 111 -33.86 21.53 19.82
CA PRO D 111 -32.68 20.69 20.03
C PRO D 111 -31.86 20.57 18.76
N ILE D 112 -30.55 20.44 18.92
CA ILE D 112 -29.62 20.34 17.81
C ILE D 112 -28.75 19.10 17.88
N ASP D 113 -28.12 18.83 19.02
CA ASP D 113 -27.14 17.76 19.10
C ASP D 113 -27.50 16.81 20.23
N GLY D 114 -26.97 15.59 20.12
CA GLY D 114 -27.14 14.56 21.14
C GLY D 114 -26.36 13.34 20.75
N VAL D 115 -26.42 12.33 21.61
CA VAL D 115 -25.78 11.04 21.36
C VAL D 115 -26.87 9.98 21.42
N LEU D 116 -26.96 9.16 20.37
CA LEU D 116 -28.10 8.26 20.22
C LEU D 116 -28.08 7.14 21.26
N ILE D 117 -26.94 6.51 21.48
CA ILE D 117 -26.84 5.37 22.37
C ILE D 117 -25.72 5.61 23.38
N ASN D 118 -25.79 4.92 24.51
CA ASN D 118 -24.77 5.04 25.53
C ASN D 118 -23.46 4.42 25.07
N ALA D 119 -22.36 5.05 25.48
CA ALA D 119 -21.01 4.58 25.15
C ALA D 119 -20.23 4.40 26.44
N VAL D 120 -19.33 3.41 26.44
CA VAL D 120 -18.52 3.10 27.61
C VAL D 120 -17.08 3.54 27.34
N ALA D 121 -16.47 4.18 28.33
CA ALA D 121 -15.11 4.65 28.21
C ALA D 121 -14.12 3.52 28.50
N SER D 122 -12.83 3.86 28.40
CA SER D 122 -11.79 2.86 28.62
C SER D 122 -11.78 2.36 30.05
N VAL D 123 -11.95 3.28 31.01
CA VAL D 123 -11.91 2.91 32.42
C VAL D 123 -13.03 1.94 32.79
N GLY D 124 -14.15 1.99 32.08
CA GLY D 124 -15.26 1.10 32.36
C GLY D 124 -16.52 1.78 32.85
N ARG D 125 -16.66 3.08 32.64
CA ARG D 125 -17.83 3.83 33.07
C ARG D 125 -18.62 4.30 31.86
N LEU D 126 -19.91 4.55 32.07
CA LEU D 126 -20.75 5.10 31.01
C LEU D 126 -20.34 6.55 30.73
N LYS D 127 -20.53 6.98 29.49
CA LYS D 127 -20.04 8.28 29.07
C LYS D 127 -21.14 9.34 29.19
N THR D 128 -20.74 10.60 28.97
CA THR D 128 -21.56 11.76 29.24
C THR D 128 -22.42 12.10 28.02
N LYS D 129 -23.50 12.87 28.26
CA LYS D 129 -24.45 13.23 27.22
C LYS D 129 -24.44 14.73 26.98
N PRO D 130 -24.04 15.20 25.79
CA PRO D 130 -23.90 16.65 25.58
C PRO D 130 -25.22 17.42 25.51
N TYR D 131 -26.14 17.05 24.63
CA TYR D 131 -27.46 17.69 24.51
C TYR D 131 -27.36 19.21 24.33
N ARG D 132 -26.95 19.60 23.11
CA ARG D 132 -26.83 21.00 22.74
C ARG D 132 -28.19 21.61 22.38
N PHE D 133 -28.31 22.93 22.56
CA PHE D 133 -29.53 23.68 22.27
C PHE D 133 -29.16 25.05 21.70
N ARG D 134 -30.15 25.69 21.07
CA ARG D 134 -30.08 27.10 20.68
C ARG D 134 -31.43 27.76 20.87
N PHE D 135 -31.42 29.06 21.14
CA PHE D 135 -32.63 29.80 21.47
C PHE D 135 -32.63 31.15 20.77
N GLU D 136 -33.81 31.79 20.73
CA GLU D 136 -33.96 33.03 19.99
C GLU D 136 -33.93 34.24 20.90
N LYS D 137 -34.83 34.30 21.89
CA LYS D 137 -34.94 35.45 22.78
C LYS D 137 -34.56 35.03 24.19
N VAL D 138 -33.84 35.91 24.89
CA VAL D 138 -33.46 35.71 26.28
C VAL D 138 -33.84 36.97 27.06
N ILE D 139 -34.47 36.77 28.22
CA ILE D 139 -34.86 37.85 29.11
C ILE D 139 -34.34 37.53 30.51
N LYS D 140 -33.84 38.54 31.21
CA LYS D 140 -33.27 38.38 32.54
C LYS D 140 -34.18 39.06 33.55
N ALA D 141 -34.70 38.28 34.50
CA ALA D 141 -35.55 38.82 35.56
C ALA D 141 -34.89 38.67 36.93
N GLY D 142 -33.57 38.74 37.00
CA GLY D 142 -32.85 38.51 38.22
C GLY D 142 -32.07 39.70 38.72
N THR D 143 -32.69 40.89 38.67
CA THR D 143 -32.02 42.10 39.16
C THR D 143 -31.67 41.97 40.64
N SER D 144 -32.52 41.30 41.41
CA SER D 144 -32.27 41.10 42.83
C SER D 144 -31.06 40.21 43.07
N PHE E 1 -1.67 47.26 40.25
CA PHE E 1 -2.52 46.86 41.36
C PHE E 1 -3.66 47.86 41.53
N GLY E 2 -3.34 49.14 41.56
CA GLY E 2 -4.36 50.17 41.64
C GLY E 2 -4.82 50.63 40.26
N SER E 3 -5.42 49.74 39.50
CA SER E 3 -5.84 50.01 38.13
C SER E 3 -7.35 50.22 38.08
N ILE E 4 -7.77 51.26 37.35
CA ILE E 4 -9.17 51.61 37.24
C ILE E 4 -9.50 51.97 35.80
N CYS E 5 -10.71 51.61 35.37
CA CYS E 5 -11.19 51.92 34.03
C CYS E 5 -12.54 52.62 34.13
N ALA E 6 -12.69 53.73 33.42
CA ALA E 6 -13.94 54.48 33.37
C ALA E 6 -14.51 54.39 31.96
N PHE E 7 -15.75 53.93 31.85
CA PHE E 7 -16.43 53.75 30.58
C PHE E 7 -17.51 54.83 30.43
N THR E 8 -17.58 55.43 29.25
CA THR E 8 -18.62 56.40 28.92
C THR E 8 -19.34 55.98 27.65
N ALA E 9 -20.66 56.14 27.64
CA ALA E 9 -21.49 55.86 26.47
C ALA E 9 -22.30 57.10 26.13
N SER E 10 -22.44 57.38 24.83
CA SER E 10 -23.07 58.64 24.42
C SER E 10 -24.55 58.67 24.77
N ARG E 11 -25.21 57.51 24.76
CA ARG E 11 -26.65 57.45 25.01
C ARG E 11 -27.00 56.66 26.26
N THR E 12 -26.46 55.45 26.43
CA THR E 12 -26.84 54.61 27.55
C THR E 12 -26.31 55.16 28.87
N PHE E 13 -25.03 55.53 28.91
CA PHE E 13 -24.38 56.01 30.13
C PHE E 13 -23.71 57.34 29.83
N PRO E 14 -24.49 58.41 29.70
CA PRO E 14 -23.89 59.72 29.36
C PRO E 14 -22.88 60.19 30.40
N ASN E 15 -23.08 59.86 31.66
CA ASN E 15 -22.15 60.26 32.72
C ASN E 15 -21.09 59.21 33.00
N GLY E 16 -21.28 57.98 32.56
CA GLY E 16 -20.25 56.96 32.66
C GLY E 16 -20.32 56.17 33.96
N PHE E 17 -19.59 55.05 33.96
CA PHE E 17 -19.48 54.18 35.12
C PHE E 17 -18.05 53.67 35.22
N THR E 18 -17.69 53.18 36.39
CA THR E 18 -16.34 52.71 36.67
C THR E 18 -16.34 51.21 36.98
N VAL E 19 -15.25 50.55 36.62
CA VAL E 19 -15.07 49.12 36.87
C VAL E 19 -13.73 48.93 37.56
N THR E 20 -13.73 48.13 38.64
CA THR E 20 -12.52 47.90 39.42
C THR E 20 -12.21 46.43 39.66
N GLU E 21 -13.15 45.53 39.44
CA GLU E 21 -12.95 44.09 39.66
C GLU E 21 -12.49 43.47 38.34
N GLU E 22 -11.20 43.15 38.26
CA GLU E 22 -10.58 42.72 37.00
C GLU E 22 -10.40 41.21 36.91
N PHE E 23 -10.93 40.45 37.87
CA PHE E 23 -10.98 38.98 37.81
C PHE E 23 -9.59 38.37 37.98
N ALA E 24 -9.53 37.05 38.25
CA ALA E 24 -8.36 36.45 38.89
C ALA E 24 -7.41 35.78 37.90
N ASP E 25 -7.85 34.77 37.16
CA ASP E 25 -6.90 33.98 36.38
C ASP E 25 -6.94 34.33 34.89
N ALA E 26 -7.93 35.10 34.47
CA ALA E 26 -7.94 35.59 33.10
C ALA E 26 -6.98 36.77 32.95
N ASP E 27 -6.82 37.24 31.72
CA ASP E 27 -5.97 38.39 31.46
C ASP E 27 -6.83 39.63 31.35
N PRO E 28 -6.79 40.56 32.30
CA PRO E 28 -7.50 41.83 32.13
C PRO E 28 -6.70 42.79 31.26
N ILE E 29 -7.42 43.65 30.56
CA ILE E 29 -6.84 44.69 29.71
C ILE E 29 -5.82 44.04 28.78
N ASP E 30 -6.28 43.16 27.90
CA ASP E 30 -5.39 42.53 26.93
C ASP E 30 -5.53 43.21 25.58
N SER E 31 -4.42 43.28 24.84
CA SER E 31 -4.40 43.91 23.53
C SER E 31 -3.54 43.11 22.57
N PRO E 32 -4.10 42.71 21.43
CA PRO E 32 -3.33 41.95 20.44
C PRO E 32 -2.29 42.82 19.77
N PRO E 33 -1.26 42.22 19.15
CA PRO E 33 -0.25 43.03 18.46
C PRO E 33 -0.84 43.79 17.28
N PHE E 34 -0.23 44.93 16.98
CA PHE E 34 -0.70 45.86 15.97
C PHE E 34 0.22 45.79 14.76
N ALA E 35 -0.34 45.56 13.58
CA ALA E 35 0.42 45.52 12.34
C ALA E 35 0.34 46.89 11.66
N ALA E 36 1.50 47.43 11.29
CA ALA E 36 1.57 48.79 10.77
C ALA E 36 2.09 48.89 9.35
N ALA E 37 2.84 47.90 8.85
CA ALA E 37 3.40 47.98 7.52
C ALA E 37 3.61 46.59 6.94
N ASP E 38 3.74 46.54 5.62
CA ASP E 38 4.03 45.32 4.90
C ASP E 38 5.09 45.61 3.86
N THR E 39 5.86 44.58 3.50
CA THR E 39 6.99 44.74 2.60
C THR E 39 6.93 43.70 1.49
N GLY E 40 7.62 44.00 0.39
CA GLY E 40 7.81 43.04 -0.67
C GLY E 40 9.16 43.23 -1.30
N ALA E 41 9.76 42.12 -1.71
CA ALA E 41 11.08 42.12 -2.34
C ALA E 41 10.94 41.69 -3.79
N GLY E 42 11.39 42.54 -4.70
CA GLY E 42 11.34 42.20 -6.10
C GLY E 42 12.59 41.48 -6.56
N LEU E 43 12.59 41.10 -7.84
CA LEU E 43 13.78 40.50 -8.42
C LEU E 43 14.90 41.53 -8.44
N ASN E 44 16.13 41.04 -8.27
CA ASN E 44 17.38 41.80 -8.18
C ASN E 44 17.54 42.47 -6.82
N GLY E 45 16.66 42.20 -5.85
CA GLY E 45 16.87 42.64 -4.49
C GLY E 45 16.22 43.93 -4.08
N ASP E 46 15.44 44.56 -4.96
CA ASP E 46 14.76 45.80 -4.59
C ASP E 46 13.68 45.52 -3.55
N MET E 47 13.54 46.41 -2.59
CA MET E 47 12.57 46.28 -1.51
C MET E 47 11.58 47.43 -1.57
N VAL E 48 10.30 47.12 -1.45
CA VAL E 48 9.22 48.10 -1.44
C VAL E 48 8.42 47.91 -0.16
N VAL E 49 7.96 49.00 0.42
CA VAL E 49 7.23 48.98 1.68
C VAL E 49 6.01 49.89 1.57
N TRP E 50 4.90 49.46 2.16
CA TRP E 50 3.68 50.23 2.22
C TRP E 50 3.05 50.10 3.60
N ASN E 51 2.15 51.03 3.92
CA ASN E 51 1.53 51.12 5.23
C ASN E 51 0.21 50.35 5.23
N ARG E 52 0.00 49.54 6.26
CA ARG E 52 -1.29 48.90 6.46
C ARG E 52 -2.14 49.71 7.44
N ALA E 53 -3.45 49.51 7.37
CA ALA E 53 -4.40 50.25 8.18
C ALA E 53 -5.05 49.30 9.20
N ASN E 54 -4.97 49.66 10.47
CA ASN E 54 -5.54 48.87 11.55
C ASN E 54 -5.98 49.80 12.66
N ILE E 55 -6.73 49.24 13.62
CA ILE E 55 -7.25 50.01 14.74
C ILE E 55 -6.95 49.26 16.04
N LEU E 56 -7.05 49.99 17.15
CA LEU E 56 -6.72 49.43 18.45
C LEU E 56 -7.83 48.51 18.94
N GLU E 57 -7.42 47.41 19.59
CA GLU E 57 -8.33 46.41 20.11
C GLU E 57 -7.99 46.13 21.58
N VAL E 58 -9.03 46.00 22.42
CA VAL E 58 -8.84 45.81 23.85
C VAL E 58 -9.96 44.91 24.38
N VAL E 59 -9.60 44.06 25.35
CA VAL E 59 -10.54 43.14 25.99
C VAL E 59 -10.26 43.12 27.48
N VAL E 60 -11.32 43.14 28.29
CA VAL E 60 -11.20 43.20 29.75
C VAL E 60 -12.10 42.14 30.38
N ASN E 61 -11.52 41.34 31.28
CA ASN E 61 -12.25 40.28 31.97
C ASN E 61 -12.68 40.76 33.35
N VAL E 62 -13.91 40.41 33.74
CA VAL E 62 -14.49 40.90 34.99
C VAL E 62 -15.09 39.74 35.77
N ILE E 63 -15.37 40.01 37.05
CA ILE E 63 -15.97 39.06 37.97
C ILE E 63 -17.41 38.81 37.56
N PRO E 64 -17.92 37.57 37.64
CA PRO E 64 -19.27 37.29 37.14
C PRO E 64 -20.40 38.11 37.76
N ASN E 65 -20.32 38.47 39.04
CA ASN E 65 -21.39 39.19 39.71
C ASN E 65 -20.82 40.43 40.41
N THR E 66 -20.66 41.51 39.64
CA THR E 66 -20.21 42.79 40.17
C THR E 66 -20.91 43.91 39.40
N GLU E 67 -20.91 45.10 40.00
CA GLU E 67 -21.63 46.22 39.40
C GLU E 67 -21.07 46.58 38.02
N GLY E 68 -19.75 46.58 37.88
CA GLY E 68 -19.16 46.85 36.58
C GLY E 68 -19.58 45.83 35.53
N GLU E 69 -19.62 44.56 35.92
CA GLU E 69 -20.08 43.52 35.01
C GLU E 69 -21.52 43.73 34.60
N ARG E 70 -22.38 44.13 35.55
CA ARG E 70 -23.78 44.37 35.23
C ARG E 70 -23.92 45.54 34.27
N ASN E 71 -23.15 46.61 34.48
CA ASN E 71 -23.20 47.74 33.55
C ASN E 71 -22.71 47.35 32.17
N LEU E 72 -21.65 46.54 32.09
CA LEU E 72 -21.17 46.08 30.79
C LEU E 72 -22.21 45.22 30.08
N ALA E 73 -22.88 44.35 30.83
CA ALA E 73 -23.94 43.54 30.25
C ALA E 73 -25.09 44.41 29.76
N VAL E 74 -25.44 45.44 30.52
CA VAL E 74 -26.49 46.37 30.10
C VAL E 74 -26.10 47.04 28.79
N LEU E 75 -24.86 47.50 28.68
CA LEU E 75 -24.40 48.14 27.45
C LEU E 75 -24.49 47.19 26.27
N LEU E 76 -23.98 45.97 26.44
CA LEU E 76 -23.98 45.01 25.34
C LEU E 76 -25.40 44.65 24.92
N ASP E 77 -26.31 44.47 25.89
CA ASP E 77 -27.69 44.17 25.55
C ASP E 77 -28.36 45.34 24.85
N ALA E 78 -28.00 46.57 25.24
CA ALA E 78 -28.57 47.74 24.58
C ALA E 78 -28.13 47.82 23.13
N ASN E 79 -26.88 47.49 22.84
CA ASN E 79 -26.39 47.63 21.47
C ASN E 79 -26.65 46.39 20.63
N ARG E 80 -27.14 45.32 21.24
CA ARG E 80 -27.23 44.04 20.56
C ARG E 80 -28.32 44.04 19.49
N THR E 81 -28.28 43.05 18.62
CA THR E 81 -29.30 42.82 17.59
C THR E 81 -30.19 41.66 18.03
N GLY E 82 -31.50 41.85 17.95
CA GLY E 82 -32.43 40.85 18.42
C GLY E 82 -33.75 40.92 17.68
N LYS E 83 -34.57 39.90 17.92
CA LYS E 83 -35.86 39.74 17.26
C LYS E 83 -36.69 41.01 17.26
N ASP E 84 -37.11 41.47 18.44
CA ASP E 84 -37.88 42.70 18.57
C ASP E 84 -37.30 43.48 19.75
N LYS E 85 -36.30 44.29 19.47
CA LYS E 85 -35.68 45.16 20.47
C LYS E 85 -35.06 46.36 19.78
N SER E 86 -35.15 47.51 20.43
CA SER E 86 -34.56 48.72 19.88
C SER E 86 -33.04 48.66 19.98
N GLY E 87 -32.38 49.16 18.95
CA GLY E 87 -30.93 49.21 18.94
C GLY E 87 -30.41 50.63 19.04
N ALA E 88 -29.79 50.95 20.18
CA ALA E 88 -29.28 52.29 20.43
C ALA E 88 -27.85 52.39 19.91
N ARG E 89 -27.66 53.20 18.87
CA ARG E 89 -26.34 53.38 18.26
C ARG E 89 -25.58 54.43 19.05
N ASP E 90 -24.63 53.99 19.86
CA ASP E 90 -23.85 54.88 20.71
C ASP E 90 -22.37 54.55 20.60
N VAL E 91 -21.54 55.57 20.75
CA VAL E 91 -20.09 55.41 20.71
C VAL E 91 -19.56 55.43 22.14
N VAL E 92 -18.67 54.50 22.45
CA VAL E 92 -18.15 54.32 23.80
C VAL E 92 -16.77 54.94 23.91
N GLY E 93 -16.43 55.39 25.10
CA GLY E 93 -15.10 55.90 25.38
C GLY E 93 -14.54 55.27 26.62
N LEU E 94 -13.23 55.07 26.62
CA LEU E 94 -12.54 54.39 27.71
C LEU E 94 -11.30 55.18 28.11
N VAL E 95 -11.13 55.37 29.41
CA VAL E 95 -9.91 55.95 29.97
C VAL E 95 -9.39 55.00 31.04
N VAL E 96 -8.10 54.69 30.98
CA VAL E 96 -7.47 53.76 31.90
C VAL E 96 -6.43 54.54 32.70
N ALA E 97 -6.55 54.50 34.02
CA ALA E 97 -5.62 55.15 34.92
C ALA E 97 -4.79 54.09 35.63
N MET E 98 -3.50 54.06 35.34
CA MET E 98 -2.58 53.12 35.93
C MET E 98 -1.91 53.72 37.16
N PRO E 99 -1.32 52.89 38.02
CA PRO E 99 -0.49 53.45 39.10
C PRO E 99 0.67 54.25 38.53
N ASP E 100 1.03 55.31 39.25
CA ASP E 100 2.06 56.26 38.81
C ASP E 100 1.63 56.95 37.51
N GLY E 101 0.47 57.62 37.56
CA GLY E 101 0.03 58.39 36.40
C GLY E 101 -0.28 57.50 35.22
N SER E 102 0.18 57.93 34.05
CA SER E 102 0.04 57.16 32.81
C SER E 102 -1.43 56.92 32.45
N LYS E 103 -2.16 58.01 32.21
CA LYS E 103 -3.53 57.89 31.72
C LYS E 103 -3.52 57.62 30.22
N ILE E 104 -4.39 56.70 29.79
CA ILE E 104 -4.57 56.36 28.38
C ILE E 104 -6.04 56.50 28.04
N THR E 105 -6.34 57.20 26.94
CA THR E 105 -7.70 57.54 26.57
C THR E 105 -8.00 57.06 25.16
N CYS E 106 -9.13 56.39 24.98
CA CYS E 106 -9.62 55.96 23.68
C CYS E 106 -10.97 56.61 23.43
N THR E 107 -11.14 57.20 22.24
CA THR E 107 -12.26 58.10 22.00
C THR E 107 -13.46 57.41 21.36
N ASN E 108 -13.30 56.92 20.12
CA ASN E 108 -14.44 56.39 19.39
C ASN E 108 -14.35 54.87 19.32
N GLY E 109 -15.42 54.20 19.77
CA GLY E 109 -15.39 52.75 19.82
C GLY E 109 -16.78 52.16 19.96
N THR E 110 -16.82 50.84 20.01
CA THR E 110 -18.06 50.09 20.07
C THR E 110 -17.78 48.70 20.62
N PRO E 111 -18.75 48.06 21.27
CA PRO E 111 -18.55 46.67 21.71
C PRO E 111 -18.62 45.70 20.55
N ILE E 112 -17.93 44.57 20.70
CA ILE E 112 -17.92 43.51 19.69
C ILE E 112 -18.37 42.18 20.27
N ASP E 113 -17.79 41.75 21.39
CA ASP E 113 -17.99 40.40 21.87
C ASP E 113 -18.53 40.43 23.29
N GLY E 114 -19.15 39.32 23.68
CA GLY E 114 -19.67 39.17 25.02
C GLY E 114 -20.26 37.78 25.19
N VAL E 115 -20.76 37.51 26.39
CA VAL E 115 -21.44 36.26 26.70
C VAL E 115 -22.80 36.62 27.29
N LEU E 116 -23.86 36.04 26.73
CA LEU E 116 -25.21 36.47 27.07
C LEU E 116 -25.59 36.03 28.49
N ILE E 117 -25.33 34.78 28.84
CA ILE E 117 -25.76 34.23 30.13
C ILE E 117 -24.57 33.65 30.86
N ASN E 118 -24.71 33.54 32.18
CA ASN E 118 -23.66 32.96 32.99
C ASN E 118 -23.55 31.45 32.76
N ALA E 119 -22.32 30.96 32.79
CA ALA E 119 -22.03 29.55 32.60
C ALA E 119 -21.21 29.04 33.78
N VAL E 120 -21.49 27.80 34.20
CA VAL E 120 -20.81 27.19 35.33
C VAL E 120 -19.77 26.21 34.81
N ALA E 121 -18.57 26.26 35.38
CA ALA E 121 -17.49 25.38 34.98
C ALA E 121 -17.63 24.02 35.65
N SER E 122 -16.71 23.11 35.30
CA SER E 122 -16.77 21.76 35.83
C SER E 122 -16.55 21.73 37.34
N VAL E 123 -15.62 22.55 37.84
CA VAL E 123 -15.31 22.57 39.27
C VAL E 123 -16.52 23.00 40.09
N GLY E 124 -17.41 23.79 39.52
CA GLY E 124 -18.59 24.27 40.22
C GLY E 124 -18.63 25.76 40.47
N ARG E 125 -17.86 26.55 39.72
CA ARG E 125 -17.82 28.00 39.89
C ARG E 125 -18.32 28.68 38.63
N LEU E 126 -18.80 29.91 38.78
CA LEU E 126 -19.23 30.71 37.64
C LEU E 126 -18.03 31.10 36.78
N LYS E 127 -18.26 31.20 35.48
CA LYS E 127 -17.18 31.53 34.56
C LYS E 127 -17.09 33.04 34.35
N THR E 128 -15.94 33.48 33.85
CA THR E 128 -15.69 34.90 33.66
C THR E 128 -16.26 35.40 32.34
N LYS E 129 -16.12 36.70 32.11
CA LYS E 129 -16.76 37.38 30.99
C LYS E 129 -15.73 38.09 30.12
N PRO E 130 -15.64 37.78 28.82
CA PRO E 130 -14.59 38.40 27.99
C PRO E 130 -14.78 39.88 27.72
N TYR E 131 -15.90 40.31 27.15
CA TYR E 131 -16.21 41.72 26.89
C TYR E 131 -15.12 42.41 26.07
N ARG E 132 -15.07 42.05 24.79
CA ARG E 132 -14.13 42.64 23.84
C ARG E 132 -14.58 44.03 23.37
N PHE E 133 -13.61 44.85 22.96
CA PHE E 133 -13.87 46.20 22.46
C PHE E 133 -12.89 46.53 21.35
N ARG E 134 -13.23 47.58 20.58
CA ARG E 134 -12.33 48.16 19.59
C ARG E 134 -12.52 49.67 19.58
N PHE E 135 -11.45 50.40 19.25
CA PHE E 135 -11.44 51.85 19.31
C PHE E 135 -10.71 52.42 18.11
N GLU E 136 -10.94 53.71 17.84
CA GLU E 136 -10.37 54.34 16.65
C GLU E 136 -9.14 55.17 16.99
N LYS E 137 -9.27 56.10 17.93
CA LYS E 137 -8.21 57.03 18.27
C LYS E 137 -7.73 56.77 19.69
N VAL E 138 -6.41 56.78 19.88
CA VAL E 138 -5.80 56.62 21.20
C VAL E 138 -4.80 57.75 21.41
N ILE E 139 -4.86 58.37 22.59
CA ILE E 139 -3.93 59.42 22.97
C ILE E 139 -3.36 59.07 24.34
N LYS E 140 -2.05 59.25 24.51
CA LYS E 140 -1.36 58.91 25.74
C LYS E 140 -0.92 60.19 26.43
N ALA E 141 -1.49 60.47 27.59
CA ALA E 141 -1.14 61.66 28.38
C ALA E 141 -0.38 61.30 29.64
N GLY E 142 0.47 60.28 29.57
CA GLY E 142 1.17 59.80 30.75
C GLY E 142 2.68 59.93 30.66
N THR E 143 3.15 61.08 30.17
CA THR E 143 4.58 61.30 30.07
C THR E 143 5.26 61.22 31.43
N SER E 144 4.58 61.66 32.47
CA SER E 144 5.11 61.62 33.83
C SER E 144 5.35 60.18 34.30
N PHE F 1 -19.86 -3.87 32.96
CA PHE F 1 -18.97 -4.99 33.19
C PHE F 1 -19.50 -6.25 32.51
N GLY F 2 -20.77 -6.56 32.74
CA GLY F 2 -21.38 -7.68 32.06
C GLY F 2 -22.05 -7.29 30.77
N SER F 3 -21.26 -6.86 29.79
CA SER F 3 -21.77 -6.37 28.52
C SER F 3 -21.40 -7.33 27.39
N ILE F 4 -22.36 -7.61 26.52
CA ILE F 4 -22.15 -8.48 25.37
C ILE F 4 -22.75 -7.82 24.14
N CYS F 5 -22.26 -8.24 22.97
CA CYS F 5 -22.78 -7.79 21.69
C CYS F 5 -23.00 -9.00 20.79
N ALA F 6 -24.19 -9.10 20.21
CA ALA F 6 -24.52 -10.17 19.28
C ALA F 6 -24.62 -9.59 17.87
N PHE F 7 -23.79 -10.09 16.97
CA PHE F 7 -23.74 -9.63 15.59
C PHE F 7 -24.38 -10.67 14.69
N THR F 8 -25.21 -10.22 13.76
CA THR F 8 -25.85 -11.08 12.78
C THR F 8 -25.60 -10.53 11.38
N ALA F 9 -25.45 -11.44 10.41
CA ALA F 9 -25.27 -11.09 9.01
C ALA F 9 -26.25 -11.87 8.16
N SER F 10 -26.74 -11.24 7.09
CA SER F 10 -27.80 -11.87 6.30
C SER F 10 -27.28 -13.07 5.53
N ARG F 11 -26.01 -13.05 5.12
CA ARG F 11 -25.44 -14.13 4.33
C ARG F 11 -24.29 -14.84 5.02
N THR F 12 -23.30 -14.09 5.52
CA THR F 12 -22.12 -14.73 6.09
C THR F 12 -22.43 -15.44 7.41
N PHE F 13 -23.19 -14.79 8.29
CA PHE F 13 -23.51 -15.34 9.61
C PHE F 13 -25.02 -15.28 9.82
N PRO F 14 -25.77 -16.15 9.15
CA PRO F 14 -27.24 -16.09 9.28
C PRO F 14 -27.73 -16.28 10.71
N ASN F 15 -27.03 -17.08 11.50
CA ASN F 15 -27.43 -17.32 12.88
C ASN F 15 -26.71 -16.42 13.88
N GLY F 16 -25.67 -15.71 13.46
CA GLY F 16 -25.04 -14.72 14.30
C GLY F 16 -23.94 -15.29 15.18
N PHE F 17 -23.14 -14.38 15.73
CA PHE F 17 -22.07 -14.73 16.66
C PHE F 17 -22.02 -13.67 17.75
N THR F 18 -21.37 -14.01 18.86
CA THR F 18 -21.30 -13.15 20.02
C THR F 18 -19.86 -12.76 20.32
N VAL F 19 -19.67 -11.55 20.83
CA VAL F 19 -18.36 -11.02 21.20
C VAL F 19 -18.43 -10.51 22.63
N THR F 20 -17.41 -10.84 23.43
CA THR F 20 -17.38 -10.46 24.83
C THR F 20 -16.07 -9.82 25.27
N GLU F 21 -15.00 -9.95 24.50
CA GLU F 21 -13.69 -9.39 24.85
C GLU F 21 -13.61 -7.98 24.27
N GLU F 22 -13.77 -6.98 25.13
CA GLU F 22 -13.88 -5.59 24.69
C GLU F 22 -12.58 -4.81 24.84
N PHE F 23 -11.51 -5.46 25.28
CA PHE F 23 -10.16 -4.90 25.31
C PHE F 23 -10.03 -3.79 26.36
N ALA F 24 -8.80 -3.41 26.70
CA ALA F 24 -8.53 -2.74 27.96
C ALA F 24 -8.44 -1.22 27.85
N ASP F 25 -7.50 -0.67 27.08
CA ASP F 25 -7.28 0.77 27.17
C ASP F 25 -7.95 1.53 26.02
N ALA F 26 -8.36 0.83 24.97
CA ALA F 26 -9.16 1.48 23.95
C ALA F 26 -10.60 1.64 24.45
N ASP F 27 -11.36 2.45 23.74
CA ASP F 27 -12.76 2.68 24.10
C ASP F 27 -13.65 1.69 23.36
N PRO F 28 -14.30 0.75 24.05
CA PRO F 28 -15.26 -0.12 23.38
C PRO F 28 -16.60 0.57 23.26
N ILE F 29 -17.33 0.22 22.20
CA ILE F 29 -18.69 0.70 21.97
C ILE F 29 -18.70 2.22 22.05
N ASP F 30 -17.99 2.87 21.14
CA ASP F 30 -17.96 4.33 21.11
C ASP F 30 -18.86 4.84 20.00
N SER F 31 -19.48 6.00 20.26
CA SER F 31 -20.40 6.61 19.30
C SER F 31 -20.18 8.12 19.25
N PRO F 32 -19.91 8.67 18.07
CA PRO F 32 -19.69 10.11 17.96
C PRO F 32 -20.98 10.89 18.15
N PRO F 33 -20.90 12.19 18.44
CA PRO F 33 -22.11 12.98 18.63
C PRO F 33 -22.93 13.08 17.35
N PHE F 34 -24.25 13.20 17.53
CA PHE F 34 -25.21 13.18 16.44
C PHE F 34 -25.79 14.58 16.26
N ALA F 35 -25.70 15.11 15.05
CA ALA F 35 -26.25 16.42 14.72
C ALA F 35 -27.63 16.26 14.10
N ALA F 36 -28.61 17.00 14.63
CA ALA F 36 -29.99 16.82 14.23
C ALA F 36 -30.61 18.03 13.55
N ALA F 37 -30.06 19.23 13.73
CA ALA F 37 -30.66 20.42 13.15
C ALA F 37 -29.60 21.50 12.96
N ASP F 38 -29.94 22.47 12.12
CA ASP F 38 -29.10 23.62 11.85
C ASP F 38 -29.95 24.87 11.84
N THR F 39 -29.34 26.02 12.12
CA THR F 39 -30.06 27.26 12.26
C THR F 39 -29.36 28.37 11.49
N GLY F 40 -30.12 29.40 11.17
CA GLY F 40 -29.56 30.62 10.61
C GLY F 40 -30.34 31.82 11.10
N ALA F 41 -29.63 32.94 11.24
CA ALA F 41 -30.22 34.18 11.71
C ALA F 41 -30.16 35.21 10.59
N GLY F 42 -31.31 35.75 10.22
CA GLY F 42 -31.36 36.76 9.20
C GLY F 42 -31.20 38.15 9.76
N LEU F 43 -31.17 39.13 8.85
CA LEU F 43 -31.13 40.52 9.27
C LEU F 43 -32.42 40.86 10.00
N ASN F 44 -32.31 41.71 11.02
CA ASN F 44 -33.35 42.16 11.94
C ASN F 44 -33.65 41.09 12.99
N GLY F 45 -32.85 40.03 13.10
CA GLY F 45 -32.96 39.10 14.19
C GLY F 45 -33.87 37.91 13.98
N ASP F 46 -34.44 37.75 12.78
CA ASP F 46 -35.28 36.59 12.51
C ASP F 46 -34.44 35.32 12.52
N MET F 47 -35.01 34.25 13.08
CA MET F 47 -34.32 32.97 13.22
C MET F 47 -35.07 31.89 12.45
N VAL F 48 -34.33 31.10 11.67
CA VAL F 48 -34.88 30.01 10.88
C VAL F 48 -34.12 28.74 11.23
N VAL F 49 -34.82 27.61 11.27
CA VAL F 49 -34.25 26.34 11.67
C VAL F 49 -34.72 25.25 10.71
N TRP F 50 -33.82 24.34 10.36
CA TRP F 50 -34.14 23.20 9.52
C TRP F 50 -33.47 21.94 10.07
N ASN F 51 -33.96 20.79 9.63
CA ASN F 51 -33.51 19.50 10.14
C ASN F 51 -32.41 18.94 9.23
N ARG F 52 -31.31 18.51 9.85
CA ARG F 52 -30.28 17.81 9.12
C ARG F 52 -30.49 16.31 9.22
N ALA F 53 -29.94 15.57 8.24
CA ALA F 53 -30.12 14.13 8.15
C ALA F 53 -28.80 13.43 8.42
N ASN F 54 -28.82 12.49 9.36
CA ASN F 54 -27.63 11.73 9.73
C ASN F 54 -28.07 10.34 10.19
N ILE F 55 -27.08 9.47 10.40
CA ILE F 55 -27.31 8.10 10.82
C ILE F 55 -26.41 7.77 12.00
N LEU F 56 -26.75 6.68 12.68
CA LEU F 56 -26.00 6.25 13.85
C LEU F 56 -24.68 5.58 13.46
N GLU F 57 -23.64 5.85 14.22
CA GLU F 57 -22.31 5.29 13.99
C GLU F 57 -21.76 4.71 15.29
N VAL F 58 -21.11 3.55 15.20
CA VAL F 58 -20.61 2.83 16.36
C VAL F 58 -19.31 2.14 16.00
N VAL F 59 -18.39 2.05 16.97
CA VAL F 59 -17.09 1.41 16.80
C VAL F 59 -16.78 0.61 18.06
N VAL F 60 -16.24 -0.60 17.87
CA VAL F 60 -15.97 -1.51 18.98
C VAL F 60 -14.56 -2.08 18.83
N ASN F 61 -13.76 -1.97 19.90
CA ASN F 61 -12.39 -2.47 19.92
C ASN F 61 -12.35 -3.83 20.60
N VAL F 62 -11.48 -4.71 20.10
CA VAL F 62 -11.41 -6.09 20.57
C VAL F 62 -9.96 -6.52 20.74
N ILE F 63 -9.78 -7.64 21.44
CA ILE F 63 -8.50 -8.28 21.67
C ILE F 63 -7.96 -8.83 20.36
N PRO F 64 -6.65 -8.75 20.09
CA PRO F 64 -6.14 -9.17 18.77
C PRO F 64 -6.40 -10.62 18.40
N ASN F 65 -6.38 -11.55 19.35
CA ASN F 65 -6.53 -12.98 19.04
C ASN F 65 -7.65 -13.57 19.89
N THR F 66 -8.88 -13.42 19.42
CA THR F 66 -10.06 -13.97 20.08
C THR F 66 -11.06 -14.41 19.02
N GLU F 67 -12.02 -15.24 19.44
CA GLU F 67 -13.00 -15.77 18.49
C GLU F 67 -13.85 -14.66 17.89
N GLY F 68 -14.30 -13.71 18.71
CA GLY F 68 -15.09 -12.61 18.19
C GLY F 68 -14.32 -11.75 17.20
N GLU F 69 -13.05 -11.48 17.51
CA GLU F 69 -12.21 -10.72 16.60
C GLU F 69 -12.02 -11.47 15.29
N ARG F 70 -11.83 -12.78 15.36
CA ARG F 70 -11.67 -13.57 14.14
C ARG F 70 -12.93 -13.54 13.29
N ASN F 71 -14.10 -13.64 13.93
CA ASN F 71 -15.36 -13.56 13.18
C ASN F 71 -15.52 -12.18 12.54
N LEU F 72 -15.17 -11.12 13.27
CA LEU F 72 -15.26 -9.78 12.70
C LEU F 72 -14.32 -9.63 11.50
N ALA F 73 -13.11 -10.17 11.61
CA ALA F 73 -12.18 -10.13 10.48
C ALA F 73 -12.74 -10.90 9.30
N VAL F 74 -13.36 -12.06 9.55
CA VAL F 74 -13.96 -12.83 8.48
C VAL F 74 -15.04 -12.03 7.77
N LEU F 75 -15.90 -11.35 8.55
CA LEU F 75 -16.96 -10.54 7.95
C LEU F 75 -16.39 -9.41 7.10
N LEU F 76 -15.40 -8.69 7.64
CA LEU F 76 -14.82 -7.58 6.89
C LEU F 76 -14.14 -8.08 5.60
N ASP F 77 -13.44 -9.21 5.67
CA ASP F 77 -12.81 -9.75 4.48
C ASP F 77 -13.84 -10.21 3.47
N ALA F 78 -14.97 -10.73 3.94
CA ALA F 78 -16.04 -11.15 3.03
C ALA F 78 -16.62 -9.97 2.29
N ASN F 79 -16.80 -8.83 2.97
CA ASN F 79 -17.44 -7.69 2.30
C ASN F 79 -16.43 -6.82 1.56
N ARG F 80 -15.14 -7.07 1.74
CA ARG F 80 -14.12 -6.16 1.23
C ARG F 80 -14.04 -6.21 -0.31
N THR F 81 -13.51 -5.15 -0.88
CA THR F 81 -13.23 -5.05 -2.31
C THR F 81 -11.78 -5.44 -2.57
N GLY F 82 -11.56 -6.30 -3.57
CA GLY F 82 -10.21 -6.79 -3.84
C GLY F 82 -10.06 -7.18 -5.28
N LYS F 83 -8.81 -7.45 -5.65
CA LYS F 83 -8.43 -7.78 -7.03
C LYS F 83 -9.32 -8.84 -7.66
N ASP F 84 -9.30 -10.05 -7.12
CA ASP F 84 -10.13 -11.15 -7.61
C ASP F 84 -10.74 -11.91 -6.44
N LYS F 85 -11.88 -11.41 -5.96
CA LYS F 85 -12.60 -12.03 -4.86
C LYS F 85 -14.07 -11.68 -4.97
N SER F 86 -14.93 -12.59 -4.55
CA SER F 86 -16.36 -12.33 -4.55
C SER F 86 -16.71 -11.36 -3.43
N GLY F 87 -17.63 -10.45 -3.73
CA GLY F 87 -18.13 -9.53 -2.73
C GLY F 87 -19.55 -9.85 -2.32
N ALA F 88 -19.74 -10.32 -1.10
CA ALA F 88 -21.05 -10.71 -0.59
C ALA F 88 -21.72 -9.49 0.03
N ARG F 89 -22.77 -9.00 -0.61
CA ARG F 89 -23.49 -7.84 -0.13
C ARG F 89 -24.51 -8.28 0.91
N ASP F 90 -24.20 -8.04 2.18
CA ASP F 90 -25.05 -8.45 3.29
C ASP F 90 -25.26 -7.30 4.25
N VAL F 91 -26.41 -7.28 4.90
CA VAL F 91 -26.73 -6.27 5.91
C VAL F 91 -26.50 -6.88 7.29
N VAL F 92 -25.91 -6.10 8.20
CA VAL F 92 -25.54 -6.57 9.52
C VAL F 92 -26.50 -5.98 10.54
N GLY F 93 -26.68 -6.69 11.64
CA GLY F 93 -27.51 -6.21 12.73
C GLY F 93 -26.77 -6.38 14.05
N LEU F 94 -27.02 -5.46 14.97
CA LEU F 94 -26.35 -5.45 16.26
C LEU F 94 -27.37 -5.26 17.37
N VAL F 95 -27.28 -6.10 18.40
CA VAL F 95 -28.04 -5.94 19.62
C VAL F 95 -27.06 -5.94 20.79
N VAL F 96 -27.17 -4.93 21.65
CA VAL F 96 -26.27 -4.75 22.78
C VAL F 96 -27.05 -4.97 24.06
N ALA F 97 -26.59 -5.92 24.88
CA ALA F 97 -27.20 -6.22 26.16
C ALA F 97 -26.32 -5.65 27.26
N MET F 98 -26.84 -4.67 27.99
CA MET F 98 -26.11 -4.03 29.06
C MET F 98 -26.55 -4.61 30.40
N PRO F 99 -25.74 -4.43 31.44
CA PRO F 99 -26.20 -4.81 32.79
C PRO F 99 -27.44 -4.02 33.17
N ASP F 100 -28.34 -4.68 33.91
CA ASP F 100 -29.64 -4.13 34.28
C ASP F 100 -30.49 -3.84 33.04
N GLY F 101 -30.75 -4.89 32.26
CA GLY F 101 -31.60 -4.75 31.09
C GLY F 101 -31.02 -3.81 30.06
N SER F 102 -31.86 -2.90 29.56
CA SER F 102 -31.45 -1.87 28.61
C SER F 102 -30.88 -2.47 27.32
N LYS F 103 -31.73 -3.18 26.58
CA LYS F 103 -31.32 -3.69 25.28
C LYS F 103 -31.42 -2.59 24.22
N ILE F 104 -30.43 -2.54 23.33
CA ILE F 104 -30.39 -1.61 22.22
C ILE F 104 -30.17 -2.40 20.94
N THR F 105 -30.99 -2.15 19.93
CA THR F 105 -30.97 -2.93 18.69
C THR F 105 -30.81 -2.00 17.49
N CYS F 106 -29.90 -2.36 16.59
CA CYS F 106 -29.70 -1.66 15.34
C CYS F 106 -29.95 -2.62 14.19
N THR F 107 -30.73 -2.19 13.21
CA THR F 107 -31.27 -3.12 12.21
C THR F 107 -30.44 -3.21 10.94
N ASN F 108 -30.34 -2.11 10.19
CA ASN F 108 -29.68 -2.17 8.89
C ASN F 108 -28.33 -1.46 8.94
N GLY F 109 -27.27 -2.16 8.55
CA GLY F 109 -25.94 -1.60 8.65
C GLY F 109 -24.96 -2.35 7.79
N THR F 110 -23.70 -1.91 7.86
CA THR F 110 -22.64 -2.46 7.03
C THR F 110 -21.29 -2.16 7.66
N PRO F 111 -20.31 -3.03 7.51
CA PRO F 111 -18.95 -2.72 7.97
C PRO F 111 -18.32 -1.63 7.12
N ILE F 112 -17.48 -0.81 7.75
CA ILE F 112 -16.83 0.30 7.07
C ILE F 112 -15.31 0.26 7.25
N ASP F 113 -14.83 0.11 8.47
CA ASP F 113 -13.41 0.28 8.75
C ASP F 113 -12.85 -0.97 9.40
N GLY F 114 -11.53 -1.13 9.28
CA GLY F 114 -10.85 -2.24 9.91
C GLY F 114 -9.36 -2.14 9.64
N VAL F 115 -8.62 -3.09 10.19
CA VAL F 115 -7.19 -3.22 9.95
C VAL F 115 -6.93 -4.61 9.41
N LEU F 116 -6.25 -4.69 8.27
CA LEU F 116 -6.17 -5.96 7.54
C LEU F 116 -5.28 -6.97 8.26
N ILE F 117 -4.13 -6.55 8.77
CA ILE F 117 -3.18 -7.47 9.39
C ILE F 117 -2.82 -6.96 10.77
N ASN F 118 -2.35 -7.87 11.62
CA ASN F 118 -1.93 -7.50 12.97
C ASN F 118 -0.65 -6.69 12.94
N ALA F 119 -0.57 -5.71 13.83
CA ALA F 119 0.60 -4.84 13.95
C ALA F 119 1.12 -4.91 15.37
N VAL F 120 2.45 -4.81 15.52
CA VAL F 120 3.09 -4.86 16.82
C VAL F 120 3.53 -3.45 17.20
N ALA F 121 3.28 -3.08 18.46
CA ALA F 121 3.64 -1.77 18.96
C ALA F 121 5.10 -1.74 19.39
N SER F 122 5.54 -0.56 19.83
CA SER F 122 6.94 -0.39 20.23
C SER F 122 7.26 -1.24 21.47
N VAL F 123 6.34 -1.29 22.43
CA VAL F 123 6.58 -2.04 23.66
C VAL F 123 6.71 -3.53 23.39
N GLY F 124 6.19 -4.01 22.27
CA GLY F 124 6.29 -5.42 21.92
C GLY F 124 4.99 -6.20 21.99
N ARG F 125 3.85 -5.53 22.09
CA ARG F 125 2.55 -6.19 22.17
C ARG F 125 1.77 -5.96 20.88
N LEU F 126 0.82 -6.85 20.61
CA LEU F 126 -0.05 -6.71 19.46
C LEU F 126 -0.99 -5.53 19.66
N LYS F 127 -1.32 -4.84 18.57
CA LYS F 127 -2.17 -3.67 18.65
C LYS F 127 -3.64 -4.04 18.49
N THR F 128 -4.50 -3.06 18.74
CA THR F 128 -5.94 -3.25 18.83
C THR F 128 -6.57 -3.22 17.45
N LYS F 129 -7.87 -3.54 17.38
CA LYS F 129 -8.61 -3.57 16.12
C LYS F 129 -9.82 -2.66 16.20
N PRO F 130 -9.90 -1.60 15.38
CA PRO F 130 -11.00 -0.64 15.52
C PRO F 130 -12.38 -1.17 15.15
N TYR F 131 -12.57 -1.68 13.93
CA TYR F 131 -13.83 -2.28 13.48
C TYR F 131 -15.02 -1.31 13.64
N ARG F 132 -15.03 -0.29 12.78
CA ARG F 132 -16.11 0.69 12.75
C ARG F 132 -17.35 0.15 12.04
N PHE F 133 -18.51 0.70 12.41
CA PHE F 133 -19.79 0.32 11.83
C PHE F 133 -20.69 1.55 11.72
N ARG F 134 -21.73 1.45 10.89
CA ARG F 134 -22.80 2.42 10.82
C ARG F 134 -24.13 1.70 10.62
N PHE F 135 -25.21 2.31 11.12
CA PHE F 135 -26.53 1.69 11.09
C PHE F 135 -27.59 2.72 10.73
N GLU F 136 -28.75 2.23 10.31
CA GLU F 136 -29.81 3.13 9.85
C GLU F 136 -30.88 3.34 10.92
N LYS F 137 -31.40 2.25 11.49
CA LYS F 137 -32.50 2.32 12.44
C LYS F 137 -32.05 1.80 13.80
N VAL F 138 -32.43 2.50 14.86
CA VAL F 138 -32.12 2.09 16.22
C VAL F 138 -33.41 2.12 17.04
N ILE F 139 -33.66 1.06 17.80
CA ILE F 139 -34.83 0.95 18.67
C ILE F 139 -34.34 0.59 20.06
N LYS F 140 -34.95 1.19 21.07
CA LYS F 140 -34.58 0.97 22.46
C LYS F 140 -35.71 0.25 23.18
N ALA F 141 -35.42 -0.96 23.68
CA ALA F 141 -36.38 -1.73 24.46
C ALA F 141 -35.95 -1.85 25.91
N GLY F 142 -35.31 -0.82 26.45
CA GLY F 142 -34.75 -0.89 27.79
C GLY F 142 -35.35 0.10 28.76
N THR F 143 -36.67 0.25 28.73
CA THR F 143 -37.34 1.16 29.66
C THR F 143 -37.09 0.76 31.10
N SER F 144 -37.02 -0.54 31.37
CA SER F 144 -36.78 -1.04 32.72
C SER F 144 -35.38 -0.68 33.21
N PHE G 1 25.84 39.31 27.10
CA PHE G 1 25.53 40.02 28.33
C PHE G 1 25.70 41.52 28.16
N GLY G 2 26.86 41.91 27.62
CA GLY G 2 27.09 43.31 27.33
C GLY G 2 26.70 43.69 25.92
N SER G 3 25.39 43.62 25.63
CA SER G 3 24.88 43.86 24.29
C SER G 3 24.05 45.14 24.26
N ILE G 4 24.27 45.96 23.24
CA ILE G 4 23.54 47.21 23.06
C ILE G 4 23.08 47.31 21.61
N CYS G 5 22.03 48.11 21.40
CA CYS G 5 21.52 48.40 20.07
C CYS G 5 21.33 49.90 19.93
N ALA G 6 21.87 50.47 18.85
CA ALA G 6 21.72 51.88 18.55
C ALA G 6 20.79 52.04 17.36
N PHE G 7 19.68 52.75 17.56
CA PHE G 7 18.68 52.96 16.53
C PHE G 7 18.77 54.39 16.03
N THR G 8 18.72 54.57 14.72
CA THR G 8 18.72 55.89 14.11
C THR G 8 17.54 56.01 13.14
N ALA G 9 16.98 57.21 13.06
CA ALA G 9 15.88 57.51 12.15
C ALA G 9 16.21 58.75 11.35
N SER G 10 15.79 58.78 10.09
CA SER G 10 16.18 59.88 9.21
C SER G 10 15.51 61.19 9.62
N ARG G 11 14.30 61.12 10.16
CA ARG G 11 13.54 62.30 10.52
C ARG G 11 13.27 62.44 12.01
N THR G 12 12.73 61.39 12.64
CA THR G 12 12.34 61.51 14.05
C THR G 12 13.56 61.58 14.96
N PHE G 13 14.56 60.73 14.74
CA PHE G 13 15.74 60.65 15.59
C PHE G 13 16.98 60.75 14.71
N PRO G 14 17.29 61.95 14.20
CA PRO G 14 18.46 62.09 13.32
C PRO G 14 19.76 61.70 13.98
N ASN G 15 19.89 61.91 15.28
CA ASN G 15 21.11 61.56 16.00
C ASN G 15 21.04 60.19 16.65
N GLY G 16 19.86 59.58 16.75
CA GLY G 16 19.74 58.22 17.22
C GLY G 16 19.59 58.11 18.73
N PHE G 17 19.18 56.93 19.17
CA PHE G 17 19.04 56.61 20.58
C PHE G 17 19.50 55.17 20.80
N THR G 18 19.79 54.85 22.06
CA THR G 18 20.34 53.55 22.42
C THR G 18 19.37 52.82 23.36
N VAL G 19 19.32 51.50 23.24
CA VAL G 19 18.48 50.65 24.06
C VAL G 19 19.35 49.56 24.67
N THR G 20 19.18 49.31 25.96
CA THR G 20 19.97 48.32 26.69
C THR G 20 19.15 47.33 27.49
N GLU G 21 17.88 47.60 27.75
CA GLU G 21 17.03 46.73 28.53
C GLU G 21 16.33 45.75 27.58
N GLU G 22 16.79 44.51 27.57
CA GLU G 22 16.37 43.52 26.59
C GLU G 22 15.33 42.55 27.12
N PHE G 23 14.85 42.75 28.35
CA PHE G 23 13.72 42.02 28.92
C PHE G 23 14.08 40.56 29.22
N ALA G 24 13.25 39.87 30.02
CA ALA G 24 13.70 38.70 30.75
C ALA G 24 13.35 37.37 30.08
N ASP G 25 12.07 37.06 29.88
CA ASP G 25 11.73 35.71 29.44
C ASP G 25 11.42 35.65 27.95
N ALA G 26 11.20 36.80 27.32
CA ALA G 26 11.07 36.79 25.86
C ALA G 26 12.45 36.69 25.22
N ASP G 27 12.46 36.42 23.92
CA ASP G 27 13.71 36.33 23.18
C ASP G 27 14.07 37.70 22.61
N PRO G 28 15.14 38.33 23.06
CA PRO G 28 15.58 39.56 22.42
C PRO G 28 16.39 39.27 21.16
N ILE G 29 16.32 40.19 20.20
CA ILE G 29 17.11 40.13 18.99
C ILE G 29 16.90 38.78 18.32
N ASP G 30 15.66 38.50 17.93
CA ASP G 30 15.36 37.25 17.25
C ASP G 30 15.24 37.46 15.74
N SER G 31 15.66 36.45 14.98
CA SER G 31 15.62 36.52 13.53
C SER G 31 15.15 35.19 12.95
N PRO G 32 14.10 35.20 12.13
CA PRO G 32 13.59 33.97 11.54
C PRO G 32 14.54 33.43 10.49
N PRO G 33 14.43 32.14 10.13
CA PRO G 33 15.31 31.59 9.10
C PRO G 33 15.09 32.24 7.75
N PHE G 34 16.17 32.29 6.96
CA PHE G 34 16.20 32.98 5.67
C PHE G 34 16.27 31.95 4.56
N ALA G 35 15.33 32.03 3.62
CA ALA G 35 15.28 31.14 2.47
C ALA G 35 15.95 31.81 1.28
N ALA G 36 16.89 31.10 0.64
CA ALA G 36 17.71 31.68 -0.40
C ALA G 36 17.51 31.06 -1.78
N ALA G 37 17.01 29.82 -1.86
CA ALA G 37 16.86 29.16 -3.15
C ALA G 37 15.76 28.12 -3.09
N ASP G 38 15.29 27.73 -4.27
CA ASP G 38 14.28 26.69 -4.42
C ASP G 38 14.70 25.76 -5.55
N THR G 39 14.21 24.53 -5.49
CA THR G 39 14.62 23.50 -6.44
C THR G 39 13.40 22.77 -6.98
N GLY G 40 13.58 22.15 -8.14
CA GLY G 40 12.59 21.26 -8.69
C GLY G 40 13.27 20.12 -9.42
N ALA G 41 12.62 18.96 -9.40
CA ALA G 41 13.14 17.77 -10.05
C ALA G 41 12.18 17.37 -11.18
N GLY G 42 12.71 17.27 -12.39
CA GLY G 42 11.91 16.87 -13.51
C GLY G 42 11.89 15.37 -13.71
N LEU G 43 11.12 14.93 -14.69
CA LEU G 43 11.11 13.52 -15.04
C LEU G 43 12.48 13.12 -15.56
N ASN G 44 12.88 11.89 -15.25
CA ASN G 44 14.18 11.27 -15.56
C ASN G 44 15.27 11.78 -14.61
N GLY G 45 14.93 12.51 -13.55
CA GLY G 45 15.87 12.84 -12.52
C GLY G 45 16.63 14.13 -12.69
N ASP G 46 16.33 14.92 -13.72
CA ASP G 46 16.99 16.21 -13.89
C ASP G 46 16.60 17.16 -12.77
N MET G 47 17.58 17.94 -12.29
CA MET G 47 17.38 18.86 -11.19
C MET G 47 17.64 20.29 -11.64
N VAL G 48 16.73 21.19 -11.30
CA VAL G 48 16.84 22.61 -11.64
C VAL G 48 16.72 23.42 -10.35
N VAL G 49 17.47 24.51 -10.26
CA VAL G 49 17.53 25.34 -9.06
C VAL G 49 17.47 26.80 -9.46
N TRP G 50 16.73 27.60 -8.69
CA TRP G 50 16.65 29.04 -8.89
C TRP G 50 16.73 29.75 -7.55
N ASN G 51 17.04 31.04 -7.61
CA ASN G 51 17.26 31.86 -6.41
C ASN G 51 15.96 32.56 -6.02
N ARG G 52 15.63 32.49 -4.74
CA ARG G 52 14.50 33.24 -4.23
C ARG G 52 14.98 34.58 -3.65
N ALA G 53 14.04 35.52 -3.53
CA ALA G 53 14.34 36.86 -3.06
C ALA G 53 13.69 37.08 -1.69
N ASN G 54 14.50 37.52 -0.72
CA ASN G 54 14.03 37.73 0.64
C ASN G 54 14.89 38.80 1.29
N ILE G 55 14.42 39.30 2.44
CA ILE G 55 15.10 40.35 3.18
C ILE G 55 15.24 39.93 4.64
N LEU G 56 16.12 40.64 5.35
CA LEU G 56 16.38 40.33 6.74
C LEU G 56 15.27 40.87 7.64
N GLU G 57 14.92 40.09 8.67
CA GLU G 57 13.89 40.45 9.63
C GLU G 57 14.42 40.26 11.05
N VAL G 58 14.08 41.20 11.93
CA VAL G 58 14.58 41.19 13.30
C VAL G 58 13.51 41.73 14.24
N VAL G 59 13.46 41.19 15.45
CA VAL G 59 12.49 41.58 16.47
C VAL G 59 13.19 41.64 17.83
N VAL G 60 12.89 42.68 18.61
CA VAL G 60 13.55 42.91 19.89
C VAL G 60 12.50 43.20 20.96
N ASN G 61 12.60 42.48 22.08
CA ASN G 61 11.68 42.64 23.20
C ASN G 61 12.32 43.50 24.29
N VAL G 62 11.52 44.39 24.89
CA VAL G 62 12.02 45.36 25.86
C VAL G 62 11.11 45.40 27.08
N ILE G 63 11.63 46.01 28.15
CA ILE G 63 10.91 46.23 29.40
C ILE G 63 9.78 47.22 29.18
N PRO G 64 8.61 47.02 29.80
CA PRO G 64 7.46 47.91 29.52
C PRO G 64 7.69 49.39 29.79
N ASN G 65 8.45 49.76 30.83
CA ASN G 65 8.63 51.17 31.19
C ASN G 65 10.13 51.49 31.27
N THR G 66 10.71 51.81 30.12
CA THR G 66 12.11 52.21 30.02
C THR G 66 12.25 53.25 28.93
N GLU G 67 13.38 53.96 28.95
CA GLU G 67 13.60 55.02 27.98
C GLU G 67 13.65 54.49 26.56
N GLY G 68 14.34 53.37 26.34
CA GLY G 68 14.40 52.79 25.01
C GLY G 68 13.03 52.36 24.51
N GLU G 69 12.23 51.76 25.39
CA GLU G 69 10.87 51.38 25.01
C GLU G 69 10.04 52.60 24.66
N ARG G 70 10.18 53.68 25.43
CA ARG G 70 9.43 54.89 25.12
C ARG G 70 9.84 55.48 23.78
N ASN G 71 11.14 55.48 23.48
CA ASN G 71 11.58 55.97 22.17
C ASN G 71 11.05 55.10 21.04
N LEU G 72 11.05 53.77 21.23
CA LEU G 72 10.51 52.88 20.21
C LEU G 72 9.02 53.13 19.99
N ALA G 73 8.28 53.35 21.08
CA ALA G 73 6.87 53.67 20.96
C ALA G 73 6.66 54.98 20.22
N VAL G 74 7.51 55.97 20.50
CA VAL G 74 7.42 57.25 19.80
C VAL G 74 7.63 57.05 18.30
N LEU G 75 8.63 56.24 17.94
CA LEU G 75 8.90 55.97 16.52
C LEU G 75 7.70 55.31 15.86
N LEU G 76 7.16 54.26 16.49
CA LEU G 76 6.04 53.54 15.90
C LEU G 76 4.82 54.44 15.77
N ASP G 77 4.55 55.27 16.77
CA ASP G 77 3.42 56.19 16.69
C ASP G 77 3.64 57.24 15.60
N ALA G 78 4.88 57.66 15.41
CA ALA G 78 5.17 58.62 14.35
C ALA G 78 4.91 58.04 12.98
N ASN G 79 5.26 56.76 12.77
CA ASN G 79 5.09 56.19 11.44
C ASN G 79 3.70 55.60 11.23
N ARG G 80 2.91 55.49 12.29
CA ARG G 80 1.66 54.76 12.22
C ARG G 80 0.63 55.50 11.36
N THR G 81 -0.34 54.73 10.84
CA THR G 81 -1.47 55.26 10.09
C THR G 81 -2.65 55.46 11.02
N GLY G 82 -3.27 56.63 10.93
CA GLY G 82 -4.38 56.94 11.82
C GLY G 82 -5.35 57.91 11.19
N LYS G 83 -6.47 58.11 11.89
CA LYS G 83 -7.56 58.96 11.43
C LYS G 83 -7.08 60.35 10.99
N ASP G 84 -6.52 61.12 11.93
CA ASP G 84 -6.03 62.46 11.63
C ASP G 84 -4.68 62.63 12.32
N LYS G 85 -3.62 62.23 11.63
CA LYS G 85 -2.26 62.36 12.12
C LYS G 85 -1.30 62.35 10.94
N SER G 86 -0.25 63.15 11.04
CA SER G 86 0.76 63.17 9.99
C SER G 86 1.59 61.90 10.02
N GLY G 87 1.91 61.39 8.85
CA GLY G 87 2.76 60.22 8.74
C GLY G 87 4.14 60.59 8.24
N ALA G 88 5.15 60.46 9.11
CA ALA G 88 6.52 60.82 8.77
C ALA G 88 7.20 59.59 8.16
N ARG G 89 7.47 59.65 6.86
CA ARG G 89 8.11 58.53 6.15
C ARG G 89 9.61 58.64 6.35
N ASP G 90 10.15 57.82 7.26
CA ASP G 90 11.57 57.83 7.57
C ASP G 90 12.12 56.41 7.52
N VAL G 91 13.39 56.31 7.15
CA VAL G 91 14.09 55.02 7.12
C VAL G 91 14.91 54.88 8.39
N VAL G 92 14.93 53.67 8.95
CA VAL G 92 15.58 53.41 10.22
C VAL G 92 16.85 52.60 9.96
N GLY G 93 17.82 52.76 10.85
CA GLY G 93 19.05 51.98 10.78
C GLY G 93 19.36 51.40 12.14
N LEU G 94 19.99 50.22 12.13
CA LEU G 94 20.30 49.49 13.36
C LEU G 94 21.73 49.01 13.31
N VAL G 95 22.47 49.25 14.39
CA VAL G 95 23.80 48.68 14.58
C VAL G 95 23.80 47.97 15.92
N VAL G 96 24.30 46.73 15.93
CA VAL G 96 24.29 45.89 17.12
C VAL G 96 25.73 45.64 17.52
N ALA G 97 26.07 46.00 18.75
CA ALA G 97 27.41 45.78 19.29
C ALA G 97 27.35 44.63 20.28
N MET G 98 28.02 43.54 19.94
CA MET G 98 28.06 42.36 20.78
C MET G 98 29.34 42.33 21.60
N PRO G 99 29.38 41.55 22.68
CA PRO G 99 30.65 41.34 23.39
C PRO G 99 31.68 40.70 22.47
N ASP G 100 32.93 41.11 22.65
CA ASP G 100 34.04 40.69 21.79
C ASP G 100 33.83 41.16 20.35
N GLY G 101 33.71 42.48 20.18
CA GLY G 101 33.59 43.05 18.85
C GLY G 101 32.31 42.60 18.16
N SER G 102 32.45 42.18 16.89
CA SER G 102 31.34 41.64 16.10
C SER G 102 30.22 42.66 15.96
N LYS G 103 30.50 43.76 15.27
CA LYS G 103 29.46 44.73 14.95
C LYS G 103 28.66 44.28 13.74
N ILE G 104 27.35 44.46 13.80
CA ILE G 104 26.44 44.15 12.70
C ILE G 104 25.60 45.39 12.41
N THR G 105 25.52 45.78 11.16
CA THR G 105 24.86 47.01 10.76
C THR G 105 23.80 46.72 9.70
N CYS G 106 22.61 47.29 9.89
CA CYS G 106 21.52 47.21 8.91
C CYS G 106 21.16 48.62 8.48
N THR G 107 21.04 48.84 7.18
CA THR G 107 20.97 50.20 6.64
C THR G 107 19.55 50.70 6.43
N ASN G 108 18.79 50.07 5.54
CA ASN G 108 17.48 50.60 5.18
C ASN G 108 16.38 49.71 5.74
N GLY G 109 15.46 50.31 6.49
CA GLY G 109 14.43 49.54 7.15
C GLY G 109 13.28 50.41 7.59
N THR G 110 12.31 49.76 8.24
CA THR G 110 11.09 50.44 8.66
C THR G 110 10.43 49.64 9.77
N PRO G 111 9.75 50.30 10.70
CA PRO G 111 8.98 49.56 11.71
C PRO G 111 7.76 48.89 11.09
N ILE G 112 7.40 47.74 11.64
CA ILE G 112 6.27 46.96 11.15
C ILE G 112 5.26 46.65 12.24
N ASP G 113 5.71 46.14 13.39
CA ASP G 113 4.80 45.62 14.39
C ASP G 113 5.02 46.32 15.71
N GLY G 114 4.00 46.30 16.55
CA GLY G 114 4.08 46.87 17.89
C GLY G 114 2.78 46.65 18.62
N VAL G 115 2.76 47.10 19.87
CA VAL G 115 1.57 47.06 20.71
C VAL G 115 1.29 48.47 21.19
N LEU G 116 0.06 48.94 20.97
CA LEU G 116 -0.24 50.37 21.16
C LEU G 116 -0.27 50.74 22.63
N ILE G 117 -0.90 49.92 23.47
CA ILE G 117 -1.06 50.24 24.88
C ILE G 117 -0.54 49.09 25.73
N ASN G 118 -0.17 49.40 26.97
CA ASN G 118 0.32 48.38 27.88
C ASN G 118 -0.82 47.45 28.31
N ALA G 119 -0.47 46.17 28.47
CA ALA G 119 -1.41 45.15 28.89
C ALA G 119 -0.89 44.46 30.14
N VAL G 120 -1.80 44.05 31.02
CA VAL G 120 -1.44 43.38 32.27
C VAL G 120 -1.78 41.90 32.14
N ALA G 121 -0.86 41.05 32.59
CA ALA G 121 -1.05 39.62 32.53
C ALA G 121 -1.88 39.14 33.72
N SER G 122 -2.15 37.83 33.74
CA SER G 122 -2.95 37.25 34.81
C SER G 122 -2.25 37.37 36.17
N VAL G 123 -0.94 37.15 36.20
CA VAL G 123 -0.19 37.21 37.44
C VAL G 123 -0.20 38.60 38.05
N GLY G 124 -0.45 39.63 37.24
CA GLY G 124 -0.48 40.99 37.71
C GLY G 124 0.67 41.87 37.29
N ARG G 125 1.47 41.45 36.32
CA ARG G 125 2.62 42.20 35.84
C ARG G 125 2.35 42.72 34.44
N LEU G 126 3.03 43.82 34.09
CA LEU G 126 2.94 44.38 32.75
C LEU G 126 3.58 43.44 31.74
N LYS G 127 3.03 43.39 30.54
CA LYS G 127 3.55 42.50 29.51
C LYS G 127 4.60 43.21 28.66
N THR G 128 5.40 42.40 27.96
CA THR G 128 6.50 42.92 27.18
C THR G 128 6.02 43.43 25.81
N LYS G 129 6.95 43.97 25.04
CA LYS G 129 6.64 44.65 23.78
C LYS G 129 7.42 44.03 22.64
N PRO G 130 6.76 43.53 21.59
CA PRO G 130 7.49 42.82 20.52
C PRO G 130 8.37 43.70 19.64
N TYR G 131 7.82 44.76 19.03
CA TYR G 131 8.58 45.72 18.22
C TYR G 131 9.40 45.03 17.11
N ARG G 132 8.68 44.55 16.10
CA ARG G 132 9.29 43.90 14.95
C ARG G 132 9.86 44.92 13.96
N PHE G 133 10.87 44.49 13.20
CA PHE G 133 11.52 45.31 12.18
C PHE G 133 11.90 44.45 10.98
N ARG G 134 12.15 45.11 9.86
CA ARG G 134 12.75 44.48 8.68
C ARG G 134 13.74 45.44 8.02
N PHE G 135 14.75 44.89 7.37
CA PHE G 135 15.82 45.67 6.80
C PHE G 135 16.20 45.14 5.42
N GLU G 136 16.91 45.95 4.64
CA GLU G 136 17.25 45.59 3.27
C GLU G 136 18.69 45.10 3.17
N LYS G 137 19.64 45.87 3.67
CA LYS G 137 21.06 45.57 3.52
C LYS G 137 21.68 45.33 4.89
N VAL G 138 22.52 44.31 4.98
CA VAL G 138 23.23 43.97 6.20
C VAL G 138 24.72 43.80 5.87
N ILE G 139 25.57 44.43 6.66
CA ILE G 139 27.02 44.34 6.51
C ILE G 139 27.62 43.93 7.85
N LYS G 140 28.62 43.06 7.81
CA LYS G 140 29.27 42.57 9.01
C LYS G 140 30.70 43.08 9.06
N ALA G 141 31.04 43.78 10.15
CA ALA G 141 32.39 44.29 10.37
C ALA G 141 33.03 43.65 11.59
N GLY G 142 32.71 42.39 11.87
CA GLY G 142 33.18 41.75 13.08
C GLY G 142 34.06 40.54 12.84
N THR G 143 35.00 40.66 11.89
CA THR G 143 35.91 39.56 11.62
C THR G 143 36.74 39.20 12.85
N SER G 144 37.09 40.20 13.65
CA SER G 144 37.87 39.97 14.86
C SER G 144 37.07 39.18 15.89
#